data_5OWV
#
_entry.id   5OWV
#
_cell.length_a   112.590
_cell.length_b   226.058
_cell.length_c   317.892
_cell.angle_alpha   90.00
_cell.angle_beta   90.00
_cell.angle_gamma   90.00
#
_symmetry.space_group_name_H-M   'P 21 21 21'
#
loop_
_entity.id
_entity.type
_entity.pdbx_description
1 polymer 'GTP-binding protein'
2 polymer 'GTP-binding protein'
#
loop_
_entity_poly.entity_id
_entity_poly.type
_entity_poly.pdbx_seq_one_letter_code
_entity_poly.pdbx_strand_id
1 'polypeptide(L)'
;MKELFQKIWQNELQFLNFDAKFQDKSKLDTAECAIILSVNKDNYERYFLLKEFQELCKKIDLRVDIFSMQNAQICILNLF
KSGFISKQDLLKALKILEKISKNTEIFDFILQEKVQSIDQKALFQNDFKELNTINLELQKLSFDENLKSRLQKTLEKFQN
LEFNIAITGVMNAGKSSLLNALLKEDFLGVSNIPETANLTVLSYGKSEEAKIYFWDKKEWQNILESSHFNADLKEFIDKL
DKSVNIEDFIKDKPLIQNIALCELKNFSSAKNKISALIKKIEIKSHLEFLKNNISIVDTPGLDDVVVQREIVTNEYLRES
DFLIHLMNASQSLTQKDADFLVHCLLNSRLSKFLIVLTKADLLSKKDLEEVIVYTKESLKSRLVDLDENLVEKIDFLCVS
AKMASDFYKGLASKESLQKSGMQEFENYLFNELYAGEKSKIALRAYKKELHLELKNILSEYEMQNRLIKENKQGVSEENQ
KLLLELQKQNTLLKEAQDEISNSIAKLKNIDSGIDNLVLLLAKKLKERLIDEFKYLKNNAQKLNLSRILNIVDITTKDGI
NDILREIKFENIKKIEELKTNLSLKYDFLKDDFDNGFEGFKDGISKNIDSIFQSEKFALLRLKIEKLSNLKSDLYELETN
LDTVIFDTFKEFKMSEILNSLNINGAFFEFLNDKLKHYEKNQKSKLESLEKVLQSLKNQDANILNSFEENLEKIEKLKQL
EMGLLNADKLHH
;
A,B
2 'polypeptide(L)'
;GSHMQINLLNDFIKAYENTYSVSFDDSFKGRIQELCKELNEPFMHASYALENELKELVFSLDKNVNIAIIGQFSSGKSSL
LNLILGRDCLPTGVVPVTFKPTFLRYAKEYFLRVEFEDGSDIITNIEKLAFYTDQRNEVKQAKSLHIFAPIPLLEKITLV
DTPGLNANENDTLTTLDELKNIHGAIWLSLIDNAGKKSEEDAIKANLELLGENSICVLNQKDKLSAEELDNVLNYAKSVF
LKYFNELIAISCKEAKDEQSYEKSNFQSLLDFLTQLDTTVLKEKFVKRKILNLCEILEDENQLFVGIFDRLLNQFQSYEK
HLLLAYENFLKEIEILNHQILEQLKSISERISSEIFASVKEKDAYFYKESKGFLKKDLYTRYDYKAPYISSDDAFLAMFY
NSDVMSKEFKKIKNELYKSFEEIKMKLKDFINILEREILLFKAEFSNIQKDHIFQSDKNFSELRAFCNASDEYFLKDFKE
LLFKSILELDLFFEKLNLKAFTNYENATKLSLAFFSRKINESRVLYELDSSEFVLFYPKKSEIYERVLNELNVYEFETLL
INKPILTKIAKNFLEQSQNLIQEKNKFLDLKKAELQKRRAQILNVRESIKEDHH
;
C,D
#
# COMPACT_ATOMS: atom_id res chain seq x y z
N MET A 1 32.34 8.25 4.90
CA MET A 1 31.52 9.45 4.77
C MET A 1 30.13 9.26 5.38
N LYS A 2 29.99 8.23 6.22
CA LYS A 2 28.73 8.07 6.94
C LYS A 2 28.50 9.23 7.90
N GLU A 3 29.57 9.83 8.41
CA GLU A 3 29.40 11.01 9.25
C GLU A 3 28.85 12.18 8.44
N LEU A 4 29.29 12.33 7.20
CA LEU A 4 28.74 13.38 6.34
C LEU A 4 27.24 13.19 6.14
N PHE A 5 26.84 11.98 5.78
CA PHE A 5 25.42 11.72 5.53
C PHE A 5 24.60 11.84 6.81
N GLN A 6 25.20 11.54 7.96
CA GLN A 6 24.56 11.84 9.23
C GLN A 6 24.38 13.35 9.41
N LYS A 7 25.37 14.13 8.97
CA LYS A 7 25.29 15.58 9.08
C LYS A 7 24.16 16.13 8.22
N ILE A 8 24.01 15.62 7.00
CA ILE A 8 23.09 16.20 6.03
C ILE A 8 21.72 15.51 6.00
N TRP A 9 21.59 14.32 6.59
CA TRP A 9 20.32 13.61 6.67
C TRP A 9 20.03 13.22 8.12
N GLN A 10 20.08 14.21 9.01
CA GLN A 10 20.23 14.04 10.46
C GLN A 10 19.46 12.87 11.04
N ASN A 11 18.14 12.85 10.84
CA ASN A 11 17.33 11.74 11.33
C ASN A 11 16.81 10.83 10.24
N GLU A 12 16.65 11.34 9.02
CA GLU A 12 16.07 10.57 7.93
C GLU A 12 17.10 9.70 7.21
N LEU A 13 18.34 9.70 7.66
CA LEU A 13 19.36 8.84 7.05
C LEU A 13 18.94 7.38 7.13
N GLN A 14 19.18 6.65 6.04
CA GLN A 14 18.69 5.29 5.88
C GLN A 14 19.85 4.31 5.95
N PHE A 15 19.51 3.02 6.08
CA PHE A 15 20.53 1.97 6.02
C PHE A 15 20.87 1.73 4.55
N LEU A 16 22.06 2.14 4.15
CA LEU A 16 22.44 2.16 2.75
C LEU A 16 23.89 1.77 2.60
N ASN A 17 24.23 1.32 1.39
CA ASN A 17 25.55 0.77 1.09
C ASN A 17 26.36 1.87 0.41
N PHE A 18 27.43 2.32 1.08
CA PHE A 18 28.28 3.38 0.54
C PHE A 18 29.19 2.81 -0.54
N ASP A 19 28.65 2.73 -1.75
CA ASP A 19 29.48 2.55 -2.95
C ASP A 19 28.66 2.94 -4.16
N ALA A 20 29.34 3.48 -5.17
CA ALA A 20 28.71 3.87 -6.43
C ALA A 20 28.48 2.63 -7.26
N LYS A 21 27.29 2.05 -7.12
CA LYS A 21 26.88 1.02 -8.06
C LYS A 21 26.34 1.62 -9.36
N PHE A 22 26.66 2.90 -9.63
CA PHE A 22 26.39 3.54 -10.91
C PHE A 22 26.68 2.60 -12.06
N GLN A 23 25.73 2.52 -12.98
CA GLN A 23 25.86 1.62 -14.12
C GLN A 23 26.17 2.35 -15.42
N ASP A 24 26.20 3.67 -15.42
CA ASP A 24 26.47 4.42 -16.63
C ASP A 24 27.61 5.42 -16.49
N LYS A 25 27.70 6.11 -15.34
CA LYS A 25 28.70 7.12 -15.02
C LYS A 25 28.49 8.39 -15.85
N SER A 26 27.67 8.29 -16.90
CA SER A 26 27.26 9.42 -17.71
C SER A 26 25.78 9.65 -17.59
N LYS A 27 25.16 9.05 -16.57
CA LYS A 27 23.73 9.16 -16.34
C LYS A 27 23.32 10.62 -16.21
N LEU A 28 24.16 11.43 -15.56
CA LEU A 28 23.84 12.83 -15.34
C LEU A 28 25.11 13.64 -15.41
N ASP A 29 24.96 14.92 -15.78
CA ASP A 29 26.09 15.82 -15.89
C ASP A 29 26.38 16.49 -14.55
N THR A 30 27.35 17.40 -14.54
CA THR A 30 27.87 17.93 -13.29
C THR A 30 26.86 18.83 -12.58
N ALA A 31 26.13 19.66 -13.33
CA ALA A 31 25.10 20.49 -12.70
C ALA A 31 24.01 19.63 -12.08
N GLU A 32 23.60 18.57 -12.77
CA GLU A 32 22.61 17.64 -12.23
C GLU A 32 23.15 16.95 -10.98
N CYS A 33 24.42 16.56 -10.99
CA CYS A 33 25.04 15.99 -9.79
C CYS A 33 24.98 16.97 -8.63
N ALA A 34 25.31 18.24 -8.90
CA ALA A 34 25.27 19.25 -7.84
C ALA A 34 23.86 19.43 -7.31
N ILE A 35 22.86 19.39 -8.18
CA ILE A 35 21.47 19.49 -7.72
C ILE A 35 21.12 18.31 -6.83
N ILE A 36 21.50 17.10 -7.24
CA ILE A 36 21.19 15.91 -6.45
C ILE A 36 21.91 15.97 -5.09
N LEU A 37 23.11 16.56 -5.06
CA LEU A 37 23.82 16.68 -3.79
C LEU A 37 23.19 17.73 -2.89
N SER A 38 22.48 18.70 -3.47
CA SER A 38 21.86 19.78 -2.72
C SER A 38 20.44 19.45 -2.26
N VAL A 39 20.15 18.16 -2.03
CA VAL A 39 18.83 17.72 -1.61
C VAL A 39 18.91 17.40 -0.12
N ASN A 40 19.75 18.18 0.59
CA ASN A 40 19.88 18.13 2.05
C ASN A 40 18.54 17.99 2.75
N LYS A 41 18.51 17.26 3.86
CA LYS A 41 17.27 16.87 4.53
C LYS A 41 16.36 18.04 4.85
N ASP A 42 16.84 19.29 4.77
CA ASP A 42 16.00 20.44 5.06
C ASP A 42 15.29 20.97 3.82
N ASN A 43 15.74 20.60 2.62
CA ASN A 43 15.11 21.02 1.37
C ASN A 43 14.33 19.90 0.70
N TYR A 44 14.36 18.69 1.24
CA TYR A 44 13.98 17.52 0.45
C TYR A 44 12.49 17.48 0.14
N GLU A 45 11.64 17.91 1.07
CA GLU A 45 10.21 17.92 0.78
C GLU A 45 9.89 18.93 -0.33
N ARG A 46 10.47 20.13 -0.24
CA ARG A 46 10.25 21.14 -1.28
C ARG A 46 10.77 20.65 -2.63
N TYR A 47 11.96 20.06 -2.66
CA TYR A 47 12.51 19.54 -3.90
C TYR A 47 11.61 18.46 -4.49
N PHE A 48 11.14 17.54 -3.65
CA PHE A 48 10.29 16.46 -4.16
C PHE A 48 8.95 16.98 -4.66
N LEU A 49 8.47 18.09 -4.10
CA LEU A 49 7.24 18.70 -4.58
C LEU A 49 7.45 19.56 -5.82
N LEU A 50 8.69 19.92 -6.13
CA LEU A 50 8.96 20.78 -7.29
C LEU A 50 8.83 19.97 -8.57
N LYS A 51 7.97 20.43 -9.48
CA LYS A 51 7.78 19.73 -10.74
C LYS A 51 9.08 19.62 -11.50
N GLU A 52 9.87 20.69 -11.54
CA GLU A 52 11.12 20.67 -12.29
C GLU A 52 12.08 19.62 -11.73
N PHE A 53 12.14 19.50 -10.41
CA PHE A 53 13.00 18.49 -9.80
C PHE A 53 12.52 17.08 -10.13
N GLN A 54 11.20 16.88 -10.17
CA GLN A 54 10.68 15.57 -10.57
C GLN A 54 11.05 15.26 -12.00
N GLU A 55 10.92 16.24 -12.90
CA GLU A 55 11.34 16.05 -14.28
C GLU A 55 12.81 15.67 -14.33
N LEU A 56 13.65 16.40 -13.59
CA LEU A 56 15.07 16.11 -13.57
C LEU A 56 15.34 14.68 -13.13
N CYS A 57 14.70 14.24 -12.06
CA CYS A 57 14.94 12.90 -11.54
C CYS A 57 14.43 11.83 -12.49
N LYS A 58 13.34 12.12 -13.22
CA LYS A 58 12.88 11.18 -14.24
C LYS A 58 13.85 11.11 -15.40
N LYS A 59 14.49 12.25 -15.71
CA LYS A 59 15.54 12.27 -16.72
C LYS A 59 16.73 11.41 -16.29
N ILE A 60 17.08 11.46 -14.99
CA ILE A 60 18.22 10.73 -14.47
C ILE A 60 17.90 9.30 -14.10
N ASP A 61 16.62 8.90 -14.19
CA ASP A 61 16.14 7.60 -13.70
C ASP A 61 16.31 7.49 -12.19
N LEU A 62 15.69 8.43 -11.49
CA LEU A 62 15.59 8.43 -10.03
C LEU A 62 14.14 8.38 -9.60
N ARG A 63 13.92 7.98 -8.35
CA ARG A 63 12.66 8.23 -7.68
C ARG A 63 12.77 9.59 -6.99
N VAL A 64 11.73 9.98 -6.26
CA VAL A 64 11.81 11.11 -5.35
C VAL A 64 11.72 10.66 -3.89
N ASP A 65 12.02 9.39 -3.63
CA ASP A 65 12.05 8.92 -2.26
C ASP A 65 13.35 9.32 -1.58
N ILE A 66 13.35 9.24 -0.24
CA ILE A 66 14.52 9.61 0.53
C ILE A 66 15.67 8.64 0.23
N PHE A 67 15.37 7.35 0.22
CA PHE A 67 16.41 6.33 0.11
C PHE A 67 17.15 6.45 -1.22
N SER A 68 16.41 6.57 -2.32
CA SER A 68 17.05 6.68 -3.63
C SER A 68 17.85 7.95 -3.76
N MET A 69 17.37 9.07 -3.18
CA MET A 69 18.14 10.30 -3.18
C MET A 69 19.47 10.10 -2.48
N GLN A 70 19.45 9.51 -1.28
CA GLN A 70 20.69 9.31 -0.55
C GLN A 70 21.63 8.35 -1.29
N ASN A 71 21.08 7.29 -1.86
CA ASN A 71 21.88 6.34 -2.63
C ASN A 71 22.52 7.02 -3.83
N ALA A 72 21.76 7.86 -4.53
CA ALA A 72 22.31 8.61 -5.65
C ALA A 72 23.42 9.55 -5.20
N GLN A 73 23.23 10.20 -4.04
CA GLN A 73 24.29 11.06 -3.51
C GLN A 73 25.56 10.27 -3.23
N ILE A 74 25.40 9.09 -2.61
CA ILE A 74 26.53 8.19 -2.38
C ILE A 74 27.25 7.89 -3.69
N CYS A 75 26.49 7.50 -4.71
CA CYS A 75 27.08 7.11 -5.99
C CYS A 75 27.77 8.30 -6.66
N ILE A 76 27.17 9.48 -6.56
CA ILE A 76 27.78 10.69 -7.10
C ILE A 76 29.11 10.96 -6.43
N LEU A 77 29.16 10.85 -5.11
CA LEU A 77 30.41 11.13 -4.39
C LEU A 77 31.48 10.10 -4.71
N ASN A 78 31.10 8.83 -4.82
CA ASN A 78 32.08 7.80 -5.14
C ASN A 78 32.59 7.92 -6.56
N LEU A 79 31.74 8.36 -7.50
CA LEU A 79 32.23 8.71 -8.82
C LEU A 79 33.16 9.91 -8.76
N PHE A 80 32.81 10.90 -7.93
CA PHE A 80 33.67 12.05 -7.71
C PHE A 80 35.05 11.62 -7.24
N LYS A 81 35.11 10.56 -6.43
CA LYS A 81 36.40 10.00 -6.05
C LYS A 81 36.97 9.14 -7.17
N SER A 82 36.29 8.03 -7.50
CA SER A 82 36.95 6.94 -8.23
C SER A 82 37.08 7.24 -9.73
N GLY A 83 35.94 7.31 -10.43
CA GLY A 83 35.99 7.68 -11.84
C GLY A 83 36.35 9.13 -12.07
N PHE A 84 36.29 9.95 -11.02
CA PHE A 84 36.78 11.32 -10.98
C PHE A 84 36.26 12.13 -12.17
N ILE A 85 34.94 12.32 -12.16
CA ILE A 85 34.32 13.12 -13.22
C ILE A 85 34.28 14.61 -12.86
N SER A 86 34.15 14.94 -11.58
CA SER A 86 33.98 16.31 -11.16
C SER A 86 35.32 16.96 -10.85
N LYS A 87 35.32 18.29 -10.90
CA LYS A 87 36.48 19.13 -10.61
C LYS A 87 36.08 20.10 -9.51
N GLN A 88 36.85 21.16 -9.32
CA GLN A 88 36.33 22.29 -8.57
C GLN A 88 35.10 22.91 -9.24
N ASP A 89 34.80 22.54 -10.50
CA ASP A 89 33.61 23.05 -11.16
C ASP A 89 32.34 22.51 -10.51
N LEU A 90 32.36 21.28 -10.00
CA LEU A 90 31.24 20.78 -9.22
C LEU A 90 31.02 21.66 -7.98
N LEU A 91 32.11 22.10 -7.36
CA LEU A 91 32.01 23.04 -6.24
C LEU A 91 31.48 24.39 -6.70
N LYS A 92 31.86 24.82 -7.90
CA LYS A 92 31.27 26.00 -8.52
C LYS A 92 29.76 25.87 -8.60
N ALA A 93 29.29 24.72 -9.10
CA ALA A 93 27.86 24.50 -9.29
C ALA A 93 27.14 24.50 -7.95
N LEU A 94 27.74 23.90 -6.92
CA LEU A 94 27.12 23.94 -5.59
C LEU A 94 27.08 25.36 -5.03
N LYS A 95 28.14 26.14 -5.26
CA LYS A 95 28.12 27.55 -4.85
C LYS A 95 27.02 28.31 -5.58
N ILE A 96 26.80 27.99 -6.85
CA ILE A 96 25.71 28.59 -7.62
C ILE A 96 24.36 28.22 -7.01
N LEU A 97 24.19 26.93 -6.70
CA LEU A 97 22.94 26.44 -6.12
C LEU A 97 22.71 26.98 -4.71
N GLU A 98 23.77 27.48 -4.06
CA GLU A 98 23.60 28.08 -2.73
C GLU A 98 22.60 29.22 -2.70
N LYS A 99 22.15 29.71 -3.86
CA LYS A 99 20.98 30.59 -3.90
C LYS A 99 19.81 29.95 -3.16
N ILE A 100 19.56 28.67 -3.41
CA ILE A 100 18.51 27.90 -2.75
C ILE A 100 19.05 27.23 -1.49
N SER A 101 20.00 26.32 -1.68
CA SER A 101 20.43 25.38 -0.64
C SER A 101 21.80 25.79 -0.14
N LYS A 102 21.86 26.25 1.12
CA LYS A 102 23.12 26.60 1.77
C LYS A 102 23.82 25.32 2.24
N ASN A 103 24.19 24.50 1.26
CA ASN A 103 24.79 23.19 1.53
C ASN A 103 26.30 23.36 1.65
N THR A 104 26.72 23.77 2.85
CA THR A 104 28.14 23.96 3.13
C THR A 104 28.85 22.63 3.39
N GLU A 105 28.13 21.64 3.92
CA GLU A 105 28.78 20.40 4.35
C GLU A 105 29.33 19.61 3.16
N ILE A 106 28.47 19.32 2.18
CA ILE A 106 28.92 18.59 1.01
C ILE A 106 29.93 19.40 0.23
N PHE A 107 29.77 20.73 0.24
CA PHE A 107 30.72 21.64 -0.38
C PHE A 107 32.12 21.42 0.20
N ASP A 108 32.23 21.46 1.53
CA ASP A 108 33.52 21.28 2.18
C ASP A 108 34.06 19.87 1.98
N PHE A 109 33.19 18.86 2.04
CA PHE A 109 33.64 17.48 1.84
C PHE A 109 34.25 17.31 0.45
N ILE A 110 33.60 17.85 -0.57
CA ILE A 110 34.12 17.77 -1.93
C ILE A 110 35.42 18.56 -2.03
N LEU A 111 35.49 19.70 -1.36
CA LEU A 111 36.74 20.47 -1.35
C LEU A 111 37.87 19.67 -0.71
N GLN A 112 37.70 19.30 0.55
CA GLN A 112 38.76 18.62 1.32
C GLN A 112 38.58 17.11 1.19
N GLU A 113 39.14 16.56 0.10
CA GLU A 113 39.02 15.14 -0.18
C GLU A 113 40.12 14.74 -1.16
N LYS A 114 40.91 13.73 -0.80
CA LYS A 114 41.89 13.18 -1.73
C LYS A 114 41.20 12.75 -3.00
N VAL A 115 41.57 13.35 -4.13
CA VAL A 115 40.67 13.32 -5.27
C VAL A 115 40.74 11.97 -5.98
N GLN A 116 41.77 11.75 -6.82
CA GLN A 116 42.22 10.45 -7.31
C GLN A 116 43.25 10.63 -8.41
N SER A 117 43.83 9.53 -8.91
CA SER A 117 44.48 9.53 -10.21
C SER A 117 43.56 10.11 -11.27
N ILE A 118 44.13 10.86 -12.20
CA ILE A 118 43.35 11.68 -13.13
C ILE A 118 43.26 11.01 -14.49
N ASP A 119 44.42 10.70 -15.10
CA ASP A 119 44.59 9.71 -16.16
C ASP A 119 44.00 10.09 -17.53
N GLN A 120 43.72 11.37 -17.80
CA GLN A 120 42.80 11.71 -18.89
C GLN A 120 43.30 11.23 -20.24
N LYS A 121 44.44 11.75 -20.70
CA LYS A 121 44.80 11.57 -22.11
C LYS A 121 45.17 10.13 -22.44
N ALA A 122 45.71 9.39 -21.46
CA ALA A 122 45.93 7.97 -21.67
C ALA A 122 44.62 7.25 -21.93
N LEU A 123 43.58 7.59 -21.15
CA LEU A 123 42.26 7.01 -21.38
C LEU A 123 41.71 7.42 -22.73
N PHE A 124 41.94 8.67 -23.13
CA PHE A 124 41.51 9.12 -24.45
C PHE A 124 42.13 8.27 -25.55
N GLN A 125 43.45 8.08 -25.49
CA GLN A 125 44.14 7.29 -26.50
C GLN A 125 43.67 5.84 -26.48
N ASN A 126 43.42 5.29 -25.28
CA ASN A 126 42.92 3.93 -25.17
C ASN A 126 41.56 3.79 -25.85
N ASP A 127 40.63 4.69 -25.55
CA ASP A 127 39.30 4.61 -26.16
C ASP A 127 39.37 4.82 -27.67
N PHE A 128 40.21 5.75 -28.11
CA PHE A 128 40.30 6.02 -29.55
C PHE A 128 40.86 4.82 -30.30
N LYS A 129 41.85 4.14 -29.72
CA LYS A 129 42.38 2.95 -30.40
C LYS A 129 41.45 1.75 -30.27
N GLU A 130 40.64 1.69 -29.21
CA GLU A 130 39.52 0.76 -29.19
C GLU A 130 38.61 0.96 -30.39
N LEU A 131 38.21 2.22 -30.63
CA LEU A 131 37.34 2.51 -31.75
C LEU A 131 38.03 2.22 -33.08
N ASN A 132 39.33 2.45 -33.16
CA ASN A 132 40.08 2.10 -34.38
C ASN A 132 40.06 0.60 -34.62
N THR A 133 40.24 -0.20 -33.56
CA THR A 133 40.17 -1.65 -33.70
C THR A 133 38.77 -2.09 -34.15
N ILE A 134 37.73 -1.47 -33.60
CA ILE A 134 36.37 -1.79 -34.02
C ILE A 134 36.16 -1.45 -35.49
N ASN A 135 36.70 -0.31 -35.92
CA ASN A 135 36.61 0.07 -37.34
C ASN A 135 37.32 -0.95 -38.22
N LEU A 136 38.50 -1.41 -37.80
CA LEU A 136 39.22 -2.42 -38.58
C LEU A 136 38.42 -3.72 -38.66
N GLU A 137 37.85 -4.15 -37.54
CA GLU A 137 37.04 -5.37 -37.54
C GLU A 137 35.83 -5.23 -38.46
N LEU A 138 35.18 -4.06 -38.45
CA LEU A 138 34.08 -3.84 -39.37
C LEU A 138 34.55 -3.87 -40.82
N GLN A 139 35.73 -3.31 -41.10
CA GLN A 139 36.28 -3.37 -42.45
C GLN A 139 36.54 -4.81 -42.88
N LYS A 140 36.91 -5.68 -41.95
CA LYS A 140 37.20 -7.07 -42.30
C LYS A 140 35.97 -7.78 -42.85
N LEU A 141 34.78 -7.39 -42.40
CA LEU A 141 33.55 -8.02 -42.87
C LEU A 141 32.35 -7.09 -42.71
N ASP A 144 29.86 -4.67 -49.62
CA ASP A 144 30.79 -4.54 -48.50
C ASP A 144 31.91 -3.56 -48.82
N GLU A 145 32.26 -3.46 -50.10
CA GLU A 145 33.34 -2.57 -50.51
C GLU A 145 32.99 -1.11 -50.22
N ASN A 146 31.75 -0.71 -50.51
CA ASN A 146 31.31 0.64 -50.16
C ASN A 146 31.43 0.89 -48.67
N LEU A 147 30.98 -0.08 -47.86
CA LEU A 147 31.06 0.07 -46.41
C LEU A 147 32.52 0.19 -45.94
N LYS A 148 33.41 -0.60 -46.53
CA LYS A 148 34.82 -0.52 -46.14
C LYS A 148 35.41 0.83 -46.50
N SER A 149 35.07 1.36 -47.68
CA SER A 149 35.55 2.68 -48.06
C SER A 149 35.00 3.76 -47.12
N ARG A 150 33.73 3.64 -46.74
CA ARG A 150 33.15 4.58 -45.78
C ARG A 150 33.89 4.53 -44.44
N LEU A 151 34.18 3.32 -43.97
CA LEU A 151 34.91 3.18 -42.70
C LEU A 151 36.31 3.77 -42.79
N GLN A 152 36.99 3.52 -43.92
CA GLN A 152 38.32 4.08 -44.13
C GLN A 152 38.29 5.60 -44.12
N LYS A 153 37.30 6.19 -44.80
CA LYS A 153 37.20 7.64 -44.83
C LYS A 153 36.88 8.22 -43.45
N THR A 154 36.03 7.52 -42.69
CA THR A 154 35.74 7.96 -41.32
C THR A 154 37.00 7.93 -40.47
N LEU A 155 37.79 6.85 -40.57
CA LEU A 155 39.02 6.76 -39.80
C LEU A 155 40.02 7.85 -40.22
N GLU A 156 40.10 8.13 -41.53
CA GLU A 156 40.96 9.21 -41.99
C GLU A 156 40.52 10.55 -41.43
N LYS A 157 39.21 10.78 -41.35
CA LYS A 157 38.72 12.04 -40.80
C LYS A 157 39.07 12.16 -39.31
N PHE A 158 38.84 11.10 -38.55
CA PHE A 158 39.08 11.16 -37.11
C PHE A 158 40.54 11.09 -36.73
N GLN A 159 41.41 10.69 -37.65
CA GLN A 159 42.85 10.63 -37.37
C GLN A 159 43.48 12.00 -37.61
N ASN A 160 44.14 12.54 -36.58
CA ASN A 160 44.97 13.74 -36.69
C ASN A 160 44.15 14.94 -37.19
N LEU A 161 43.22 15.38 -36.35
CA LEU A 161 42.16 16.29 -36.78
C LEU A 161 42.05 17.54 -35.91
N GLU A 162 42.72 18.62 -36.34
CA GLU A 162 42.21 19.99 -36.29
C GLU A 162 41.61 20.35 -34.93
N PHE A 163 42.49 20.53 -33.95
CA PHE A 163 42.13 21.25 -32.73
C PHE A 163 42.70 22.67 -32.83
N ASN A 164 41.82 23.65 -32.94
CA ASN A 164 42.18 25.05 -33.11
C ASN A 164 42.03 25.82 -31.80
N ILE A 165 43.11 26.47 -31.39
CA ILE A 165 43.11 27.40 -30.28
C ILE A 165 43.18 28.81 -30.84
N ALA A 166 42.08 29.55 -30.76
CA ALA A 166 42.15 30.98 -30.95
C ALA A 166 42.67 31.62 -29.66
N ILE A 167 43.50 32.64 -29.81
CA ILE A 167 44.05 33.36 -28.68
C ILE A 167 43.99 34.85 -28.99
N THR A 168 43.57 35.63 -28.00
CA THR A 168 43.27 37.04 -28.21
C THR A 168 43.66 37.83 -26.96
N GLY A 169 43.46 39.14 -27.04
CA GLY A 169 43.74 40.03 -25.94
C GLY A 169 44.18 41.38 -26.44
N VAL A 170 44.15 42.37 -25.52
CA VAL A 170 44.62 43.70 -25.86
C VAL A 170 46.13 43.62 -26.12
N MET A 171 46.65 44.62 -26.83
CA MET A 171 48.00 44.52 -27.38
C MET A 171 49.07 44.60 -26.31
N ASN A 172 48.96 45.57 -25.41
CA ASN A 172 49.98 45.72 -24.36
C ASN A 172 50.01 44.53 -23.42
N ALA A 173 48.88 43.83 -23.27
CA ALA A 173 48.88 42.59 -22.51
C ALA A 173 49.90 41.61 -23.09
N GLY A 174 49.98 41.52 -24.42
CA GLY A 174 51.03 40.76 -25.06
C GLY A 174 50.71 39.30 -25.25
N LYS A 175 50.83 38.82 -26.49
CA LYS A 175 50.51 37.44 -26.83
C LYS A 175 51.64 36.71 -27.52
N SER A 176 52.47 37.42 -28.30
CA SER A 176 53.59 36.77 -28.97
C SER A 176 54.61 36.23 -27.97
N SER A 177 54.82 36.98 -26.88
CA SER A 177 55.74 36.51 -25.84
C SER A 177 55.23 35.23 -25.18
N LEU A 178 53.93 35.17 -24.90
CA LEU A 178 53.37 33.96 -24.32
C LEU A 178 53.41 32.79 -25.30
N LEU A 179 53.16 33.07 -26.58
CA LEU A 179 53.20 32.01 -27.58
C LEU A 179 54.61 31.43 -27.73
N ASN A 180 55.62 32.29 -27.76
CA ASN A 180 56.99 31.81 -27.82
C ASN A 180 57.29 30.88 -26.64
N ALA A 181 56.86 31.25 -25.44
CA ALA A 181 57.15 30.43 -24.27
C ALA A 181 56.36 29.13 -24.28
N LEU A 182 55.15 29.13 -24.85
CA LEU A 182 54.41 27.89 -24.98
C LEU A 182 55.09 26.93 -25.96
N LEU A 183 55.60 27.47 -27.07
CA LEU A 183 56.32 26.65 -28.04
C LEU A 183 57.72 26.28 -27.56
N LYS A 184 58.23 26.93 -26.52
CA LYS A 184 59.53 26.65 -25.93
C LYS A 184 60.67 26.92 -26.91
N GLU A 185 60.53 28.02 -27.65
CA GLU A 185 61.60 28.62 -28.44
C GLU A 185 61.04 29.95 -28.97
N ASP A 186 61.88 30.67 -29.72
CA ASP A 186 61.46 31.94 -30.29
C ASP A 186 60.62 31.73 -31.54
N PHE A 187 59.75 32.70 -31.80
CA PHE A 187 59.07 32.83 -33.08
C PHE A 187 58.81 34.31 -33.33
N LEU A 188 58.05 34.61 -34.37
CA LEU A 188 57.90 35.96 -34.89
C LEU A 188 57.52 36.96 -33.80
N GLY A 189 58.42 37.90 -33.50
CA GLY A 189 58.09 39.02 -32.63
C GLY A 189 58.41 38.87 -31.16
N VAL A 190 59.31 39.72 -30.66
CA VAL A 190 59.48 39.94 -29.24
C VAL A 190 59.56 41.42 -28.91
N GLU A 195 52.47 50.66 -33.43
CA GLU A 195 51.80 50.43 -34.69
C GLU A 195 51.58 48.93 -34.88
N THR A 196 50.46 48.56 -35.52
CA THR A 196 50.09 47.16 -35.47
C THR A 196 48.97 46.71 -36.41
N ALA A 197 49.20 45.59 -37.11
CA ALA A 197 48.50 44.34 -36.83
C ALA A 197 48.59 43.35 -37.99
N ASN A 198 48.41 42.06 -37.70
CA ASN A 198 48.07 41.03 -38.70
C ASN A 198 47.81 39.70 -37.99
N LEU A 199 46.89 38.92 -38.54
CA LEU A 199 46.61 37.60 -37.99
C LEU A 199 47.79 36.66 -38.21
N THR A 200 47.97 35.73 -37.28
CA THR A 200 49.07 34.76 -37.37
C THR A 200 48.53 33.36 -37.10
N VAL A 201 48.75 32.46 -38.04
CA VAL A 201 48.25 31.09 -37.95
C VAL A 201 49.44 30.15 -37.84
N LEU A 202 49.68 29.60 -36.65
CA LEU A 202 50.70 28.58 -36.46
C LEU A 202 50.06 27.23 -36.71
N SER A 203 50.37 26.62 -37.85
CA SER A 203 49.92 25.29 -38.21
C SER A 203 51.10 24.33 -38.21
N TYR A 204 50.82 23.05 -38.40
CA TYR A 204 51.85 22.04 -38.51
C TYR A 204 51.90 21.54 -39.96
N GLY A 205 53.09 21.54 -40.54
CA GLY A 205 53.22 21.16 -41.93
C GLY A 205 54.63 20.70 -42.25
N LYS A 206 54.73 19.96 -43.36
CA LYS A 206 56.02 19.44 -43.79
C LYS A 206 56.98 20.56 -44.17
N SER A 207 56.55 21.44 -45.07
CA SER A 207 57.35 22.61 -45.41
C SER A 207 57.28 23.62 -44.27
N GLU A 208 58.31 24.46 -44.19
CA GLU A 208 58.41 25.47 -43.13
C GLU A 208 58.08 26.86 -43.66
N GLU A 209 57.04 26.92 -44.49
CA GLU A 209 56.57 28.14 -45.12
C GLU A 209 56.21 29.21 -44.10
N ALA A 210 56.00 30.42 -44.61
CA ALA A 210 55.46 31.53 -43.85
C ALA A 210 54.51 32.35 -44.73
N LYS A 211 53.60 31.67 -45.42
CA LYS A 211 52.70 32.29 -46.39
C LYS A 211 52.06 33.57 -45.85
N ILE A 212 52.05 34.62 -46.68
CA ILE A 212 51.61 35.95 -46.28
C ILE A 212 50.49 36.41 -47.19
N TYR A 213 49.51 37.10 -46.61
CA TYR A 213 48.39 37.67 -47.35
C TYR A 213 48.28 39.17 -47.08
N PHE A 214 48.15 39.95 -48.14
CA PHE A 214 47.86 41.38 -48.05
C PHE A 214 46.38 41.63 -48.32
N TRP A 215 45.96 42.87 -48.07
CA TRP A 215 44.58 43.26 -48.32
C TRP A 215 44.25 43.16 -49.80
N ASP A 216 42.96 43.04 -50.09
CA ASP A 216 42.48 43.15 -51.46
C ASP A 216 42.27 44.62 -51.80
N LYS A 217 41.93 44.88 -53.06
CA LYS A 217 41.55 46.23 -53.46
C LYS A 217 40.34 46.69 -52.65
N LYS A 218 39.35 45.82 -52.48
CA LYS A 218 38.13 46.20 -51.79
C LYS A 218 38.32 46.29 -50.28
N GLU A 219 39.17 45.44 -49.70
CA GLU A 219 39.47 45.57 -48.28
C GLU A 219 40.17 46.89 -47.98
N TRP A 220 41.10 47.29 -48.85
CA TRP A 220 41.74 48.60 -48.68
C TRP A 220 40.76 49.73 -48.92
N GLN A 221 39.81 49.55 -49.85
CA GLN A 221 38.78 50.56 -50.03
C GLN A 221 37.93 50.71 -48.77
N ASN A 222 37.61 49.58 -48.12
CA ASN A 222 36.88 49.65 -46.86
C ASN A 222 37.69 50.38 -45.80
N ILE A 223 38.99 50.10 -45.73
CA ILE A 223 39.82 50.76 -44.73
C ILE A 223 39.87 52.26 -44.97
N LEU A 224 40.01 52.68 -46.24
CA LEU A 224 40.05 54.10 -46.52
C LEU A 224 38.70 54.77 -46.24
N GLU A 225 37.60 54.04 -46.48
CA GLU A 225 36.29 54.58 -46.13
C GLU A 225 36.18 54.81 -44.63
N SER A 226 36.62 53.83 -43.83
CA SER A 226 36.52 53.97 -42.38
C SER A 226 37.47 55.02 -41.85
N SER A 227 38.58 55.28 -42.55
CA SER A 227 39.50 56.34 -42.13
C SER A 227 38.79 57.69 -41.99
N HIS A 228 37.77 57.93 -42.81
CA HIS A 228 37.01 59.17 -42.70
C HIS A 228 36.42 59.34 -41.30
N PHE A 229 36.06 58.24 -40.65
CA PHE A 229 35.33 58.27 -39.39
C PHE A 229 36.21 58.03 -38.17
N ASN A 230 37.22 57.15 -38.30
CA ASN A 230 38.04 56.81 -37.14
C ASN A 230 38.89 58.00 -36.70
N ALA A 231 39.58 58.63 -37.63
CA ALA A 231 40.38 59.86 -37.51
C ALA A 231 41.70 59.64 -36.78
N ASP A 232 41.94 58.47 -36.18
CA ASP A 232 43.28 58.06 -35.82
C ASP A 232 43.84 57.08 -36.84
N LEU A 233 42.98 56.16 -37.31
CA LEU A 233 43.32 55.37 -38.49
C LEU A 233 43.61 56.26 -39.69
N LYS A 234 42.91 57.39 -39.80
CA LYS A 234 43.18 58.31 -40.90
C LYS A 234 44.58 58.91 -40.78
N GLU A 235 44.98 59.30 -39.56
CA GLU A 235 46.32 59.83 -39.36
C GLU A 235 47.38 58.77 -39.67
N PHE A 236 47.18 57.55 -39.16
CA PHE A 236 48.13 56.49 -39.46
C PHE A 236 48.17 56.14 -40.95
N ILE A 237 47.03 56.26 -41.64
CA ILE A 237 47.01 55.93 -43.05
C ILE A 237 47.71 57.03 -43.84
N ASP A 238 47.63 58.28 -43.37
CA ASP A 238 48.40 59.36 -43.95
C ASP A 238 49.90 59.10 -43.77
N LYS A 239 50.30 58.65 -42.58
CA LYS A 239 51.71 58.33 -42.37
C LYS A 239 52.14 57.14 -43.23
N LEU A 240 51.27 56.15 -43.40
CA LEU A 240 51.63 54.94 -44.13
C LEU A 240 51.76 55.20 -45.61
N ASP A 241 50.80 55.91 -46.21
CA ASP A 241 50.80 56.08 -47.66
C ASP A 241 51.99 56.87 -48.17
N LYS A 242 52.86 57.38 -47.29
CA LYS A 242 54.09 58.01 -47.75
C LYS A 242 55.05 56.98 -48.34
N SER A 243 55.11 55.79 -47.73
CA SER A 243 55.87 54.67 -48.26
C SER A 243 54.89 53.85 -49.09
N VAL A 244 54.81 54.16 -50.39
CA VAL A 244 53.70 53.67 -51.21
C VAL A 244 54.12 52.30 -51.73
N ASN A 245 53.90 51.29 -50.90
CA ASN A 245 53.82 49.92 -51.39
C ASN A 245 52.45 49.61 -51.97
N ILE A 246 51.51 50.55 -51.81
CA ILE A 246 50.18 50.41 -52.41
C ILE A 246 50.30 50.09 -53.89
N GLU A 247 51.20 50.79 -54.57
CA GLU A 247 51.38 50.63 -56.00
C GLU A 247 52.15 49.36 -56.35
N PRO A 254 49.53 44.20 -52.89
CA PRO A 254 48.58 45.10 -52.23
C PRO A 254 47.56 45.70 -53.20
N LEU A 255 47.09 44.86 -54.12
CA LEU A 255 46.22 45.29 -55.21
C LEU A 255 45.28 44.13 -55.52
N ILE A 256 44.75 44.13 -56.75
CA ILE A 256 43.40 43.66 -57.07
C ILE A 256 42.99 42.36 -56.38
N GLN A 257 43.69 41.26 -56.62
CA GLN A 257 43.23 39.98 -56.08
C GLN A 257 44.25 39.26 -55.21
N ASN A 258 45.42 38.94 -55.73
CA ASN A 258 46.23 37.85 -55.18
C ASN A 258 47.60 38.35 -54.78
N ILE A 259 47.87 38.35 -53.48
CA ILE A 259 49.20 38.58 -52.94
C ILE A 259 49.46 37.43 -51.97
N ALA A 260 50.15 36.40 -52.45
CA ALA A 260 50.47 35.22 -51.63
C ALA A 260 51.98 35.04 -51.66
N LEU A 261 52.68 35.76 -50.80
CA LEU A 261 54.09 35.50 -50.57
C LEU A 261 54.24 34.16 -49.88
N CYS A 262 55.01 33.26 -50.49
CA CYS A 262 55.02 31.87 -50.03
C CYS A 262 56.02 31.61 -48.92
N GLU A 263 57.11 32.37 -48.85
CA GLU A 263 58.15 32.04 -47.88
C GLU A 263 58.89 33.31 -47.46
N LEU A 264 59.46 33.23 -46.26
CA LEU A 264 60.31 34.24 -45.64
C LEU A 264 60.94 33.66 -44.37
N LYS A 265 62.07 34.23 -43.99
CA LYS A 265 62.71 33.90 -42.72
C LYS A 265 62.39 35.00 -41.70
N ASN A 266 61.09 35.13 -41.45
CA ASN A 266 60.52 35.99 -40.41
C ASN A 266 61.15 37.39 -40.45
N PHE A 267 61.13 38.00 -41.63
CA PHE A 267 61.66 39.36 -41.76
C PHE A 267 60.83 40.32 -40.92
N SER A 268 61.53 41.12 -40.12
CA SER A 268 60.89 42.14 -39.31
C SER A 268 60.91 43.51 -39.99
N SER A 269 61.18 43.55 -41.29
CA SER A 269 61.01 44.79 -42.03
C SER A 269 59.54 45.17 -42.12
N ALA A 270 58.64 44.19 -42.07
CA ALA A 270 57.21 44.48 -42.05
C ALA A 270 56.83 45.28 -40.81
N LYS A 271 57.57 45.11 -39.71
CA LYS A 271 57.38 45.94 -38.53
C LYS A 271 57.57 47.42 -38.85
N ASN A 272 58.29 47.72 -39.93
CA ASN A 272 58.43 49.09 -40.43
C ASN A 272 57.23 49.46 -41.32
N LYS A 273 56.04 49.34 -40.75
CA LYS A 273 54.76 49.88 -41.24
C LYS A 273 54.16 49.10 -42.41
N ILE A 274 54.78 48.03 -42.88
CA ILE A 274 54.17 47.28 -43.98
C ILE A 274 53.11 46.30 -43.45
N SER A 275 53.22 45.88 -42.20
CA SER A 275 52.22 44.96 -41.64
C SER A 275 50.82 45.55 -41.71
N ALA A 276 50.69 46.87 -41.75
CA ALA A 276 49.38 47.49 -41.96
C ALA A 276 48.76 47.06 -43.28
N LEU A 277 49.57 46.72 -44.27
CA LEU A 277 49.07 46.19 -45.53
C LEU A 277 48.91 44.68 -45.50
N ILE A 278 49.51 44.01 -44.53
CA ILE A 278 49.36 42.57 -44.34
C ILE A 278 48.14 42.33 -43.45
N LYS A 279 47.40 41.28 -43.74
CA LYS A 279 46.25 40.90 -42.94
C LYS A 279 46.38 39.52 -42.31
N LYS A 280 47.13 38.62 -42.94
CA LYS A 280 47.04 37.20 -42.64
C LYS A 280 48.38 36.53 -42.95
N ILE A 281 49.03 36.01 -41.93
CA ILE A 281 50.32 35.33 -42.07
C ILE A 281 50.13 33.88 -41.63
N GLU A 282 50.35 32.95 -42.56
CA GLU A 282 49.97 31.55 -42.40
C GLU A 282 51.23 30.69 -42.33
N ILE A 283 51.75 30.51 -41.10
CA ILE A 283 52.97 29.76 -40.85
C ILE A 283 52.64 28.27 -40.77
N LYS A 284 53.53 27.45 -41.34
CA LYS A 284 53.44 25.99 -41.27
C LYS A 284 54.74 25.49 -40.65
N SER A 285 54.76 25.38 -39.32
CA SER A 285 55.99 25.12 -38.58
C SER A 285 56.07 23.66 -38.12
N HIS A 286 57.25 23.30 -37.61
CA HIS A 286 57.49 22.03 -36.94
C HIS A 286 57.80 22.31 -35.47
N LEU A 287 56.80 22.11 -34.63
CA LEU A 287 56.95 22.21 -33.18
C LEU A 287 56.14 21.08 -32.57
N GLU A 288 56.74 20.39 -31.58
CA GLU A 288 56.06 19.23 -30.98
C GLU A 288 54.64 19.57 -30.54
N PHE A 289 54.45 20.77 -29.99
CA PHE A 289 53.13 21.26 -29.64
C PHE A 289 52.17 21.15 -30.83
N LEU A 290 52.56 21.73 -31.97
CA LEU A 290 51.75 21.60 -33.17
C LEU A 290 51.92 20.23 -33.82
N LYS A 291 53.04 19.54 -33.56
CA LYS A 291 53.21 18.17 -34.03
C LYS A 291 52.06 17.27 -33.55
N ASN A 292 51.45 17.61 -32.41
CA ASN A 292 50.28 16.86 -31.94
C ASN A 292 48.98 17.27 -32.65
N ASN A 293 49.08 17.84 -33.85
CA ASN A 293 47.91 18.28 -34.62
C ASN A 293 47.11 19.34 -33.87
N ILE A 294 47.82 20.31 -33.30
CA ILE A 294 47.21 21.50 -32.75
C ILE A 294 47.48 22.64 -33.73
N SER A 295 46.61 23.65 -33.70
CA SER A 295 46.82 24.82 -34.55
C SER A 295 46.38 26.07 -33.80
N ILE A 296 47.22 27.09 -33.80
CA ILE A 296 46.99 28.30 -33.01
C ILE A 296 46.68 29.47 -33.94
N VAL A 297 45.80 30.36 -33.49
CA VAL A 297 45.42 31.56 -34.23
C VAL A 297 45.63 32.76 -33.30
N ASP A 298 46.72 33.49 -33.52
CA ASP A 298 46.98 34.75 -32.84
C ASP A 298 46.30 35.89 -33.57
N THR A 299 45.64 36.77 -32.80
CA THR A 299 44.71 37.76 -33.31
C THR A 299 45.08 39.17 -32.87
N PRO A 300 44.93 40.16 -33.75
CA PRO A 300 45.15 41.56 -33.38
C PRO A 300 44.21 42.03 -32.29
N GLY A 301 44.66 43.07 -31.58
CA GLY A 301 43.89 43.66 -30.50
C GLY A 301 43.17 44.96 -30.77
N LEU A 302 43.85 45.96 -31.36
CA LEU A 302 43.38 47.32 -31.15
C LEU A 302 43.18 48.23 -32.37
N ASP A 303 43.92 48.07 -33.47
CA ASP A 303 43.77 49.08 -34.52
C ASP A 303 43.89 48.45 -35.91
N ASP A 304 43.79 49.33 -36.91
CA ASP A 304 43.38 48.97 -38.27
C ASP A 304 42.13 48.09 -38.15
N VAL A 305 41.12 48.67 -37.53
CA VAL A 305 39.93 47.92 -37.13
C VAL A 305 39.19 47.40 -38.34
N VAL A 306 39.12 48.21 -39.40
CA VAL A 306 38.09 48.14 -40.44
C VAL A 306 37.76 46.73 -40.88
N VAL A 307 38.79 46.01 -41.34
CA VAL A 307 38.60 44.65 -41.81
C VAL A 307 39.47 43.65 -41.07
N GLN A 308 40.53 44.10 -40.39
CA GLN A 308 41.30 43.18 -39.56
C GLN A 308 40.48 42.70 -38.37
N ARG A 309 39.61 43.55 -37.81
CA ARG A 309 38.71 43.07 -36.76
C ARG A 309 37.67 42.13 -37.33
N GLU A 310 37.17 42.42 -38.53
CA GLU A 310 36.22 41.52 -39.19
C GLU A 310 36.82 40.15 -39.40
N ILE A 311 38.09 40.09 -39.84
CA ILE A 311 38.73 38.80 -40.06
C ILE A 311 39.14 38.16 -38.74
N VAL A 312 39.40 38.95 -37.70
CA VAL A 312 39.63 38.40 -36.36
C VAL A 312 38.40 37.63 -35.91
N THR A 313 37.23 38.28 -35.96
CA THR A 313 36.01 37.62 -35.53
C THR A 313 35.54 36.57 -36.52
N ASN A 314 36.02 36.62 -37.77
CA ASN A 314 35.83 35.49 -38.67
C ASN A 314 36.58 34.27 -38.18
N GLU A 315 37.88 34.45 -37.90
CA GLU A 315 38.72 33.34 -37.48
C GLU A 315 38.22 32.76 -36.16
N TYR A 316 37.78 33.63 -35.25
CA TYR A 316 37.27 33.16 -33.96
C TYR A 316 35.90 32.53 -34.11
N LEU A 317 35.04 33.12 -34.94
CA LEU A 317 33.72 32.54 -35.21
C LEU A 317 33.84 31.27 -36.05
N ARG A 318 34.88 31.17 -36.85
CA ARG A 318 35.16 29.93 -37.58
C ARG A 318 35.63 28.88 -36.58
N GLU A 319 36.18 27.78 -37.10
CA GLU A 319 36.30 26.50 -36.41
C GLU A 319 36.66 26.58 -34.94
N SER A 320 37.30 27.66 -34.50
CA SER A 320 38.11 27.69 -33.30
C SER A 320 37.50 26.87 -32.17
N ASP A 321 38.22 25.84 -31.76
CA ASP A 321 37.70 24.86 -30.80
C ASP A 321 38.03 25.22 -29.37
N PHE A 322 38.86 26.24 -29.16
CA PHE A 322 39.05 26.78 -27.82
C PHE A 322 39.45 28.24 -27.94
N LEU A 323 39.20 29.00 -26.88
CA LEU A 323 39.56 30.41 -26.84
C LEU A 323 40.38 30.66 -25.58
N ILE A 324 41.58 31.23 -25.76
CA ILE A 324 42.37 31.77 -24.67
C ILE A 324 42.43 33.28 -24.85
N HIS A 325 42.09 34.01 -23.78
CA HIS A 325 42.17 35.46 -23.79
C HIS A 325 43.17 35.89 -22.74
N LEU A 326 44.12 36.74 -23.14
CA LEU A 326 45.21 37.16 -22.28
C LEU A 326 44.96 38.58 -21.78
N MET A 327 45.18 38.78 -20.49
CA MET A 327 45.19 40.11 -19.91
C MET A 327 46.43 40.24 -19.04
N ASN A 328 47.15 41.35 -19.20
CA ASN A 328 48.33 41.57 -18.38
C ASN A 328 47.92 41.73 -16.92
N ALA A 329 48.82 41.31 -16.02
CA ALA A 329 48.50 41.24 -14.61
C ALA A 329 48.03 42.58 -14.03
N SER A 330 48.35 43.69 -14.68
CA SER A 330 48.05 45.01 -14.14
C SER A 330 47.25 45.86 -15.12
N GLN A 331 46.35 45.23 -15.88
CA GLN A 331 45.41 45.95 -16.73
C GLN A 331 44.11 46.17 -15.99
N SER A 332 43.60 47.40 -16.03
CA SER A 332 42.38 47.76 -15.33
C SER A 332 41.15 47.36 -16.14
N LEU A 333 41.12 46.10 -16.56
CA LEU A 333 40.00 45.44 -17.23
C LEU A 333 39.82 45.93 -18.66
N THR A 334 40.49 47.02 -19.03
CA THR A 334 40.73 47.36 -20.44
C THR A 334 39.44 47.39 -21.26
N GLN A 335 38.62 48.43 -21.03
CA GLN A 335 37.22 48.47 -21.44
C GLN A 335 36.88 47.71 -22.72
N LYS A 336 37.77 47.74 -23.72
CA LYS A 336 37.58 46.88 -24.88
C LYS A 336 37.66 45.41 -24.51
N ASP A 337 38.63 45.05 -23.65
CA ASP A 337 38.69 43.69 -23.15
C ASP A 337 37.40 43.31 -22.44
N ALA A 338 36.85 44.23 -21.65
CA ALA A 338 35.61 43.95 -20.92
C ALA A 338 34.46 43.71 -21.88
N ASP A 339 34.33 44.56 -22.90
CA ASP A 339 33.26 44.37 -23.88
C ASP A 339 33.42 43.04 -24.61
N PHE A 340 34.66 42.68 -24.94
CA PHE A 340 34.88 41.40 -25.60
C PHE A 340 34.51 40.23 -24.70
N LEU A 341 34.90 40.30 -23.43
CA LEU A 341 34.56 39.24 -22.49
C LEU A 341 33.05 39.15 -22.29
N VAL A 342 32.36 40.29 -22.29
CA VAL A 342 30.90 40.28 -22.17
C VAL A 342 30.28 39.60 -23.37
N HIS A 343 30.69 39.99 -24.58
CA HIS A 343 30.23 39.30 -25.78
C HIS A 343 30.48 37.81 -25.70
N CYS A 344 31.63 37.42 -25.14
CA CYS A 344 31.95 36.01 -24.97
C CYS A 344 30.96 35.33 -24.02
N LEU A 345 30.65 35.98 -22.91
CA LEU A 345 29.75 35.39 -21.92
C LEU A 345 28.35 35.24 -22.47
N LEU A 346 27.86 36.24 -23.23
CA LEU A 346 26.52 36.11 -23.80
C LEU A 346 26.46 35.05 -24.91
N ASN A 347 27.58 34.74 -25.56
CA ASN A 347 27.58 33.72 -26.59
C ASN A 347 27.51 32.34 -25.93
N SER A 348 26.36 31.68 -26.07
CA SER A 348 26.16 30.38 -25.45
C SER A 348 26.98 29.29 -26.11
N ARG A 349 27.44 29.51 -27.34
CA ARG A 349 28.26 28.52 -28.03
C ARG A 349 29.66 28.43 -27.46
N LEU A 350 30.14 29.45 -26.75
CA LEU A 350 31.54 29.48 -26.32
C LEU A 350 31.84 28.35 -25.34
N SER A 351 30.99 28.20 -24.32
CA SER A 351 31.06 27.04 -23.43
C SER A 351 32.41 26.95 -22.71
N LYS A 352 32.62 27.91 -21.79
CA LYS A 352 33.78 27.93 -20.89
C LYS A 352 35.10 28.08 -21.65
N PHE A 353 35.27 29.28 -22.23
CA PHE A 353 36.57 29.75 -22.69
C PHE A 353 37.49 30.03 -21.50
N LEU A 354 38.75 30.38 -21.80
CA LEU A 354 39.80 30.51 -20.81
C LEU A 354 40.40 31.92 -20.78
N ILE A 355 40.83 32.34 -19.58
CA ILE A 355 41.54 33.59 -19.36
C ILE A 355 42.90 33.26 -18.76
N VAL A 356 43.95 33.89 -19.31
CA VAL A 356 45.29 33.82 -18.75
C VAL A 356 45.72 35.24 -18.38
N LEU A 357 46.09 35.43 -17.12
CA LEU A 357 46.73 36.65 -16.67
C LEU A 357 48.21 36.54 -17.01
N THR A 358 48.58 37.10 -18.15
CA THR A 358 49.96 37.05 -18.60
C THR A 358 50.83 37.98 -17.78
N LYS A 359 52.13 37.68 -17.74
CA LYS A 359 53.09 38.35 -16.88
C LYS A 359 52.68 38.20 -15.41
N ALA A 360 52.61 36.93 -14.97
CA ALA A 360 52.20 36.64 -13.60
C ALA A 360 53.19 37.14 -12.57
N ASP A 361 54.45 37.31 -12.95
CA ASP A 361 55.45 37.90 -12.08
C ASP A 361 55.16 39.40 -11.99
N LEU A 362 56.04 40.14 -11.31
CA LEU A 362 55.90 41.58 -11.10
C LEU A 362 54.72 41.89 -10.20
N LEU A 363 54.03 40.89 -9.67
CA LEU A 363 52.81 41.11 -8.91
C LEU A 363 52.69 40.00 -7.87
N SER A 364 52.43 40.40 -6.63
CA SER A 364 52.36 39.43 -5.55
C SER A 364 51.21 38.46 -5.75
N LYS A 365 51.48 37.18 -5.54
CA LYS A 365 50.38 36.22 -5.47
C LYS A 365 49.54 36.51 -4.23
N LYS A 366 48.24 36.19 -4.33
CA LYS A 366 47.13 36.58 -3.47
C LYS A 366 46.78 38.05 -3.67
N ASP A 367 47.56 38.81 -4.43
CA ASP A 367 47.12 40.05 -5.05
C ASP A 367 46.68 39.83 -6.49
N LEU A 368 47.23 38.79 -7.14
CA LEU A 368 46.74 38.35 -8.43
C LEU A 368 45.31 37.84 -8.33
N GLU A 369 45.01 37.11 -7.25
CA GLU A 369 43.65 36.62 -7.06
C GLU A 369 42.68 37.77 -6.76
N GLU A 370 43.17 38.84 -6.14
CA GLU A 370 42.35 40.05 -6.02
C GLU A 370 42.05 40.65 -7.39
N VAL A 371 43.04 40.60 -8.30
CA VAL A 371 42.81 41.07 -9.67
C VAL A 371 41.73 40.23 -10.34
N ILE A 372 41.80 38.90 -10.16
CA ILE A 372 40.79 38.02 -10.75
C ILE A 372 39.41 38.31 -10.16
N VAL A 373 39.36 38.57 -8.84
CA VAL A 373 38.10 38.91 -8.19
C VAL A 373 37.52 40.19 -8.77
N TYR A 374 38.37 41.20 -8.98
CA TYR A 374 37.90 42.45 -9.59
C TYR A 374 37.39 42.21 -11.00
N THR A 375 38.11 41.40 -11.78
CA THR A 375 37.67 41.06 -13.12
C THR A 375 36.27 40.44 -13.10
N LYS A 376 36.07 39.46 -12.22
CA LYS A 376 34.79 38.76 -12.19
C LYS A 376 33.67 39.67 -11.68
N GLU A 377 33.98 40.56 -10.73
CA GLU A 377 32.98 41.52 -10.27
C GLU A 377 32.57 42.46 -11.39
N SER A 378 33.55 42.93 -12.19
CA SER A 378 33.22 43.78 -13.33
C SER A 378 32.32 43.05 -14.31
N LEU A 379 32.69 41.81 -14.65
CA LEU A 379 31.89 41.04 -15.61
C LEU A 379 30.48 40.78 -15.07
N LYS A 380 30.36 40.58 -13.75
CA LYS A 380 29.03 40.43 -13.15
C LYS A 380 28.24 41.73 -13.23
N SER A 381 28.92 42.86 -13.04
CA SER A 381 28.23 44.15 -13.13
C SER A 381 27.73 44.41 -14.55
N ARG A 382 28.43 43.89 -15.55
CA ARG A 382 27.95 44.02 -16.92
C ARG A 382 26.82 43.06 -17.27
N LEU A 383 26.53 42.08 -16.40
CA LEU A 383 25.44 41.11 -16.61
C LEU A 383 24.59 41.09 -15.33
N VAL A 384 23.58 41.95 -15.24
CA VAL A 384 22.77 42.02 -14.02
C VAL A 384 21.54 41.14 -14.23
N ASP A 385 21.67 39.89 -13.81
CA ASP A 385 20.58 38.96 -13.54
C ASP A 385 21.22 37.75 -12.88
N LEU A 386 20.51 36.63 -12.79
CA LEU A 386 21.24 35.37 -12.63
C LEU A 386 22.28 35.19 -13.73
N ASP A 387 22.21 35.98 -14.80
CA ASP A 387 23.29 36.08 -15.78
C ASP A 387 24.66 36.24 -15.14
N GLU A 388 24.71 36.78 -13.92
CA GLU A 388 25.99 36.93 -13.23
C GLU A 388 26.72 35.60 -13.13
N ASN A 389 25.99 34.50 -12.91
CA ASN A 389 26.63 33.21 -12.78
C ASN A 389 27.31 32.77 -14.07
N LEU A 390 27.02 33.44 -15.19
CA LEU A 390 27.74 33.19 -16.44
C LEU A 390 29.22 33.51 -16.33
N VAL A 391 29.61 34.40 -15.42
CA VAL A 391 31.04 34.64 -15.22
C VAL A 391 31.73 33.41 -14.64
N GLU A 392 30.98 32.52 -13.99
CA GLU A 392 31.53 31.25 -13.54
C GLU A 392 31.85 30.33 -14.71
N LYS A 393 31.56 30.79 -15.93
CA LYS A 393 31.99 30.11 -17.15
C LYS A 393 33.48 30.25 -17.40
N ILE A 394 34.12 31.26 -16.85
CA ILE A 394 35.51 31.54 -17.18
C ILE A 394 36.44 30.81 -16.22
N ASP A 395 37.53 30.26 -16.77
CA ASP A 395 38.66 29.79 -15.98
C ASP A 395 39.77 30.84 -16.03
N PHE A 396 40.55 30.90 -14.94
CA PHE A 396 41.65 31.85 -14.84
C PHE A 396 42.94 31.11 -14.49
N LEU A 397 43.98 31.32 -15.29
CA LEU A 397 45.33 30.94 -14.94
C LEU A 397 46.19 32.19 -14.84
N CYS A 398 47.39 32.02 -14.27
CA CYS A 398 48.32 33.14 -14.05
C CYS A 398 49.72 32.68 -14.43
N VAL A 399 50.13 33.01 -15.65
CA VAL A 399 51.40 32.53 -16.20
C VAL A 399 52.31 33.73 -16.50
N SER A 400 53.61 33.51 -16.30
CA SER A 400 54.65 34.46 -16.69
C SER A 400 55.49 33.79 -17.77
N ALA A 401 55.43 34.34 -18.99
CA ALA A 401 56.13 33.71 -20.12
C ALA A 401 57.64 33.86 -20.01
N LYS A 402 58.11 34.96 -19.40
CA LYS A 402 59.54 35.22 -19.36
C LYS A 402 60.30 34.07 -18.70
N MET A 403 59.80 33.57 -17.58
CA MET A 403 60.53 32.57 -16.81
C MET A 403 60.62 31.24 -17.57
N ALA A 404 59.52 30.81 -18.16
CA ALA A 404 59.54 29.56 -18.93
C ALA A 404 60.40 29.68 -20.17
N SER A 405 60.34 30.82 -20.86
CA SER A 405 61.21 31.02 -22.01
C SER A 405 62.67 31.09 -21.61
N ASP A 406 62.96 31.59 -20.40
CA ASP A 406 64.34 31.65 -19.92
C ASP A 406 64.87 30.25 -19.62
N PHE A 407 64.05 29.40 -19.01
CA PHE A 407 64.55 28.09 -18.57
C PHE A 407 65.08 27.25 -19.73
N TYR A 408 64.50 27.39 -20.93
CA TYR A 408 64.89 26.53 -22.04
C TYR A 408 66.35 26.76 -22.41
N LYS A 409 66.73 28.02 -22.67
CA LYS A 409 68.09 28.31 -23.10
C LYS A 409 68.74 29.50 -22.42
N GLY A 410 67.99 30.33 -21.69
CA GLY A 410 68.44 31.64 -21.29
C GLY A 410 68.99 31.72 -19.88
N LEU A 411 68.80 32.89 -19.27
CA LEU A 411 69.45 33.22 -18.00
C LEU A 411 69.00 32.28 -16.89
N ALA A 412 67.69 32.17 -16.67
CA ALA A 412 67.15 31.42 -15.54
C ALA A 412 67.11 29.92 -15.88
N SER A 413 68.32 29.35 -16.03
CA SER A 413 68.42 27.90 -16.16
C SER A 413 68.04 27.19 -14.88
N LYS A 414 68.09 27.89 -13.74
CA LYS A 414 67.42 27.41 -12.54
C LYS A 414 65.92 27.42 -12.78
N GLU A 415 65.22 26.44 -12.21
CA GLU A 415 63.87 26.12 -12.65
C GLU A 415 62.90 27.23 -12.24
N SER A 416 62.67 28.16 -13.16
CA SER A 416 61.56 29.10 -13.09
C SER A 416 60.42 28.68 -14.02
N LEU A 417 60.59 27.58 -14.75
CA LEU A 417 59.52 27.01 -15.56
C LEU A 417 58.26 26.80 -14.72
N GLN A 418 58.38 26.00 -13.67
CA GLN A 418 57.39 26.01 -12.61
C GLN A 418 57.67 27.19 -11.68
N LYS A 419 56.64 27.59 -10.95
CA LYS A 419 56.53 28.84 -10.18
C LYS A 419 56.25 30.01 -11.12
N SER A 420 56.10 29.75 -12.42
CA SER A 420 55.63 30.74 -13.38
C SER A 420 54.19 30.49 -13.82
N GLY A 421 53.84 29.25 -14.11
CA GLY A 421 52.51 28.89 -14.58
C GLY A 421 52.49 28.19 -15.91
N MET A 422 53.61 28.17 -16.65
CA MET A 422 53.59 27.64 -18.01
C MET A 422 53.39 26.13 -18.04
N GLN A 423 53.99 25.41 -17.08
CA GLN A 423 53.79 23.98 -17.01
C GLN A 423 52.32 23.65 -16.77
N GLU A 424 51.67 24.37 -15.86
CA GLU A 424 50.26 24.13 -15.58
C GLU A 424 49.38 24.52 -16.76
N PHE A 425 49.72 25.61 -17.43
CA PHE A 425 48.98 26.04 -18.62
C PHE A 425 49.07 24.99 -19.72
N GLU A 426 50.27 24.43 -19.92
CA GLU A 426 50.45 23.38 -20.91
C GLU A 426 49.66 22.13 -20.53
N ASN A 427 49.68 21.76 -19.25
CA ASN A 427 48.87 20.64 -18.80
C ASN A 427 47.38 20.88 -19.06
N TYR A 428 46.93 22.11 -18.81
CA TYR A 428 45.54 22.49 -19.08
C TYR A 428 45.19 22.29 -20.55
N LEU A 429 46.04 22.82 -21.44
CA LEU A 429 45.74 22.73 -22.86
C LEU A 429 45.75 21.28 -23.35
N PHE A 430 46.66 20.47 -22.80
CA PHE A 430 46.67 19.05 -23.20
C PHE A 430 45.49 18.30 -22.60
N ASN A 431 45.01 18.70 -21.43
CA ASN A 431 43.81 18.10 -20.86
C ASN A 431 42.59 18.42 -21.72
N GLU A 432 42.57 19.61 -22.31
CA GLU A 432 41.46 19.98 -23.19
C GLU A 432 41.36 19.10 -24.42
N LEU A 433 42.28 18.15 -24.59
CA LEU A 433 42.21 17.20 -25.69
C LEU A 433 41.62 15.86 -25.27
N TYR A 434 41.23 15.70 -24.01
CA TYR A 434 40.16 14.74 -23.69
C TYR A 434 39.09 15.35 -22.80
N ALA A 435 39.48 16.19 -21.84
CA ALA A 435 38.51 16.82 -20.95
C ALA A 435 37.71 17.88 -21.66
N GLY A 436 38.26 18.48 -22.73
CA GLY A 436 37.49 19.43 -23.51
C GLY A 436 36.30 18.76 -24.16
N GLU A 437 35.20 19.51 -24.27
CA GLU A 437 33.97 18.97 -24.84
C GLU A 437 34.18 18.48 -26.26
N LYS A 438 35.10 19.11 -27.01
CA LYS A 438 35.27 18.78 -28.42
C LYS A 438 35.75 17.35 -28.60
N SER A 439 36.73 16.91 -27.81
CA SER A 439 37.25 15.55 -27.96
C SER A 439 36.17 14.52 -27.66
N LYS A 440 35.39 14.73 -26.61
CA LYS A 440 34.34 13.78 -26.27
C LYS A 440 33.24 13.76 -27.33
N ILE A 441 32.90 14.93 -27.88
CA ILE A 441 31.92 15.00 -28.96
C ILE A 441 32.42 14.23 -30.18
N ALA A 442 33.72 14.37 -30.50
CA ALA A 442 34.28 13.63 -31.62
C ALA A 442 34.24 12.13 -31.38
N LEU A 443 34.56 11.70 -30.16
CA LEU A 443 34.49 10.29 -29.84
C LEU A 443 33.06 9.76 -29.96
N ARG A 444 32.09 10.56 -29.50
CA ARG A 444 30.69 10.17 -29.62
C ARG A 444 30.27 10.05 -31.08
N ALA A 445 30.72 10.98 -31.92
CA ALA A 445 30.40 10.91 -33.34
C ALA A 445 31.03 9.68 -33.99
N TYR A 446 32.27 9.36 -33.63
CA TYR A 446 32.91 8.16 -34.14
C TYR A 446 32.14 6.91 -33.71
N LYS A 447 31.68 6.89 -32.47
CA LYS A 447 30.91 5.74 -31.99
C LYS A 447 29.60 5.60 -32.76
N LYS A 448 28.91 6.72 -33.01
CA LYS A 448 27.67 6.66 -33.78
C LYS A 448 27.93 6.17 -35.20
N GLU A 449 29.01 6.63 -35.81
CA GLU A 449 29.37 6.16 -37.15
C GLU A 449 29.63 4.66 -37.15
N LEU A 450 30.36 4.16 -36.14
CA LEU A 450 30.62 2.73 -36.08
C LEU A 450 29.33 1.94 -35.85
N HIS A 451 28.43 2.46 -35.01
CA HIS A 451 27.13 1.81 -34.80
C HIS A 451 26.33 1.74 -36.09
N LEU A 452 26.33 2.81 -36.89
CA LEU A 452 25.51 2.82 -38.09
C LEU A 452 26.11 1.96 -39.20
N GLU A 453 27.45 1.96 -39.33
CA GLU A 453 28.08 1.02 -40.26
C GLU A 453 27.85 -0.41 -39.82
N LEU A 454 27.85 -0.64 -38.51
CA LEU A 454 27.53 -1.96 -37.97
C LEU A 454 26.11 -2.37 -38.35
N LYS A 455 25.17 -1.43 -38.27
CA LYS A 455 23.79 -1.69 -38.66
C LYS A 455 23.69 -2.02 -40.14
N ASN A 456 24.44 -1.29 -40.98
CA ASN A 456 24.45 -1.59 -42.41
C ASN A 456 24.98 -2.98 -42.68
N ILE A 457 26.07 -3.36 -42.01
CA ILE A 457 26.64 -4.70 -42.18
C ILE A 457 25.65 -5.76 -41.70
N LEU A 458 24.94 -5.48 -40.61
CA LEU A 458 23.90 -6.39 -40.14
C LEU A 458 22.83 -6.60 -41.20
N SER A 459 22.33 -5.52 -41.79
CA SER A 459 21.35 -5.65 -42.86
C SER A 459 21.89 -6.55 -43.97
N GLU A 460 23.10 -6.23 -44.45
CA GLU A 460 23.72 -6.96 -45.54
C GLU A 460 23.81 -8.45 -45.25
N TYR A 461 24.25 -8.81 -44.03
CA TYR A 461 24.50 -10.22 -43.74
C TYR A 461 23.25 -10.97 -43.30
N GLU A 462 22.25 -10.28 -42.74
CA GLU A 462 20.98 -10.94 -42.43
C GLU A 462 20.20 -11.24 -43.69
N MET A 463 20.31 -10.38 -44.73
CA MET A 463 19.59 -10.65 -45.96
C MET A 463 20.03 -11.96 -46.61
N GLN A 464 21.30 -12.33 -46.46
CA GLN A 464 21.78 -13.59 -47.02
C GLN A 464 21.09 -14.78 -46.35
N ASN A 465 21.01 -14.75 -45.01
CA ASN A 465 20.33 -15.83 -44.30
C ASN A 465 18.85 -15.87 -44.66
N ARG A 466 18.23 -14.70 -44.82
CA ARG A 466 16.83 -14.67 -45.22
C ARG A 466 16.62 -15.30 -46.60
N LEU A 467 17.52 -14.99 -47.54
CA LEU A 467 17.43 -15.57 -48.87
C LEU A 467 17.63 -17.08 -48.83
N ILE A 468 18.55 -17.56 -48.00
CA ILE A 468 18.77 -19.00 -47.89
C ILE A 468 17.52 -19.68 -47.32
N LYS A 469 16.90 -19.06 -46.31
CA LYS A 469 15.66 -19.62 -45.75
C LYS A 469 14.56 -19.64 -46.79
N GLU A 470 14.44 -18.58 -47.60
CA GLU A 470 13.44 -18.57 -48.66
C GLU A 470 13.69 -19.66 -49.68
N ASN A 471 14.97 -19.90 -50.02
CA ASN A 471 15.29 -20.98 -50.96
C ASN A 471 14.93 -22.34 -50.39
N LYS A 472 15.19 -22.55 -49.09
CA LYS A 472 14.81 -23.81 -48.46
C LYS A 472 13.29 -24.00 -48.47
N GLN A 473 12.54 -22.92 -48.20
CA GLN A 473 11.09 -23.00 -48.25
C GLN A 473 10.60 -23.32 -49.64
N GLY A 474 11.22 -22.72 -50.67
CA GLY A 474 10.85 -23.04 -52.03
C GLY A 474 11.14 -24.48 -52.41
N VAL A 475 12.27 -25.01 -51.93
CA VAL A 475 12.59 -26.41 -52.19
C VAL A 475 11.57 -27.33 -51.53
N SER A 476 11.16 -26.99 -50.30
CA SER A 476 10.13 -27.78 -49.63
C SER A 476 8.81 -27.72 -50.39
N GLU A 477 8.44 -26.55 -50.89
CA GLU A 477 7.21 -26.42 -51.67
C GLU A 477 7.29 -27.24 -52.95
N GLU A 478 8.45 -27.26 -53.60
CA GLU A 478 8.62 -28.06 -54.80
C GLU A 478 8.49 -29.54 -54.50
N ASN A 479 9.06 -29.99 -53.38
CA ASN A 479 8.92 -31.39 -52.98
C ASN A 479 7.46 -31.73 -52.72
N GLN A 480 6.73 -30.84 -52.06
CA GLN A 480 5.31 -31.08 -51.81
C GLN A 480 4.52 -31.15 -53.11
N LYS A 481 4.85 -30.28 -54.08
CA LYS A 481 4.18 -30.33 -55.38
C LYS A 481 4.49 -31.63 -56.10
N LEU A 482 5.73 -32.11 -56.02
CA LEU A 482 6.07 -33.39 -56.63
C LEU A 482 5.30 -34.53 -56.00
N LEU A 483 5.16 -34.52 -54.67
CA LEU A 483 4.37 -35.55 -53.99
C LEU A 483 2.92 -35.50 -54.43
N LEU A 484 2.36 -34.29 -54.55
CA LEU A 484 0.97 -34.16 -55.01
C LEU A 484 0.82 -34.69 -56.43
N GLU A 485 1.79 -34.41 -57.30
CA GLU A 485 1.73 -34.92 -58.66
C GLU A 485 1.80 -36.44 -58.70
N LEU A 486 2.64 -37.03 -57.83
CA LEU A 486 2.70 -38.49 -57.76
C LEU A 486 1.38 -39.08 -57.29
N GLN A 487 0.75 -38.44 -56.30
CA GLN A 487 -0.56 -38.90 -55.84
C GLN A 487 -1.60 -38.80 -56.94
N LYS A 488 -1.58 -37.71 -57.71
CA LYS A 488 -2.52 -37.56 -58.81
C LYS A 488 -2.29 -38.63 -59.88
N GLN A 489 -1.02 -38.97 -60.15
CA GLN A 489 -0.74 -40.01 -61.12
C GLN A 489 -1.24 -41.37 -60.62
N ASN A 490 -1.07 -41.65 -59.33
CA ASN A 490 -1.61 -42.89 -58.78
C ASN A 490 -3.12 -42.95 -58.89
N THR A 491 -3.79 -41.82 -58.61
CA THR A 491 -5.25 -41.77 -58.74
C THR A 491 -5.68 -41.99 -60.19
N LEU A 492 -4.94 -41.42 -61.14
CA LEU A 492 -5.26 -41.63 -62.56
C LEU A 492 -5.07 -43.09 -62.95
N LEU A 493 -4.02 -43.73 -62.45
CA LEU A 493 -3.83 -45.15 -62.72
C LEU A 493 -4.97 -45.99 -62.15
N LYS A 494 -5.41 -45.66 -60.94
CA LYS A 494 -6.55 -46.37 -60.35
C LYS A 494 -7.81 -46.18 -61.17
N GLU A 495 -8.04 -44.95 -61.66
CA GLU A 495 -9.22 -44.70 -62.50
C GLU A 495 -9.14 -45.48 -63.80
N ALA A 496 -7.94 -45.58 -64.39
CA ALA A 496 -7.78 -46.36 -65.61
C ALA A 496 -8.05 -47.84 -65.36
N GLN A 497 -7.58 -48.36 -64.22
CA GLN A 497 -7.86 -49.75 -63.88
C GLN A 497 -9.35 -49.98 -63.69
N ASP A 498 -10.04 -49.03 -63.05
CA ASP A 498 -11.49 -49.15 -62.87
C ASP A 498 -12.20 -49.14 -64.23
N GLU A 499 -11.75 -48.28 -65.14
CA GLU A 499 -12.35 -48.23 -66.47
C GLU A 499 -12.13 -49.53 -67.22
N ILE A 500 -10.94 -50.12 -67.07
CA ILE A 500 -10.66 -51.41 -67.73
C ILE A 500 -11.56 -52.49 -67.16
N SER A 501 -11.76 -52.50 -65.83
CA SER A 501 -12.66 -53.46 -65.23
C SER A 501 -14.09 -53.28 -65.73
N ASN A 502 -14.54 -52.03 -65.83
CA ASN A 502 -15.89 -51.77 -66.35
C ASN A 502 -16.03 -52.24 -67.79
N SER A 503 -15.00 -52.01 -68.61
CA SER A 503 -15.03 -52.49 -69.98
C SER A 503 -15.09 -54.02 -70.04
N ILE A 504 -14.34 -54.69 -69.16
CA ILE A 504 -14.38 -56.15 -69.10
C ILE A 504 -15.77 -56.62 -68.70
N ALA A 505 -16.42 -55.91 -67.78
CA ALA A 505 -17.75 -56.31 -67.34
C ALA A 505 -18.80 -56.08 -68.42
N LYS A 506 -18.88 -54.84 -68.92
CA LYS A 506 -19.89 -54.50 -69.92
C LYS A 506 -19.27 -54.32 -71.30
N ILE A 514 -30.16 -58.15 -85.99
CA ILE A 514 -30.47 -59.20 -86.94
C ILE A 514 -31.97 -59.24 -87.22
N ASP A 515 -32.76 -58.97 -86.17
CA ASP A 515 -34.21 -58.95 -86.33
C ASP A 515 -34.67 -57.75 -87.16
N ASN A 516 -33.94 -56.64 -87.09
CA ASN A 516 -34.30 -55.47 -87.88
C ASN A 516 -34.16 -55.75 -89.37
N LEU A 517 -33.14 -56.51 -89.76
CA LEU A 517 -33.00 -56.89 -91.16
C LEU A 517 -34.14 -57.77 -91.62
N VAL A 518 -34.59 -58.70 -90.77
CA VAL A 518 -35.72 -59.54 -91.11
C VAL A 518 -36.99 -58.70 -91.25
N LEU A 519 -37.17 -57.71 -90.38
CA LEU A 519 -38.32 -56.83 -90.49
C LEU A 519 -38.28 -56.02 -91.78
N LEU A 520 -37.10 -55.53 -92.15
CA LEU A 520 -36.96 -54.79 -93.41
C LEU A 520 -37.27 -55.67 -94.61
N LEU A 521 -36.80 -56.91 -94.59
CA LEU A 521 -37.10 -57.83 -95.68
C LEU A 521 -38.58 -58.14 -95.76
N ALA A 522 -39.25 -58.30 -94.61
CA ALA A 522 -40.68 -58.51 -94.61
C ALA A 522 -41.43 -57.31 -95.16
N LYS A 523 -40.97 -56.10 -94.82
CA LYS A 523 -41.58 -54.89 -95.37
C LYS A 523 -41.39 -54.84 -96.89
N LYS A 524 -40.21 -55.20 -97.38
CA LYS A 524 -39.98 -55.24 -98.81
C LYS A 524 -40.89 -56.25 -99.49
N LEU A 525 -41.07 -57.43 -98.89
CA LEU A 525 -41.98 -58.42 -99.45
C LEU A 525 -43.42 -57.91 -99.48
N LYS A 526 -43.83 -57.21 -98.43
CA LYS A 526 -45.18 -56.64 -98.41
C LYS A 526 -45.35 -55.58 -99.50
N GLU A 527 -44.32 -54.76 -99.72
CA GLU A 527 -44.38 -53.78 -100.79
C GLU A 527 -44.47 -54.45 -102.15
N ARG A 528 -43.72 -55.54 -102.34
CA ARG A 528 -43.80 -56.28 -103.60
C ARG A 528 -45.19 -56.87 -103.81
N LEU A 529 -45.79 -57.40 -102.74
CA LEU A 529 -47.14 -57.94 -102.84
C LEU A 529 -48.14 -56.85 -103.19
N ILE A 530 -47.97 -55.66 -102.60
CA ILE A 530 -48.87 -54.54 -102.92
C ILE A 530 -48.71 -54.13 -104.37
N ASP A 531 -47.47 -54.12 -104.87
CA ASP A 531 -47.24 -53.79 -106.27
C ASP A 531 -47.87 -54.82 -107.19
N GLU A 532 -47.79 -56.11 -106.82
CA GLU A 532 -48.42 -57.15 -107.61
C GLU A 532 -49.94 -56.99 -107.61
N PHE A 533 -50.51 -56.64 -106.47
CA PHE A 533 -51.96 -56.41 -106.41
C PHE A 533 -52.37 -55.23 -107.28
N LYS A 534 -51.59 -54.15 -107.25
CA LYS A 534 -51.87 -53.00 -108.11
C LYS A 534 -51.77 -53.39 -109.58
N TYR A 535 -50.76 -54.19 -109.93
CA TYR A 535 -50.64 -54.67 -111.32
C TYR A 535 -51.80 -55.59 -111.69
N LEU A 536 -52.39 -56.27 -110.71
CA LEU A 536 -53.56 -57.11 -111.00
C LEU A 536 -54.83 -56.28 -111.17
N LYS A 537 -54.93 -55.15 -110.47
CA LYS A 537 -56.05 -54.23 -110.72
C LYS A 537 -55.97 -53.67 -112.13
N ASN A 538 -54.77 -53.22 -112.53
CA ASN A 538 -54.39 -52.96 -113.91
C ASN A 538 -54.04 -54.29 -114.57
N ASN A 539 -53.33 -54.27 -115.70
CA ASN A 539 -52.88 -55.52 -116.32
C ASN A 539 -51.41 -55.45 -116.66
N ALA A 540 -50.58 -56.18 -115.89
CA ALA A 540 -49.29 -56.68 -116.36
C ALA A 540 -48.36 -55.54 -116.77
N GLN A 541 -47.96 -54.80 -115.74
CA GLN A 541 -47.04 -53.68 -115.85
C GLN A 541 -45.63 -54.13 -115.54
N LYS A 542 -44.70 -53.83 -116.46
CA LYS A 542 -43.28 -54.07 -116.22
C LYS A 542 -42.64 -52.92 -115.45
N LEU A 543 -43.22 -51.72 -115.52
CA LEU A 543 -42.67 -50.59 -114.78
C LEU A 543 -42.76 -50.83 -113.28
N ASN A 544 -43.84 -51.47 -112.82
CA ASN A 544 -43.95 -51.83 -111.40
C ASN A 544 -42.87 -52.83 -111.02
N LEU A 545 -42.60 -53.80 -111.88
CA LEU A 545 -41.53 -54.76 -111.60
C LEU A 545 -40.18 -54.07 -111.52
N SER A 546 -39.93 -53.09 -112.41
CA SER A 546 -38.69 -52.33 -112.33
C SER A 546 -38.62 -51.53 -111.03
N ARG A 547 -39.73 -50.92 -110.62
CA ARG A 547 -39.75 -50.13 -109.39
C ARG A 547 -39.55 -51.01 -108.16
N ILE A 548 -39.96 -52.28 -108.23
CA ILE A 548 -39.85 -53.20 -107.09
C ILE A 548 -38.43 -53.24 -106.55
N LEU A 549 -37.43 -53.11 -107.44
CA LEU A 549 -36.04 -53.17 -107.01
C LEU A 549 -35.66 -52.02 -106.08
N ASN A 550 -36.42 -50.93 -106.09
CA ASN A 550 -36.08 -49.78 -105.25
C ASN A 550 -36.43 -50.03 -103.78
N ILE A 551 -37.38 -50.92 -103.51
CA ILE A 551 -37.68 -51.27 -102.13
C ILE A 551 -36.47 -51.89 -101.44
N VAL A 552 -35.63 -52.59 -102.21
CA VAL A 552 -34.40 -53.15 -101.66
C VAL A 552 -33.47 -52.02 -101.20
N ASP A 553 -33.34 -50.97 -102.02
CA ASP A 553 -32.54 -49.82 -101.62
C ASP A 553 -33.13 -49.15 -100.39
N ILE A 554 -34.46 -49.07 -100.31
CA ILE A 554 -35.10 -48.49 -99.13
C ILE A 554 -34.76 -49.29 -97.88
N THR A 555 -34.83 -50.63 -97.98
CA THR A 555 -34.49 -51.48 -96.84
C THR A 555 -33.02 -51.33 -96.45
N THR A 556 -32.14 -51.23 -97.44
CA THR A 556 -30.73 -50.99 -97.14
C THR A 556 -30.53 -49.66 -96.42
N LYS A 557 -31.27 -48.63 -96.84
CA LYS A 557 -31.18 -47.34 -96.16
C LYS A 557 -31.66 -47.44 -94.72
N ASP A 558 -32.73 -48.21 -94.48
CA ASP A 558 -33.22 -48.39 -93.11
C ASP A 558 -32.19 -49.10 -92.24
N GLY A 559 -31.56 -50.15 -92.77
CA GLY A 559 -30.50 -50.82 -92.04
C GLY A 559 -29.33 -49.90 -91.73
N ILE A 560 -28.93 -49.08 -92.71
CA ILE A 560 -27.85 -48.12 -92.49
C ILE A 560 -28.25 -47.12 -91.41
N ASN A 561 -29.52 -46.73 -91.38
CA ASN A 561 -29.99 -45.81 -90.34
C ASN A 561 -29.86 -46.45 -88.96
N ASP A 562 -30.24 -47.72 -88.85
CA ASP A 562 -30.07 -48.42 -87.57
C ASP A 562 -28.60 -48.47 -87.15
N ILE A 563 -27.71 -48.76 -88.10
CA ILE A 563 -26.28 -48.82 -87.79
C ILE A 563 -25.78 -47.45 -87.34
N LEU A 564 -26.24 -46.38 -88.00
CA LEU A 564 -25.83 -45.04 -87.62
C LEU A 564 -26.32 -44.67 -86.23
N ARG A 565 -27.55 -45.08 -85.88
CA ARG A 565 -28.04 -44.83 -84.53
C ARG A 565 -27.20 -45.56 -83.50
N GLU A 566 -26.81 -46.81 -83.79
CA GLU A 566 -25.93 -47.53 -82.88
C GLU A 566 -24.59 -46.82 -82.73
N ILE A 567 -24.04 -46.31 -83.83
CA ILE A 567 -22.76 -45.59 -83.75
C ILE A 567 -22.90 -44.33 -82.90
N LYS A 568 -24.02 -43.62 -83.05
CA LYS A 568 -24.25 -42.41 -82.26
C LYS A 568 -24.36 -42.75 -80.77
N PHE A 569 -25.04 -43.85 -80.46
CA PHE A 569 -25.13 -44.27 -79.06
C PHE A 569 -23.75 -44.60 -78.50
N GLU A 570 -22.92 -45.28 -79.29
CA GLU A 570 -21.56 -45.59 -78.85
C GLU A 570 -20.76 -44.33 -78.60
N ASN A 571 -20.90 -43.34 -79.48
CA ASN A 571 -20.19 -42.07 -79.31
C ASN A 571 -20.65 -41.36 -78.03
N ILE A 572 -21.96 -41.39 -77.76
CA ILE A 572 -22.47 -40.77 -76.54
C ILE A 572 -21.91 -41.47 -75.31
N LYS A 573 -21.82 -42.80 -75.35
CA LYS A 573 -21.24 -43.55 -74.23
C LYS A 573 -19.78 -43.19 -74.03
N LYS A 574 -19.03 -43.04 -75.14
CA LYS A 574 -17.63 -42.64 -75.03
C LYS A 574 -17.49 -41.25 -74.44
N ILE A 575 -18.39 -40.33 -74.82
CA ILE A 575 -18.35 -38.98 -74.26
C ILE A 575 -18.63 -39.01 -72.76
N GLU A 576 -19.60 -39.82 -72.34
CA GLU A 576 -19.88 -39.95 -70.91
C GLU A 576 -18.68 -40.52 -70.17
N GLU A 577 -18.04 -41.55 -70.73
CA GLU A 577 -16.85 -42.12 -70.10
C GLU A 577 -15.74 -41.08 -69.99
N LEU A 578 -15.54 -40.26 -71.03
CA LEU A 578 -14.54 -39.20 -70.95
C LEU A 578 -14.88 -38.20 -69.86
N LYS A 579 -16.18 -37.90 -69.69
CA LYS A 579 -16.59 -36.95 -68.66
C LYS A 579 -16.41 -37.52 -67.25
N THR A 580 -16.47 -38.86 -67.11
CA THR A 580 -16.50 -39.49 -65.79
C THR A 580 -15.37 -39.02 -64.88
N ASN A 581 -14.12 -39.28 -65.28
CA ASN A 581 -12.96 -38.97 -64.46
C ASN A 581 -11.91 -38.28 -65.32
N LEU A 582 -11.37 -37.18 -64.82
CA LEU A 582 -10.49 -36.31 -65.61
C LEU A 582 -9.04 -36.74 -65.41
N SER A 583 -8.62 -37.71 -66.23
CA SER A 583 -7.25 -38.18 -66.23
C SER A 583 -6.44 -37.65 -67.41
N LEU A 584 -7.00 -37.68 -68.62
CA LEU A 584 -6.30 -37.20 -69.81
C LEU A 584 -7.33 -36.81 -70.85
N LYS A 585 -7.34 -35.53 -71.24
CA LYS A 585 -8.33 -35.05 -72.20
C LYS A 585 -7.88 -35.29 -73.64
N TYR A 586 -6.59 -35.08 -73.93
CA TYR A 586 -6.11 -35.30 -75.29
C TYR A 586 -6.24 -36.76 -75.69
N ASP A 587 -5.95 -37.69 -74.77
CA ASP A 587 -6.13 -39.11 -75.07
C ASP A 587 -7.60 -39.43 -75.33
N PHE A 588 -8.50 -38.81 -74.58
CA PHE A 588 -9.93 -39.02 -74.83
C PHE A 588 -10.33 -38.49 -76.19
N LEU A 589 -9.78 -37.35 -76.60
CA LEU A 589 -10.11 -36.80 -77.91
C LEU A 589 -9.54 -37.64 -79.04
N LYS A 590 -8.38 -38.28 -78.80
CA LYS A 590 -7.69 -39.00 -79.88
C LYS A 590 -8.54 -40.15 -80.42
N ASP A 591 -9.12 -40.96 -79.54
CA ASP A 591 -9.80 -42.19 -79.97
C ASP A 591 -11.09 -41.93 -80.72
N ASP A 592 -11.59 -40.69 -80.76
CA ASP A 592 -12.83 -40.42 -81.47
C ASP A 592 -12.68 -40.65 -82.97
N PHE A 593 -11.53 -40.27 -83.53
CA PHE A 593 -11.30 -40.50 -84.94
C PHE A 593 -11.22 -42.00 -85.25
N ASP A 594 -10.59 -42.77 -84.38
CA ASP A 594 -10.55 -44.22 -84.57
C ASP A 594 -11.94 -44.83 -84.50
N ASN A 595 -12.76 -44.35 -83.56
CA ASN A 595 -14.14 -44.84 -83.48
C ASN A 595 -14.92 -44.50 -84.74
N GLY A 596 -14.74 -43.29 -85.27
CA GLY A 596 -15.40 -42.93 -86.51
C GLY A 596 -14.95 -43.78 -87.68
N PHE A 597 -13.65 -44.09 -87.74
CA PHE A 597 -13.14 -44.95 -88.80
C PHE A 597 -13.71 -46.36 -88.68
N GLU A 598 -13.82 -46.87 -87.46
CA GLU A 598 -14.42 -48.19 -87.26
C GLU A 598 -15.89 -48.19 -87.69
N GLY A 599 -16.62 -47.12 -87.35
CA GLY A 599 -17.99 -47.02 -87.79
C GLY A 599 -18.13 -46.95 -89.30
N PHE A 600 -17.22 -46.23 -89.96
CA PHE A 600 -17.23 -46.17 -91.41
C PHE A 600 -16.94 -47.54 -92.02
N LYS A 601 -16.00 -48.28 -91.43
CA LYS A 601 -15.72 -49.63 -91.92
C LYS A 601 -16.92 -50.55 -91.74
N ASP A 602 -17.61 -50.43 -90.61
CA ASP A 602 -18.82 -51.22 -90.40
C ASP A 602 -19.90 -50.86 -91.41
N GLY A 603 -20.05 -49.57 -91.70
CA GLY A 603 -21.02 -49.15 -92.71
C GLY A 603 -20.66 -49.67 -94.10
N ILE A 604 -19.37 -49.71 -94.42
CA ILE A 604 -18.94 -50.22 -95.71
C ILE A 604 -19.22 -51.72 -95.81
N SER A 605 -18.94 -52.46 -94.73
CA SER A 605 -19.24 -53.89 -94.73
C SER A 605 -20.73 -54.14 -94.87
N LYS A 606 -21.54 -53.33 -94.16
CA LYS A 606 -22.99 -53.42 -94.32
C LYS A 606 -23.40 -53.17 -95.76
N ASN A 607 -22.84 -52.12 -96.38
CA ASN A 607 -23.14 -51.81 -97.77
C ASN A 607 -22.81 -53.00 -98.67
N ILE A 608 -21.63 -53.58 -98.50
CA ILE A 608 -21.21 -54.68 -99.37
C ILE A 608 -22.13 -55.89 -99.21
N ASP A 609 -22.29 -56.35 -97.97
CA ASP A 609 -23.08 -57.58 -97.75
C ASP A 609 -24.55 -57.37 -98.11
N SER A 610 -25.13 -56.24 -97.69
CA SER A 610 -26.52 -55.96 -98.03
C SER A 610 -26.71 -55.73 -99.53
N ILE A 611 -25.70 -55.23 -100.23
CA ILE A 611 -25.82 -55.08 -101.68
C ILE A 611 -25.81 -56.44 -102.35
N PHE A 612 -24.96 -57.35 -101.89
CA PHE A 612 -25.01 -58.72 -102.39
C PHE A 612 -26.38 -59.34 -102.14
N GLN A 613 -26.93 -59.14 -100.93
CA GLN A 613 -28.25 -59.69 -100.62
C GLN A 613 -29.33 -59.07 -101.50
N SER A 614 -29.26 -57.77 -101.74
CA SER A 614 -30.25 -57.10 -102.58
C SER A 614 -30.15 -57.57 -104.02
N GLU A 615 -28.93 -57.80 -104.52
CA GLU A 615 -28.77 -58.34 -105.87
C GLU A 615 -29.36 -59.74 -105.96
N LYS A 616 -29.14 -60.57 -104.92
CA LYS A 616 -29.74 -61.90 -104.92
C LYS A 616 -31.27 -61.82 -104.91
N PHE A 617 -31.82 -60.89 -104.12
CA PHE A 617 -33.27 -60.72 -104.08
C PHE A 617 -33.82 -60.25 -105.43
N ALA A 618 -33.09 -59.35 -106.10
CA ALA A 618 -33.51 -58.90 -107.41
C ALA A 618 -33.47 -60.04 -108.43
N LEU A 619 -32.44 -60.88 -108.35
CA LEU A 619 -32.38 -62.05 -109.23
C LEU A 619 -33.54 -62.99 -108.97
N LEU A 620 -33.89 -63.20 -107.69
CA LEU A 620 -35.01 -64.06 -107.37
C LEU A 620 -36.32 -63.48 -107.88
N ARG A 621 -36.50 -62.15 -107.77
CA ARG A 621 -37.70 -61.52 -108.29
C ARG A 621 -37.78 -61.65 -109.80
N LEU A 622 -36.66 -61.46 -110.49
CA LEU A 622 -36.64 -61.62 -111.94
C LEU A 622 -36.98 -63.06 -112.33
N LYS A 623 -36.47 -64.03 -111.58
CA LYS A 623 -36.81 -65.43 -111.84
C LYS A 623 -38.30 -65.68 -111.63
N ILE A 624 -38.87 -65.09 -110.58
CA ILE A 624 -40.30 -65.25 -110.32
C ILE A 624 -41.13 -64.65 -111.44
N GLU A 625 -40.70 -63.49 -111.96
CA GLU A 625 -41.42 -62.88 -113.07
C GLU A 625 -41.35 -63.74 -114.32
N LYS A 626 -40.22 -64.41 -114.55
CA LYS A 626 -40.06 -65.27 -115.72
C LYS A 626 -41.00 -66.47 -115.66
N ASN A 629 -46.43 -64.72 -116.76
CA ASN A 629 -47.82 -64.31 -116.59
C ASN A 629 -48.29 -64.58 -115.16
N LEU A 630 -47.79 -65.67 -114.55
CA LEU A 630 -47.79 -65.74 -113.09
C LEU A 630 -49.18 -65.68 -112.44
N LYS A 631 -49.96 -66.74 -112.58
CA LYS A 631 -51.09 -67.00 -111.69
C LYS A 631 -50.80 -66.43 -110.31
N SER A 632 -51.64 -65.50 -109.88
CA SER A 632 -51.23 -64.47 -108.93
C SER A 632 -50.95 -65.04 -107.54
N ASP A 633 -51.88 -65.84 -106.99
CA ASP A 633 -51.68 -66.35 -105.63
C ASP A 633 -50.45 -67.26 -105.56
N LEU A 634 -50.28 -68.11 -106.58
CA LEU A 634 -49.10 -68.97 -106.63
C LEU A 634 -47.82 -68.15 -106.74
N TYR A 635 -47.87 -67.06 -107.51
CA TYR A 635 -46.71 -66.17 -107.60
C TYR A 635 -46.40 -65.53 -106.25
N GLU A 636 -47.45 -65.15 -105.50
CA GLU A 636 -47.24 -64.57 -104.18
C GLU A 636 -46.62 -65.59 -103.23
N LEU A 637 -47.04 -66.85 -103.31
CA LEU A 637 -46.44 -67.88 -102.47
C LEU A 637 -44.98 -68.14 -102.86
N GLU A 638 -44.69 -68.20 -104.16
CA GLU A 638 -43.32 -68.39 -104.60
C GLU A 638 -42.44 -67.23 -104.15
N THR A 639 -42.99 -66.01 -104.17
CA THR A 639 -42.26 -64.86 -103.64
C THR A 639 -42.07 -64.98 -102.12
N ASN A 640 -43.09 -65.47 -101.42
CA ASN A 640 -42.97 -65.68 -99.97
C ASN A 640 -41.91 -66.70 -99.63
N LEU A 641 -41.59 -67.61 -100.55
CA LEU A 641 -40.49 -68.56 -100.30
C LEU A 641 -39.14 -67.96 -100.68
N ASP A 642 -39.06 -67.35 -101.87
CA ASP A 642 -37.80 -66.79 -102.34
C ASP A 642 -37.34 -65.64 -101.44
N THR A 643 -38.22 -64.68 -101.17
CA THR A 643 -37.90 -63.60 -100.25
C THR A 643 -37.70 -64.11 -98.83
N VAL A 644 -38.21 -65.30 -98.49
CA VAL A 644 -37.88 -65.89 -97.19
C VAL A 644 -36.42 -66.29 -97.15
N ILE A 645 -35.94 -66.95 -98.20
CA ILE A 645 -34.52 -67.26 -98.29
C ILE A 645 -33.69 -65.97 -98.27
N PHE A 646 -34.16 -64.94 -98.98
CA PHE A 646 -33.45 -63.67 -99.02
C PHE A 646 -33.42 -63.01 -97.65
N ASP A 647 -34.52 -63.11 -96.89
CA ASP A 647 -34.58 -62.55 -95.56
C ASP A 647 -33.64 -63.29 -94.61
N THR A 648 -33.56 -64.61 -94.75
CA THR A 648 -32.59 -65.36 -93.96
C THR A 648 -31.17 -64.91 -94.28
N PHE A 649 -30.86 -64.70 -95.56
CA PHE A 649 -29.55 -64.20 -95.94
C PHE A 649 -29.29 -62.82 -95.35
N LYS A 650 -30.30 -61.94 -95.37
CA LYS A 650 -30.13 -60.60 -94.81
C LYS A 650 -29.91 -60.65 -93.30
N GLU A 651 -30.62 -61.55 -92.62
CA GLU A 651 -30.43 -61.71 -91.18
C GLU A 651 -29.04 -62.23 -90.86
N PHE A 652 -28.54 -63.18 -91.66
CA PHE A 652 -27.18 -63.67 -91.47
C PHE A 652 -26.16 -62.55 -91.69
N LYS A 653 -26.37 -61.74 -92.72
CA LYS A 653 -25.49 -60.60 -92.96
C LYS A 653 -25.51 -59.64 -91.77
N MET A 654 -26.71 -59.35 -91.26
CA MET A 654 -26.81 -58.46 -90.10
C MET A 654 -26.06 -59.03 -88.90
N SER A 655 -26.22 -60.33 -88.64
CA SER A 655 -25.55 -60.94 -87.49
C SER A 655 -24.03 -60.88 -87.64
N GLU A 656 -23.51 -61.28 -88.79
CA GLU A 656 -22.06 -61.29 -88.98
C GLU A 656 -21.48 -59.88 -88.94
N ILE A 657 -22.14 -58.93 -89.60
CA ILE A 657 -21.64 -57.55 -89.59
C ILE A 657 -21.73 -56.95 -88.20
N LEU A 658 -22.75 -57.32 -87.42
CA LEU A 658 -22.84 -56.82 -86.04
C LEU A 658 -21.71 -57.40 -85.19
N ASN A 659 -21.39 -58.69 -85.38
CA ASN A 659 -20.24 -59.26 -84.68
C ASN A 659 -18.95 -58.54 -85.04
N SER A 660 -18.76 -58.24 -86.34
CA SER A 660 -17.57 -57.51 -86.76
C SER A 660 -17.53 -56.12 -86.15
N LEU A 661 -18.68 -55.43 -86.10
CA LEU A 661 -18.73 -54.10 -85.51
C LEU A 661 -18.44 -54.15 -84.02
N ASN A 662 -18.93 -55.17 -83.32
CA ASN A 662 -18.62 -55.31 -81.91
C ASN A 662 -17.13 -55.55 -81.69
N ILE A 663 -16.50 -56.35 -82.56
CA ILE A 663 -15.06 -56.57 -82.47
C ILE A 663 -14.31 -55.26 -82.69
N ASN A 664 -14.76 -54.47 -83.67
CA ASN A 664 -14.12 -53.18 -83.93
C ASN A 664 -14.26 -52.24 -82.74
N GLY A 665 -15.45 -52.22 -82.11
CA GLY A 665 -15.64 -51.40 -80.93
C GLY A 665 -14.76 -51.82 -79.78
N ALA A 666 -14.60 -53.14 -79.59
CA ALA A 666 -13.71 -53.63 -78.56
C ALA A 666 -12.27 -53.22 -78.83
N PHE A 667 -11.85 -53.29 -80.10
CA PHE A 667 -10.50 -52.84 -80.45
C PHE A 667 -10.31 -51.35 -80.18
N PHE A 668 -11.34 -50.56 -80.49
CA PHE A 668 -11.26 -49.11 -80.22
C PHE A 668 -11.18 -48.85 -78.72
N GLU A 669 -11.94 -49.59 -77.92
CA GLU A 669 -11.86 -49.44 -76.47
C GLU A 669 -10.48 -49.82 -75.95
N PHE A 670 -9.90 -50.89 -76.50
CA PHE A 670 -8.55 -51.27 -76.10
C PHE A 670 -7.53 -50.19 -76.46
N LEU A 671 -7.68 -49.59 -77.65
CA LEU A 671 -6.79 -48.51 -78.04
C LEU A 671 -6.94 -47.30 -77.12
N ASN A 672 -8.17 -46.97 -76.75
CA ASN A 672 -8.39 -45.86 -75.81
C ASN A 672 -7.76 -46.16 -74.45
N ASP A 673 -7.89 -47.40 -73.97
CA ASP A 673 -7.27 -47.78 -72.71
C ASP A 673 -5.74 -47.67 -72.79
N LYS A 674 -5.16 -48.10 -73.91
CA LYS A 674 -3.72 -47.97 -74.09
C LYS A 674 -3.30 -46.50 -74.11
N LEU A 675 -4.09 -45.65 -74.76
CA LEU A 675 -3.78 -44.22 -74.77
C LEU A 675 -3.86 -43.62 -73.37
N LYS A 676 -4.83 -44.06 -72.58
CA LYS A 676 -4.95 -43.56 -71.21
C LYS A 676 -3.75 -43.99 -70.37
N HIS A 677 -3.25 -45.21 -70.60
CA HIS A 677 -2.10 -45.73 -69.86
C HIS A 677 -0.83 -44.92 -70.16
N GLU A 690 14.83 -38.64 -56.74
CA GLU A 690 15.79 -38.80 -55.66
C GLU A 690 17.13 -38.16 -56.01
N LYS A 691 17.51 -38.25 -57.28
CA LYS A 691 18.79 -37.70 -57.72
C LYS A 691 18.83 -36.18 -57.57
N VAL A 692 17.74 -35.51 -57.95
CA VAL A 692 17.67 -34.06 -57.80
C VAL A 692 17.78 -33.68 -56.33
N LEU A 693 17.17 -34.47 -55.44
CA LEU A 693 17.27 -34.21 -54.01
C LEU A 693 18.71 -34.34 -53.52
N GLN A 694 19.45 -35.32 -54.04
CA GLN A 694 20.83 -35.50 -53.62
C GLN A 694 21.72 -34.36 -54.12
N SER A 695 21.51 -33.94 -55.37
CA SER A 695 22.24 -32.77 -55.88
C SER A 695 21.95 -31.54 -55.03
N LEU A 696 20.67 -31.33 -54.70
CA LEU A 696 20.30 -30.25 -53.81
C LEU A 696 20.94 -30.42 -52.43
N LYS A 697 21.17 -31.67 -52.00
CA LYS A 697 21.79 -31.90 -50.70
C LYS A 697 23.26 -31.50 -50.71
N ASN A 698 23.98 -31.78 -51.81
CA ASN A 698 25.35 -31.31 -51.91
C ASN A 698 25.40 -29.77 -51.95
N GLN A 699 24.56 -29.18 -52.81
CA GLN A 699 24.45 -27.73 -52.84
C GLN A 699 24.09 -27.17 -51.48
N ASP A 700 23.30 -27.90 -50.69
CA ASP A 700 22.90 -27.46 -49.36
C ASP A 700 23.96 -27.73 -48.30
N ALA A 701 24.94 -28.58 -48.60
CA ALA A 701 26.13 -28.63 -47.76
C ALA A 701 26.93 -27.35 -47.94
N ASN A 702 27.15 -26.95 -49.19
CA ASN A 702 27.79 -25.66 -49.44
C ASN A 702 26.99 -24.51 -48.82
N ILE A 703 25.66 -24.54 -49.01
CA ILE A 703 24.80 -23.48 -48.49
C ILE A 703 24.74 -23.52 -46.97
N LEU A 704 24.81 -24.71 -46.37
CA LEU A 704 24.88 -24.80 -44.91
C LEU A 704 26.14 -24.14 -44.38
N ASN A 705 27.27 -24.37 -45.05
CA ASN A 705 28.51 -23.71 -44.63
C ASN A 705 28.37 -22.19 -44.75
N SER A 706 27.77 -21.72 -45.85
CA SER A 706 27.58 -20.27 -45.99
C SER A 706 26.68 -19.71 -44.89
N PHE A 707 25.60 -20.41 -44.56
CA PHE A 707 24.71 -19.97 -43.50
C PHE A 707 25.43 -19.89 -42.16
N GLU A 708 26.26 -20.90 -41.87
CA GLU A 708 27.01 -20.89 -40.61
C GLU A 708 28.00 -19.75 -40.56
N GLU A 709 28.67 -19.46 -41.69
CA GLU A 709 29.55 -18.30 -41.72
C GLU A 709 28.78 -17.00 -41.47
N ASN A 710 27.61 -16.87 -42.08
CA ASN A 710 26.78 -15.68 -41.85
C ASN A 710 26.41 -15.55 -40.38
N LEU A 711 26.03 -16.66 -39.75
CA LEU A 711 25.68 -16.64 -38.33
C LEU A 711 26.88 -16.21 -37.49
N GLU A 712 28.08 -16.69 -37.85
CA GLU A 712 29.29 -16.28 -37.13
C GLU A 712 29.54 -14.78 -37.27
N LYS A 713 29.37 -14.25 -38.49
CA LYS A 713 29.52 -12.81 -38.67
C LYS A 713 28.53 -12.04 -37.81
N ILE A 714 27.27 -12.49 -37.77
CA ILE A 714 26.25 -11.80 -36.97
C ILE A 714 26.61 -11.82 -35.49
N GLU A 715 27.12 -12.94 -35.00
CA GLU A 715 27.54 -13.00 -33.60
C GLU A 715 28.70 -12.04 -33.33
N LYS A 716 29.65 -11.96 -34.26
CA LYS A 716 30.74 -11.00 -34.12
C LYS A 716 30.22 -9.58 -34.02
N LEU A 717 29.26 -9.23 -34.88
CA LEU A 717 28.69 -7.89 -34.86
C LEU A 717 27.96 -7.61 -33.54
N LYS A 718 27.24 -8.61 -33.02
CA LYS A 718 26.57 -8.48 -31.74
C LYS A 718 27.57 -8.18 -30.63
N GLN A 719 28.69 -8.91 -30.61
CA GLN A 719 29.76 -8.62 -29.64
C GLN A 719 30.26 -7.19 -29.79
N LEU A 720 30.49 -6.77 -31.04
CA LEU A 720 30.99 -5.42 -31.30
C LEU A 720 30.07 -4.36 -30.72
N GLU A 721 28.75 -4.56 -30.80
CA GLU A 721 27.84 -3.52 -30.33
C GLU A 721 27.93 -3.33 -28.81
N MET A 722 28.02 -4.44 -28.06
CA MET A 722 28.21 -4.31 -26.61
C MET A 722 29.53 -3.65 -26.27
N GLY A 723 30.60 -4.01 -27.01
CA GLY A 723 31.86 -3.32 -26.83
C GLY A 723 31.74 -1.82 -27.05
N LEU A 724 31.00 -1.43 -28.10
CA LEU A 724 30.81 -0.01 -28.40
C LEU A 724 30.04 0.68 -27.28
N LEU A 725 29.02 0.02 -26.75
CA LEU A 725 28.26 0.62 -25.65
C LEU A 725 29.14 0.84 -24.43
N ASN A 726 30.02 -0.11 -24.13
CA ASN A 726 30.94 0.07 -23.00
C ASN A 726 31.91 1.22 -23.26
N ALA A 727 32.42 1.32 -24.49
CA ALA A 727 33.30 2.43 -24.84
C ALA A 727 32.59 3.77 -24.66
N ASP A 728 31.32 3.85 -25.05
CA ASP A 728 30.54 5.06 -24.80
C ASP A 728 30.41 5.32 -23.31
N LYS A 729 30.11 4.28 -22.53
CA LYS A 729 29.93 4.43 -21.10
C LYS A 729 31.16 5.03 -20.43
N LEU A 730 32.35 4.66 -20.90
CA LEU A 730 33.59 5.15 -20.29
C LEU A 730 33.75 6.67 -20.38
N HIS A 731 33.02 7.35 -21.27
CA HIS A 731 33.39 8.70 -21.66
C HIS A 731 33.17 9.71 -20.55
N HIS A 732 32.08 9.58 -19.79
CA HIS A 732 31.79 10.55 -18.73
C HIS A 732 31.26 9.85 -17.48
N MET B 1 -11.50 -18.03 22.14
CA MET B 1 -12.33 -17.98 20.94
C MET B 1 -11.54 -17.42 19.75
N LYS B 2 -10.22 -17.36 19.90
CA LYS B 2 -9.38 -16.81 18.83
C LYS B 2 -9.37 -17.70 17.60
N GLU B 3 -9.75 -18.97 17.75
CA GLU B 3 -9.89 -19.84 16.58
C GLU B 3 -10.97 -19.32 15.64
N LEU B 4 -12.07 -18.80 16.19
CA LEU B 4 -13.12 -18.22 15.36
C LEU B 4 -12.61 -17.02 14.58
N PHE B 5 -11.86 -16.14 15.25
CA PHE B 5 -11.36 -14.95 14.58
C PHE B 5 -10.29 -15.30 13.55
N GLN B 6 -9.54 -16.39 13.78
CA GLN B 6 -8.69 -16.93 12.73
C GLN B 6 -9.51 -17.42 11.56
N LYS B 7 -10.66 -18.05 11.83
CA LYS B 7 -11.51 -18.51 10.75
C LYS B 7 -12.03 -17.33 9.91
N ILE B 8 -12.41 -16.23 10.56
CA ILE B 8 -13.11 -15.15 9.86
C ILE B 8 -12.21 -14.00 9.44
N TRP B 9 -11.00 -13.92 9.97
CA TRP B 9 -10.01 -12.89 9.59
C TRP B 9 -8.69 -13.56 9.20
N GLN B 10 -8.78 -14.56 8.31
CA GLN B 10 -7.76 -15.59 8.13
C GLN B 10 -6.33 -15.08 8.23
N ASN B 11 -5.96 -14.13 7.36
CA ASN B 11 -4.63 -13.55 7.40
C ASN B 11 -4.63 -12.09 7.81
N GLU B 12 -5.79 -11.43 7.83
CA GLU B 12 -5.90 -10.05 8.29
C GLU B 12 -6.03 -9.95 9.81
N LEU B 13 -6.08 -11.07 10.51
CA LEU B 13 -6.29 -11.04 11.96
C LEU B 13 -5.14 -10.33 12.66
N GLN B 14 -5.45 -9.58 13.70
CA GLN B 14 -4.48 -8.75 14.39
C GLN B 14 -4.23 -9.28 15.80
N PHE B 15 -3.22 -8.71 16.45
CA PHE B 15 -2.96 -9.01 17.84
C PHE B 15 -4.05 -8.36 18.69
N LEU B 16 -4.85 -9.18 19.37
CA LEU B 16 -6.07 -8.70 20.00
C LEU B 16 -6.17 -9.20 21.44
N ASN B 17 -6.82 -8.38 22.27
CA ASN B 17 -7.13 -8.73 23.65
C ASN B 17 -8.59 -9.19 23.67
N PHE B 18 -8.80 -10.48 23.87
CA PHE B 18 -10.15 -11.06 23.81
C PHE B 18 -10.89 -10.77 25.11
N ASP B 19 -11.24 -9.49 25.25
CA ASP B 19 -11.94 -8.99 26.44
C ASP B 19 -12.95 -7.94 26.01
N ALA B 20 -14.17 -8.03 26.54
CA ALA B 20 -15.20 -7.03 26.32
C ALA B 20 -14.95 -5.86 27.25
N LYS B 21 -14.20 -4.87 26.76
CA LYS B 21 -13.99 -3.67 27.58
C LYS B 21 -15.29 -2.88 27.67
N PHE B 22 -15.83 -2.45 26.51
CA PHE B 22 -17.21 -1.97 26.42
C PHE B 22 -17.67 -1.12 27.58
N GLN B 23 -17.02 0.04 27.79
CA GLN B 23 -17.32 0.82 28.98
C GLN B 23 -18.80 1.19 29.09
N ASP B 24 -19.49 1.32 27.97
CA ASP B 24 -20.94 1.56 27.95
C ASP B 24 -21.58 0.42 27.16
N LYS B 25 -22.22 -0.50 27.87
CA LYS B 25 -22.64 -1.76 27.27
C LYS B 25 -23.87 -1.61 26.37
N SER B 26 -24.65 -0.53 26.52
CA SER B 26 -25.79 -0.27 25.64
C SER B 26 -25.41 0.60 24.46
N LYS B 27 -24.16 0.54 24.01
CA LYS B 27 -23.69 1.44 22.96
C LYS B 27 -24.40 1.19 21.63
N LEU B 28 -24.76 -0.06 21.35
CA LEU B 28 -25.41 -0.41 20.10
C LEU B 28 -26.41 -1.54 20.34
N ASP B 29 -27.44 -1.58 19.51
CA ASP B 29 -28.48 -2.60 19.64
C ASP B 29 -28.09 -3.86 18.88
N THR B 30 -28.98 -4.86 18.89
CA THR B 30 -28.62 -6.18 18.39
C THR B 30 -28.47 -6.22 16.88
N ALA B 31 -29.26 -5.42 16.14
CA ALA B 31 -29.07 -5.36 14.70
C ALA B 31 -27.71 -4.77 14.36
N GLU B 32 -27.34 -3.69 15.05
CA GLU B 32 -26.02 -3.10 14.82
C GLU B 32 -24.91 -4.05 15.23
N CYS B 33 -25.11 -4.81 16.30
CA CYS B 33 -24.13 -5.82 16.69
C CYS B 33 -23.98 -6.87 15.60
N ALA B 34 -25.09 -7.32 15.01
CA ALA B 34 -25.01 -8.31 13.94
C ALA B 34 -24.27 -7.74 12.73
N ILE B 35 -24.55 -6.48 12.39
CA ILE B 35 -23.83 -5.85 11.29
C ILE B 35 -22.33 -5.83 11.57
N ILE B 36 -21.95 -5.43 12.78
CA ILE B 36 -20.53 -5.39 13.13
C ILE B 36 -19.92 -6.79 13.05
N LEU B 37 -20.65 -7.81 13.50
CA LEU B 37 -20.15 -9.17 13.40
C LEU B 37 -19.99 -9.62 11.95
N SER B 38 -20.83 -9.09 11.06
CA SER B 38 -20.86 -9.55 9.68
C SER B 38 -19.80 -8.88 8.80
N VAL B 39 -18.72 -8.34 9.38
CA VAL B 39 -17.69 -7.69 8.57
C VAL B 39 -16.88 -8.74 7.80
N ASN B 40 -16.38 -9.76 8.49
CA ASN B 40 -16.06 -11.07 7.94
C ASN B 40 -14.83 -11.10 7.04
N LYS B 41 -14.08 -9.99 6.93
CA LYS B 41 -12.77 -9.91 6.30
C LYS B 41 -12.80 -10.02 4.77
N ASP B 42 -13.90 -10.50 4.20
CA ASP B 42 -14.04 -10.51 2.76
C ASP B 42 -15.03 -9.47 2.29
N ASN B 43 -15.79 -8.91 3.22
CA ASN B 43 -16.68 -7.78 2.97
C ASN B 43 -16.09 -6.47 3.48
N TYR B 44 -14.94 -6.52 4.15
CA TYR B 44 -14.54 -5.41 5.01
C TYR B 44 -14.20 -4.16 4.22
N GLU B 45 -13.53 -4.30 3.08
CA GLU B 45 -13.27 -3.10 2.27
C GLU B 45 -14.57 -2.48 1.80
N ARG B 46 -15.50 -3.30 1.30
CA ARG B 46 -16.78 -2.77 0.84
C ARG B 46 -17.55 -2.13 1.99
N TYR B 47 -17.62 -2.81 3.13
CA TYR B 47 -18.32 -2.25 4.28
C TYR B 47 -17.73 -0.90 4.67
N PHE B 48 -16.40 -0.81 4.71
CA PHE B 48 -15.75 0.44 5.09
C PHE B 48 -16.02 1.54 4.08
N LEU B 49 -16.13 1.19 2.79
CA LEU B 49 -16.41 2.20 1.78
C LEU B 49 -17.89 2.56 1.72
N LEU B 50 -18.77 1.74 2.29
CA LEU B 50 -20.19 2.03 2.30
C LEU B 50 -20.49 3.19 3.24
N LYS B 51 -21.10 4.25 2.71
CA LYS B 51 -21.34 5.42 3.54
C LYS B 51 -22.25 5.11 4.72
N GLU B 52 -23.27 4.27 4.49
CA GLU B 52 -24.18 3.91 5.57
C GLU B 52 -23.47 3.18 6.69
N PHE B 53 -22.51 2.31 6.35
CA PHE B 53 -21.72 1.64 7.38
C PHE B 53 -20.86 2.64 8.16
N GLN B 54 -20.34 3.67 7.47
CA GLN B 54 -19.58 4.71 8.16
C GLN B 54 -20.46 5.50 9.10
N GLU B 55 -21.68 5.83 8.67
CA GLU B 55 -22.63 6.49 9.55
C GLU B 55 -22.93 5.63 10.76
N LEU B 56 -23.12 4.33 10.54
CA LEU B 56 -23.36 3.40 11.65
C LEU B 56 -22.21 3.45 12.65
N CYS B 57 -20.97 3.36 12.15
CA CYS B 57 -19.81 3.32 13.04
C CYS B 57 -19.60 4.66 13.75
N LYS B 58 -19.99 5.76 13.12
CA LYS B 58 -19.97 7.04 13.81
C LYS B 58 -21.03 7.10 14.90
N LYS B 59 -22.19 6.47 14.64
CA LYS B 59 -23.21 6.34 15.67
C LYS B 59 -22.72 5.52 16.85
N ILE B 60 -21.94 4.46 16.58
CA ILE B 60 -21.46 3.56 17.64
C ILE B 60 -20.16 4.04 18.27
N ASP B 61 -19.55 5.10 17.73
CA ASP B 61 -18.21 5.54 18.15
C ASP B 61 -17.17 4.47 17.83
N LEU B 62 -17.10 4.14 16.54
CA LEU B 62 -16.15 3.17 16.01
C LEU B 62 -15.27 3.83 14.95
N ARG B 63 -14.11 3.21 14.72
CA ARG B 63 -13.31 3.48 13.54
C ARG B 63 -13.78 2.55 12.42
N VAL B 64 -13.21 2.73 11.23
CA VAL B 64 -13.47 1.79 10.14
C VAL B 64 -12.18 1.06 9.82
N ASP B 65 -11.26 1.00 10.79
CA ASP B 65 -10.06 0.23 10.60
C ASP B 65 -10.30 -1.24 10.92
N ILE B 66 -9.36 -2.08 10.49
CA ILE B 66 -9.48 -3.52 10.70
C ILE B 66 -9.48 -3.84 12.20
N PHE B 67 -8.52 -3.24 12.92
CA PHE B 67 -8.32 -3.58 14.32
C PHE B 67 -9.55 -3.19 15.16
N SER B 68 -10.09 -2.00 14.92
CA SER B 68 -11.26 -1.57 15.69
C SER B 68 -12.45 -2.47 15.42
N MET B 69 -12.65 -2.88 14.16
CA MET B 69 -13.72 -3.82 13.85
C MET B 69 -13.53 -5.13 14.59
N GLN B 70 -12.32 -5.68 14.57
CA GLN B 70 -12.08 -6.96 15.24
C GLN B 70 -12.28 -6.85 16.74
N ASN B 71 -11.78 -5.77 17.35
CA ASN B 71 -11.96 -5.54 18.77
C ASN B 71 -13.43 -5.39 19.12
N ALA B 72 -14.18 -4.65 18.31
CA ALA B 72 -15.61 -4.51 18.51
C ALA B 72 -16.31 -5.87 18.45
N GLN B 73 -15.93 -6.70 17.48
CA GLN B 73 -16.50 -8.04 17.39
C GLN B 73 -16.19 -8.85 18.64
N ILE B 74 -14.94 -8.78 19.10
CA ILE B 74 -14.54 -9.47 20.33
C ILE B 74 -15.45 -9.08 21.48
N CYS B 75 -15.60 -7.77 21.70
CA CYS B 75 -16.34 -7.34 22.89
C CYS B 75 -17.83 -7.59 22.75
N ILE B 76 -18.37 -7.50 21.53
CA ILE B 76 -19.75 -7.89 21.28
C ILE B 76 -19.95 -9.35 21.69
N LEU B 77 -19.04 -10.23 21.27
CA LEU B 77 -19.20 -11.64 21.58
C LEU B 77 -19.07 -11.91 23.08
N ASN B 78 -18.16 -11.20 23.75
CA ASN B 78 -18.03 -11.40 25.19
C ASN B 78 -19.23 -10.85 25.96
N LEU B 79 -19.85 -9.78 25.46
CA LEU B 79 -21.13 -9.35 26.02
C LEU B 79 -22.21 -10.39 25.76
N PHE B 80 -22.17 -11.01 24.58
CA PHE B 80 -23.11 -12.09 24.28
C PHE B 80 -22.97 -13.22 25.27
N LYS B 81 -21.74 -13.59 25.62
CA LYS B 81 -21.53 -14.57 26.68
C LYS B 81 -21.98 -14.03 28.04
N SER B 82 -21.86 -12.72 28.25
CA SER B 82 -22.10 -12.08 29.55
C SER B 82 -23.59 -11.89 29.82
N GLY B 83 -23.92 -10.98 30.74
CA GLY B 83 -25.30 -10.64 31.06
C GLY B 83 -25.92 -9.90 29.90
N PHE B 84 -26.17 -10.65 28.84
CA PHE B 84 -26.22 -10.13 27.48
C PHE B 84 -27.26 -9.04 27.30
N ILE B 85 -26.87 -8.01 26.53
CA ILE B 85 -27.85 -7.31 25.71
C ILE B 85 -28.15 -8.14 24.47
N SER B 86 -27.27 -9.08 24.13
CA SER B 86 -27.37 -9.88 22.93
C SER B 86 -28.08 -11.19 23.27
N LYS B 87 -29.40 -11.21 23.08
CA LYS B 87 -30.10 -12.48 23.04
C LYS B 87 -29.61 -13.27 21.83
N GLN B 88 -30.10 -14.49 21.68
CA GLN B 88 -29.85 -15.23 20.45
C GLN B 88 -30.83 -14.84 19.35
N ASP B 89 -31.70 -13.85 19.62
CA ASP B 89 -32.35 -13.04 18.60
C ASP B 89 -31.35 -12.70 17.51
N LEU B 90 -30.12 -12.41 17.93
CA LEU B 90 -28.97 -12.12 17.09
C LEU B 90 -28.95 -13.00 15.85
N LEU B 91 -29.17 -14.31 16.04
CA LEU B 91 -29.09 -15.25 14.93
C LEU B 91 -30.03 -14.82 13.80
N LYS B 92 -31.29 -14.53 14.13
CA LYS B 92 -32.22 -13.93 13.18
C LYS B 92 -31.52 -12.87 12.34
N ALA B 93 -31.04 -11.83 13.02
CA ALA B 93 -30.42 -10.71 12.34
C ALA B 93 -29.33 -11.18 11.39
N LEU B 94 -28.46 -12.08 11.87
CA LEU B 94 -27.37 -12.54 11.01
C LEU B 94 -27.92 -13.25 9.78
N LYS B 95 -28.92 -14.11 9.97
CA LYS B 95 -29.57 -14.75 8.81
C LYS B 95 -30.11 -13.70 7.86
N ILE B 96 -30.70 -12.63 8.40
CA ILE B 96 -31.11 -11.50 7.55
C ILE B 96 -29.91 -10.98 6.77
N LEU B 97 -28.83 -10.64 7.49
CA LEU B 97 -27.63 -10.17 6.83
C LEU B 97 -27.01 -11.22 5.92
N GLU B 98 -27.52 -12.46 5.96
CA GLU B 98 -27.12 -13.48 5.01
C GLU B 98 -27.38 -13.06 3.57
N LYS B 99 -28.24 -12.06 3.35
CA LYS B 99 -28.40 -11.50 2.02
C LYS B 99 -27.05 -11.05 1.45
N ILE B 100 -26.29 -10.31 2.26
CA ILE B 100 -24.99 -9.79 1.86
C ILE B 100 -23.88 -10.78 2.19
N SER B 101 -23.71 -11.05 3.49
CA SER B 101 -22.50 -11.66 4.01
C SER B 101 -22.71 -13.13 4.34
N LYS B 102 -21.68 -13.93 4.05
CA LYS B 102 -21.62 -15.29 4.58
C LYS B 102 -21.25 -15.22 6.05
N ASN B 103 -22.25 -15.22 6.92
CA ASN B 103 -22.05 -15.12 8.36
C ASN B 103 -21.93 -16.47 9.03
N THR B 104 -21.51 -17.49 8.29
CA THR B 104 -21.67 -18.88 8.74
C THR B 104 -20.95 -19.13 10.06
N GLU B 105 -19.67 -18.76 10.15
CA GLU B 105 -18.89 -19.15 11.30
C GLU B 105 -19.32 -18.42 12.56
N ILE B 106 -19.55 -17.11 12.46
CA ILE B 106 -20.05 -16.35 13.60
C ILE B 106 -21.43 -16.87 14.01
N PHE B 107 -22.25 -17.22 13.03
CA PHE B 107 -23.58 -17.75 13.33
C PHE B 107 -23.48 -19.04 14.13
N ASP B 108 -22.64 -19.97 13.68
CA ASP B 108 -22.49 -21.24 14.38
C ASP B 108 -21.88 -21.04 15.77
N PHE B 109 -20.95 -20.09 15.90
CA PHE B 109 -20.36 -19.81 17.20
C PHE B 109 -21.40 -19.27 18.17
N ILE B 110 -22.24 -18.34 17.71
CA ILE B 110 -23.33 -17.83 18.55
C ILE B 110 -24.29 -18.96 18.92
N LEU B 111 -24.55 -19.86 17.97
CA LEU B 111 -25.49 -20.95 18.22
C LEU B 111 -24.97 -21.89 19.29
N GLN B 112 -23.77 -22.45 19.10
CA GLN B 112 -23.29 -23.58 19.87
C GLN B 112 -22.45 -23.18 21.08
N GLU B 113 -22.58 -21.94 21.56
CA GLU B 113 -21.92 -21.50 22.79
C GLU B 113 -22.98 -21.22 23.84
N LYS B 114 -22.86 -21.89 24.99
CA LYS B 114 -23.79 -21.69 26.09
C LYS B 114 -23.35 -20.48 26.90
N VAL B 115 -24.29 -19.60 27.20
CA VAL B 115 -23.98 -18.28 27.75
C VAL B 115 -24.47 -18.18 29.19
N GLN B 116 -24.20 -17.03 29.82
CA GLN B 116 -24.48 -16.84 31.24
C GLN B 116 -25.94 -16.46 31.42
N SER B 117 -26.75 -17.40 31.89
CA SER B 117 -28.14 -17.10 32.25
C SER B 117 -28.15 -16.11 33.41
N ILE B 118 -29.09 -15.17 33.38
CA ILE B 118 -29.02 -14.03 34.29
C ILE B 118 -30.32 -13.73 35.01
N ASP B 119 -31.42 -14.38 34.59
CA ASP B 119 -32.74 -14.20 35.24
C ASP B 119 -33.13 -12.71 35.22
N GLN B 120 -33.37 -12.22 34.00
CA GLN B 120 -33.52 -10.78 33.77
C GLN B 120 -34.64 -10.16 34.59
N LYS B 121 -35.65 -10.92 35.01
CA LYS B 121 -36.68 -10.34 35.86
C LYS B 121 -36.14 -10.00 37.25
N ALA B 122 -35.24 -10.84 37.77
CA ALA B 122 -34.57 -10.50 39.02
C ALA B 122 -33.76 -9.23 38.86
N LEU B 123 -33.08 -9.07 37.71
CA LEU B 123 -32.36 -7.83 37.43
C LEU B 123 -33.31 -6.64 37.38
N PHE B 124 -34.50 -6.83 36.79
CA PHE B 124 -35.49 -5.77 36.77
C PHE B 124 -35.88 -5.35 38.18
N GLN B 125 -36.18 -6.34 39.03
CA GLN B 125 -36.59 -6.03 40.40
C GLN B 125 -35.47 -5.33 41.16
N ASN B 126 -34.23 -5.78 40.97
CA ASN B 126 -33.10 -5.15 41.63
C ASN B 126 -32.95 -3.69 41.20
N ASP B 127 -32.98 -3.44 39.89
CA ASP B 127 -32.83 -2.07 39.41
C ASP B 127 -33.98 -1.19 39.85
N PHE B 128 -35.20 -1.74 39.83
CA PHE B 128 -36.37 -0.95 40.22
C PHE B 128 -36.31 -0.57 41.69
N LYS B 129 -35.87 -1.49 42.56
CA LYS B 129 -35.77 -1.15 43.97
C LYS B 129 -34.56 -0.27 44.26
N GLU B 130 -33.51 -0.35 43.44
CA GLU B 130 -32.45 0.66 43.48
C GLU B 130 -33.03 2.05 43.22
N LEU B 131 -33.84 2.17 42.18
CA LEU B 131 -34.44 3.46 41.84
C LEU B 131 -35.40 3.92 42.94
N ASN B 132 -36.11 2.97 43.55
CA ASN B 132 -36.98 3.31 44.69
C ASN B 132 -36.16 3.86 45.85
N THR B 133 -35.02 3.24 46.14
CA THR B 133 -34.16 3.73 47.21
C THR B 133 -33.63 5.13 46.90
N ILE B 134 -33.26 5.38 45.64
CA ILE B 134 -32.78 6.71 45.26
C ILE B 134 -33.90 7.74 45.40
N ASN B 135 -35.13 7.35 45.02
CA ASN B 135 -36.27 8.24 45.21
C ASN B 135 -36.47 8.56 46.69
N LEU B 136 -36.40 7.54 47.55
CA LEU B 136 -36.55 7.77 48.98
C LEU B 136 -35.47 8.71 49.50
N GLU B 137 -34.22 8.52 49.06
CA GLU B 137 -33.14 9.40 49.51
C GLU B 137 -33.38 10.83 49.04
N LEU B 138 -33.85 11.01 47.80
CA LEU B 138 -34.17 12.36 47.33
C LEU B 138 -35.30 12.97 48.16
N GLN B 139 -36.26 12.16 48.58
CA GLN B 139 -37.36 12.66 49.40
C GLN B 139 -36.89 13.15 50.76
N LYS B 140 -35.74 12.67 51.23
CA LYS B 140 -35.29 13.02 52.57
C LYS B 140 -34.83 14.47 52.62
N LEU B 141 -35.74 15.36 52.97
CA LEU B 141 -35.45 16.79 53.08
C LEU B 141 -34.78 17.33 51.81
N ASP B 144 -38.79 22.35 49.11
CA ASP B 144 -38.52 20.92 49.14
C ASP B 144 -39.81 20.11 49.15
N GLU B 145 -40.86 20.66 49.77
CA GLU B 145 -42.10 19.92 49.91
C GLU B 145 -42.72 19.60 48.56
N ASN B 146 -42.72 20.57 47.64
CA ASN B 146 -43.21 20.31 46.29
C ASN B 146 -42.41 19.19 45.62
N LEU B 147 -41.09 19.21 45.78
CA LEU B 147 -40.26 18.17 45.19
C LEU B 147 -40.55 16.81 45.82
N LYS B 148 -40.76 16.79 47.14
CA LYS B 148 -41.12 15.54 47.81
C LYS B 148 -42.43 14.99 47.25
N SER B 149 -43.43 15.85 47.08
CA SER B 149 -44.71 15.40 46.55
C SER B 149 -44.57 14.90 45.12
N ARG B 150 -43.76 15.58 44.31
CA ARG B 150 -43.50 15.11 42.95
C ARG B 150 -42.85 13.74 42.94
N LEU B 151 -41.86 13.53 43.81
CA LEU B 151 -41.20 12.24 43.89
C LEU B 151 -42.17 11.14 44.32
N GLN B 152 -43.04 11.46 45.30
CA GLN B 152 -44.04 10.50 45.75
C GLN B 152 -44.99 10.13 44.62
N LYS B 153 -45.45 11.13 43.85
CA LYS B 153 -46.34 10.87 42.73
C LYS B 153 -45.65 10.01 41.68
N THR B 154 -44.37 10.28 41.40
CA THR B 154 -43.63 9.48 40.43
C THR B 154 -43.53 8.03 40.88
N LEU B 155 -43.18 7.83 42.15
CA LEU B 155 -43.08 6.47 42.68
C LEU B 155 -44.43 5.75 42.62
N GLU B 156 -45.51 6.47 42.92
CA GLU B 156 -46.83 5.85 42.86
C GLU B 156 -47.20 5.49 41.42
N LYS B 157 -46.79 6.32 40.46
CA LYS B 157 -47.06 6.00 39.06
C LYS B 157 -46.30 4.76 38.63
N PHE B 158 -45.00 4.68 38.97
CA PHE B 158 -44.19 3.56 38.52
C PHE B 158 -44.44 2.28 39.32
N GLN B 159 -45.09 2.38 40.47
CA GLN B 159 -45.43 1.20 41.25
C GLN B 159 -46.75 0.61 40.77
N ASN B 160 -46.72 -0.66 40.38
CA ASN B 160 -47.92 -1.44 40.09
C ASN B 160 -48.79 -0.78 39.00
N LEU B 161 -48.21 -0.68 37.81
CA LEU B 161 -48.93 -0.18 36.65
C LEU B 161 -49.20 -1.35 35.70
N GLU B 162 -50.46 -1.51 35.30
CA GLU B 162 -50.90 -2.73 34.65
C GLU B 162 -50.16 -2.97 33.34
N PHE B 163 -49.83 -4.23 33.09
CA PHE B 163 -49.28 -4.69 31.84
C PHE B 163 -50.37 -5.46 31.12
N ASN B 164 -50.80 -4.97 29.96
CA ASN B 164 -51.99 -5.48 29.28
C ASN B 164 -51.58 -6.43 28.16
N ILE B 165 -52.06 -7.67 28.24
CA ILE B 165 -51.86 -8.68 27.22
C ILE B 165 -53.18 -8.85 26.49
N ALA B 166 -53.26 -8.36 25.26
CA ALA B 166 -54.35 -8.78 24.39
C ALA B 166 -54.02 -10.17 23.83
N ILE B 167 -55.07 -10.97 23.65
CA ILE B 167 -54.91 -12.32 23.11
C ILE B 167 -56.01 -12.55 22.09
N THR B 168 -55.62 -13.04 20.91
CA THR B 168 -56.50 -13.12 19.75
C THR B 168 -56.38 -14.52 19.16
N GLY B 169 -57.17 -14.77 18.13
CA GLY B 169 -57.08 -16.02 17.40
C GLY B 169 -58.40 -16.38 16.74
N VAL B 170 -58.32 -17.36 15.84
CA VAL B 170 -59.52 -17.91 15.23
C VAL B 170 -60.30 -18.70 16.28
N MET B 171 -61.58 -18.94 15.99
CA MET B 171 -62.45 -19.56 16.98
C MET B 171 -62.01 -20.99 17.31
N ASN B 172 -61.79 -21.81 16.27
CA ASN B 172 -61.49 -23.23 16.49
C ASN B 172 -60.24 -23.42 17.33
N ALA B 173 -59.25 -22.52 17.20
CA ALA B 173 -58.04 -22.63 18.01
C ALA B 173 -58.36 -22.71 19.48
N GLY B 174 -59.25 -21.83 19.95
CA GLY B 174 -59.67 -21.87 21.35
C GLY B 174 -58.72 -21.09 22.24
N LYS B 175 -59.26 -20.15 22.99
CA LYS B 175 -58.47 -19.26 23.85
C LYS B 175 -58.85 -19.35 25.31
N SER B 176 -60.15 -19.40 25.62
CA SER B 176 -60.58 -19.57 27.00
C SER B 176 -59.98 -20.82 27.61
N SER B 177 -59.83 -21.88 26.82
CA SER B 177 -59.16 -23.09 27.29
C SER B 177 -57.72 -22.81 27.67
N LEU B 178 -57.04 -21.96 26.89
CA LEU B 178 -55.64 -21.66 27.19
C LEU B 178 -55.50 -20.78 28.43
N LEU B 179 -56.39 -19.79 28.58
CA LEU B 179 -56.36 -18.96 29.78
C LEU B 179 -56.58 -19.80 31.03
N ASN B 180 -57.41 -20.84 30.92
CA ASN B 180 -57.60 -21.76 32.04
C ASN B 180 -56.28 -22.41 32.44
N ALA B 181 -55.51 -22.89 31.45
CA ALA B 181 -54.23 -23.53 31.77
C ALA B 181 -53.24 -22.53 32.35
N LEU B 182 -53.23 -21.31 31.82
CA LEU B 182 -52.29 -20.30 32.32
C LEU B 182 -52.60 -19.93 33.77
N LEU B 183 -53.88 -19.79 34.10
CA LEU B 183 -54.27 -19.45 35.46
C LEU B 183 -54.30 -20.67 36.37
N LYS B 184 -54.10 -21.87 35.82
CA LYS B 184 -53.94 -23.11 36.59
C LYS B 184 -55.19 -23.45 37.39
N GLU B 185 -56.33 -23.45 36.70
CA GLU B 185 -57.60 -23.94 37.23
C GLU B 185 -58.60 -23.95 36.08
N ASP B 186 -59.84 -24.34 36.39
CA ASP B 186 -60.95 -24.26 35.45
C ASP B 186 -61.78 -23.04 35.83
N PHE B 187 -61.42 -21.88 35.28
CA PHE B 187 -62.22 -20.66 35.46
C PHE B 187 -62.26 -19.98 34.09
N LEU B 188 -63.17 -20.43 33.24
CA LEU B 188 -63.76 -19.70 32.11
C LEU B 188 -64.76 -20.59 31.40
N GLY B 189 -65.62 -19.98 30.60
CA GLY B 189 -66.60 -20.71 29.82
C GLY B 189 -66.00 -21.63 28.77
N VAL B 190 -66.45 -22.88 28.76
CA VAL B 190 -65.93 -23.91 27.85
C VAL B 190 -67.10 -24.60 27.16
N GLU B 195 -71.95 -20.63 17.59
CA GLU B 195 -72.47 -19.30 17.85
C GLU B 195 -71.55 -18.57 18.83
N THR B 196 -71.31 -17.28 18.62
CA THR B 196 -70.33 -16.64 19.48
C THR B 196 -70.33 -15.12 19.36
N ALA B 197 -70.23 -14.46 20.51
CA ALA B 197 -69.01 -13.71 20.86
C ALA B 197 -69.25 -12.75 22.03
N ASN B 198 -68.17 -12.38 22.74
CA ASN B 198 -68.11 -11.22 23.61
C ASN B 198 -66.68 -11.07 24.14
N LEU B 199 -66.27 -9.81 24.32
CA LEU B 199 -64.95 -9.53 24.88
C LEU B 199 -64.90 -9.93 26.35
N THR B 200 -63.71 -10.33 26.81
CA THR B 200 -63.51 -10.71 28.20
C THR B 200 -62.28 -10.04 28.75
N VAL B 201 -62.42 -9.29 29.84
CA VAL B 201 -61.33 -8.52 30.43
C VAL B 201 -61.06 -9.08 31.82
N LEU B 202 -59.98 -9.83 31.98
CA LEU B 202 -59.56 -10.31 33.29
C LEU B 202 -58.59 -9.29 33.88
N SER B 203 -59.06 -8.51 34.85
CA SER B 203 -58.24 -7.57 35.59
C SER B 203 -58.08 -8.04 37.03
N TYR B 204 -57.27 -7.31 37.79
CA TYR B 204 -57.07 -7.60 39.21
C TYR B 204 -57.75 -6.53 40.05
N GLY B 205 -58.49 -6.97 41.05
CA GLY B 205 -59.15 -6.06 41.96
C GLY B 205 -59.32 -6.66 43.35
N LYS B 206 -60.20 -6.06 44.15
CA LYS B 206 -60.46 -6.52 45.50
C LYS B 206 -61.82 -7.21 45.63
N SER B 207 -62.27 -7.84 44.54
CA SER B 207 -63.61 -8.43 44.49
C SER B 207 -63.62 -9.59 43.51
N GLU B 208 -64.77 -10.26 43.46
CA GLU B 208 -65.05 -11.27 42.44
C GLU B 208 -66.09 -10.75 41.43
N GLU B 209 -66.07 -9.45 41.19
CA GLU B 209 -67.08 -8.78 40.38
C GLU B 209 -66.91 -9.12 38.91
N ALA B 210 -68.02 -9.12 38.18
CA ALA B 210 -68.06 -9.57 36.78
C ALA B 210 -68.93 -8.65 35.92
N LYS B 211 -68.67 -7.35 35.99
CA LYS B 211 -69.43 -6.34 35.25
C LYS B 211 -69.69 -6.73 33.80
N ILE B 212 -70.90 -6.45 33.32
CA ILE B 212 -71.38 -6.86 32.01
C ILE B 212 -71.80 -5.64 31.20
N TYR B 213 -71.56 -5.70 29.88
CA TYR B 213 -71.96 -4.64 28.95
C TYR B 213 -72.69 -5.25 27.76
N PHE B 214 -73.80 -4.62 27.38
CA PHE B 214 -74.57 -4.99 26.20
C PHE B 214 -74.41 -3.94 25.10
N TRP B 215 -75.00 -4.24 23.94
CA TRP B 215 -75.04 -3.29 22.83
C TRP B 215 -76.00 -2.15 23.17
N ASP B 216 -75.47 -0.93 23.27
CA ASP B 216 -76.26 0.20 23.79
C ASP B 216 -76.82 1.06 22.66
N LYS B 217 -77.76 0.45 21.91
CA LYS B 217 -78.79 1.11 21.11
C LYS B 217 -78.30 1.80 19.84
N LYS B 218 -77.00 2.06 19.73
CA LYS B 218 -76.41 2.48 18.47
C LYS B 218 -75.66 1.34 17.82
N GLU B 219 -74.98 0.57 18.67
CA GLU B 219 -74.28 -0.63 18.24
C GLU B 219 -75.25 -1.67 17.69
N TRP B 220 -76.42 -1.82 18.33
CA TRP B 220 -77.41 -2.75 17.80
C TRP B 220 -78.02 -2.25 16.50
N GLN B 221 -78.25 -0.95 16.39
CA GLN B 221 -78.70 -0.39 15.11
C GLN B 221 -77.70 -0.69 14.02
N ASN B 222 -76.40 -0.54 14.32
CA ASN B 222 -75.37 -0.84 13.35
C ASN B 222 -75.37 -2.32 12.97
N ILE B 223 -75.53 -3.19 13.96
CA ILE B 223 -75.57 -4.63 13.70
C ILE B 223 -76.74 -4.97 12.79
N LEU B 224 -77.90 -4.35 13.04
CA LEU B 224 -79.06 -4.61 12.20
C LEU B 224 -78.84 -4.08 10.79
N GLU B 225 -78.21 -2.91 10.65
CA GLU B 225 -77.90 -2.41 9.32
C GLU B 225 -76.98 -3.37 8.57
N SER B 226 -75.95 -3.88 9.24
CA SER B 226 -75.02 -4.79 8.57
C SER B 226 -75.64 -6.16 8.30
N SER B 227 -76.66 -6.55 9.07
CA SER B 227 -77.35 -7.79 8.80
C SER B 227 -77.91 -7.84 7.38
N HIS B 228 -78.28 -6.67 6.83
CA HIS B 228 -78.79 -6.63 5.46
C HIS B 228 -77.78 -7.19 4.47
N PHE B 229 -76.49 -7.00 4.73
CA PHE B 229 -75.42 -7.35 3.81
C PHE B 229 -74.78 -8.70 4.14
N ASN B 230 -74.58 -9.00 5.41
CA ASN B 230 -74.10 -10.31 5.84
C ASN B 230 -75.32 -11.22 6.04
N ALA B 231 -75.43 -12.24 5.19
CA ALA B 231 -76.61 -13.10 5.23
C ALA B 231 -76.60 -13.97 6.49
N ASP B 232 -75.45 -14.52 6.86
CA ASP B 232 -75.38 -15.39 8.03
C ASP B 232 -75.71 -14.62 9.30
N LEU B 233 -75.20 -13.39 9.40
CA LEU B 233 -75.53 -12.56 10.56
C LEU B 233 -77.02 -12.26 10.63
N LYS B 234 -77.64 -11.99 9.47
CA LYS B 234 -79.08 -11.72 9.47
C LYS B 234 -79.87 -12.95 9.91
N GLU B 235 -79.50 -14.13 9.40
CA GLU B 235 -80.14 -15.36 9.84
C GLU B 235 -80.04 -15.53 11.35
N PHE B 236 -78.83 -15.32 11.89
CA PHE B 236 -78.67 -15.47 13.33
C PHE B 236 -79.40 -14.40 14.12
N ILE B 237 -79.51 -13.19 13.60
CA ILE B 237 -80.25 -12.15 14.30
C ILE B 237 -81.75 -12.49 14.33
N ASP B 238 -82.25 -13.09 13.25
CA ASP B 238 -83.62 -13.59 13.28
C ASP B 238 -83.79 -14.66 14.36
N LYS B 239 -82.89 -15.65 14.35
CA LYS B 239 -82.94 -16.72 15.35
C LYS B 239 -82.91 -16.17 16.76
N LEU B 240 -82.07 -15.16 17.00
CA LEU B 240 -82.06 -14.49 18.30
C LEU B 240 -83.39 -13.79 18.56
N ASP B 241 -83.95 -13.14 17.53
CA ASP B 241 -85.19 -12.40 17.66
C ASP B 241 -86.38 -13.31 17.96
N LYS B 242 -86.24 -14.63 17.83
CA LYS B 242 -87.30 -15.49 18.33
C LYS B 242 -87.43 -15.36 19.84
N SER B 243 -86.31 -15.14 20.55
CA SER B 243 -86.29 -14.94 22.00
C SER B 243 -85.97 -13.47 22.25
N VAL B 244 -87.01 -12.65 22.36
CA VAL B 244 -86.81 -11.22 22.49
C VAL B 244 -86.56 -10.87 23.95
N ASN B 245 -85.31 -10.98 24.38
CA ASN B 245 -84.90 -10.39 25.64
C ASN B 245 -84.70 -8.89 25.52
N ILE B 246 -84.76 -8.36 24.30
CA ILE B 246 -84.68 -6.91 24.08
C ILE B 246 -85.69 -6.20 24.97
N GLU B 247 -86.90 -6.74 25.06
CA GLU B 247 -87.98 -6.14 25.84
C GLU B 247 -87.80 -6.37 27.33
N PRO B 254 -80.64 -4.69 27.46
CA PRO B 254 -80.45 -4.94 26.03
C PRO B 254 -80.92 -3.77 25.18
N LEU B 255 -80.91 -2.57 25.77
CA LEU B 255 -81.55 -1.41 25.20
C LEU B 255 -80.83 -0.12 25.59
N ILE B 256 -81.58 0.99 25.60
CA ILE B 256 -81.13 2.31 25.17
C ILE B 256 -79.75 2.75 25.67
N GLN B 257 -79.57 2.96 26.97
CA GLN B 257 -78.43 3.77 27.40
C GLN B 257 -77.43 3.03 28.29
N ASN B 258 -77.85 2.51 29.44
CA ASN B 258 -76.92 2.03 30.45
C ASN B 258 -77.27 0.58 30.78
N ILE B 259 -76.47 -0.34 30.27
CA ILE B 259 -76.56 -1.75 30.66
C ILE B 259 -75.20 -2.11 31.25
N ALA B 260 -75.06 -1.94 32.56
CA ALA B 260 -73.87 -2.35 33.30
C ALA B 260 -74.34 -3.24 34.45
N LEU B 261 -74.55 -4.51 34.15
CA LEU B 261 -74.89 -5.47 35.20
C LEU B 261 -73.65 -5.75 36.02
N CYS B 262 -73.76 -5.60 37.33
CA CYS B 262 -72.57 -5.53 38.18
C CYS B 262 -71.98 -6.89 38.52
N GLU B 263 -72.76 -7.97 38.52
CA GLU B 263 -72.21 -9.25 38.92
C GLU B 263 -72.96 -10.39 38.22
N LEU B 264 -72.25 -11.48 37.99
CA LEU B 264 -72.82 -12.73 37.54
C LEU B 264 -72.11 -13.86 38.31
N LYS B 265 -72.42 -15.10 37.97
CA LYS B 265 -71.64 -16.21 38.51
C LYS B 265 -71.65 -17.36 37.51
N ASN B 266 -70.55 -17.49 36.75
CA ASN B 266 -70.18 -18.74 36.09
C ASN B 266 -71.31 -19.30 35.23
N PHE B 267 -72.13 -18.42 34.67
CA PHE B 267 -73.37 -18.85 34.02
C PHE B 267 -73.15 -18.98 32.52
N SER B 268 -73.44 -20.18 31.99
CA SER B 268 -73.43 -20.43 30.56
C SER B 268 -74.83 -20.33 29.95
N SER B 269 -75.77 -19.70 30.67
CA SER B 269 -77.05 -19.39 30.06
C SER B 269 -76.91 -18.37 28.95
N ALA B 270 -75.87 -17.51 29.02
CA ALA B 270 -75.60 -16.59 27.93
C ALA B 270 -75.24 -17.33 26.66
N LYS B 271 -74.66 -18.53 26.78
CA LYS B 271 -74.44 -19.36 25.60
C LYS B 271 -75.75 -19.66 24.88
N ASN B 272 -76.88 -19.57 25.59
CA ASN B 272 -78.20 -19.68 24.96
C ASN B 272 -78.62 -18.34 24.35
N LYS B 273 -77.76 -17.85 23.46
CA LYS B 273 -78.01 -16.78 22.50
C LYS B 273 -78.06 -15.37 23.08
N ILE B 274 -77.84 -15.18 24.38
CA ILE B 274 -77.81 -13.82 24.92
C ILE B 274 -76.44 -13.17 24.76
N SER B 275 -75.37 -13.96 24.65
CA SER B 275 -74.04 -13.40 24.43
C SER B 275 -74.00 -12.54 23.17
N ALA B 276 -74.87 -12.82 22.21
CA ALA B 276 -74.96 -11.96 21.02
C ALA B 276 -75.33 -10.53 21.38
N LEU B 277 -76.08 -10.34 22.47
CA LEU B 277 -76.40 -9.02 22.95
C LEU B 277 -75.34 -8.46 23.88
N ILE B 278 -74.47 -9.30 24.41
CA ILE B 278 -73.35 -8.87 25.24
C ILE B 278 -72.15 -8.56 24.36
N LYS B 279 -71.38 -7.54 24.73
CA LYS B 279 -70.16 -7.19 24.02
C LYS B 279 -68.93 -7.19 24.91
N LYS B 280 -69.08 -7.03 26.23
CA LYS B 280 -67.96 -6.76 27.11
C LYS B 280 -68.25 -7.35 28.49
N ILE B 281 -67.39 -8.26 28.95
CA ILE B 281 -67.50 -8.84 30.28
C ILE B 281 -66.24 -8.48 31.03
N GLU B 282 -66.36 -7.60 32.02
CA GLU B 282 -65.22 -6.94 32.66
C GLU B 282 -65.07 -7.45 34.09
N ILE B 283 -64.21 -8.48 34.27
CA ILE B 283 -63.96 -9.15 35.54
C ILE B 283 -62.80 -8.46 36.26
N LYS B 284 -62.90 -8.41 37.58
CA LYS B 284 -61.91 -7.77 38.46
C LYS B 284 -61.41 -8.78 39.50
N SER B 285 -60.96 -9.94 39.01
CA SER B 285 -60.80 -11.13 39.83
C SER B 285 -59.52 -11.12 40.65
N HIS B 286 -59.37 -12.15 41.48
CA HIS B 286 -58.13 -12.44 42.21
C HIS B 286 -57.49 -13.67 41.62
N LEU B 287 -56.35 -13.48 40.96
CA LEU B 287 -55.46 -14.56 40.57
C LEU B 287 -54.04 -14.04 40.70
N GLU B 288 -53.16 -14.84 41.31
CA GLU B 288 -51.79 -14.40 41.55
C GLU B 288 -51.14 -13.88 40.27
N PHE B 289 -51.41 -14.55 39.15
CA PHE B 289 -51.00 -14.07 37.83
C PHE B 289 -51.38 -12.60 37.65
N LEU B 290 -52.67 -12.29 37.84
CA LEU B 290 -53.12 -10.91 37.79
C LEU B 290 -52.74 -10.12 39.04
N LYS B 291 -52.53 -10.80 40.18
CA LYS B 291 -52.04 -10.12 41.36
C LYS B 291 -50.73 -9.39 41.09
N ASN B 292 -49.96 -9.87 40.11
CA ASN B 292 -48.74 -9.15 39.72
C ASN B 292 -49.01 -7.94 38.83
N ASN B 293 -50.22 -7.39 38.85
CA ASN B 293 -50.61 -6.25 38.03
C ASN B 293 -50.52 -6.56 36.55
N ILE B 294 -51.01 -7.74 36.17
CA ILE B 294 -51.20 -8.10 34.79
C ILE B 294 -52.68 -7.97 34.49
N SER B 295 -53.02 -7.73 33.21
CA SER B 295 -54.42 -7.67 32.80
C SER B 295 -54.54 -8.29 31.41
N ILE B 296 -55.50 -9.20 31.25
CA ILE B 296 -55.65 -9.96 30.01
C ILE B 296 -56.94 -9.52 29.32
N VAL B 297 -56.89 -9.47 27.98
CA VAL B 297 -58.03 -9.10 27.15
C VAL B 297 -58.24 -10.21 26.13
N ASP B 298 -59.22 -11.07 26.37
CA ASP B 298 -59.63 -12.09 25.41
C ASP B 298 -60.64 -11.51 24.43
N THR B 299 -60.43 -11.82 23.15
CA THR B 299 -61.10 -11.16 22.04
C THR B 299 -61.83 -12.14 21.15
N PRO B 300 -63.03 -11.77 20.67
CA PRO B 300 -63.75 -12.61 19.70
C PRO B 300 -62.99 -12.77 18.39
N GLY B 301 -63.34 -13.84 17.67
CA GLY B 301 -62.67 -14.14 16.41
C GLY B 301 -63.44 -13.95 15.11
N LEU B 302 -64.71 -14.37 15.07
CA LEU B 302 -65.28 -14.65 13.76
C LEU B 302 -66.58 -13.93 13.43
N ASP B 303 -67.53 -13.78 14.36
CA ASP B 303 -68.82 -13.31 13.90
C ASP B 303 -69.43 -12.30 14.88
N ASP B 304 -70.66 -11.89 14.56
CA ASP B 304 -71.25 -10.64 14.98
C ASP B 304 -70.18 -9.55 14.83
N VAL B 305 -69.78 -9.39 13.56
CA VAL B 305 -68.60 -8.59 13.23
C VAL B 305 -68.83 -7.12 13.53
N VAL B 306 -70.06 -6.64 13.27
CA VAL B 306 -70.37 -5.24 13.01
C VAL B 306 -69.68 -4.28 13.96
N VAL B 307 -69.90 -4.47 15.26
CA VAL B 307 -69.30 -3.60 16.26
C VAL B 307 -68.45 -4.37 17.26
N GLN B 308 -68.61 -5.69 17.36
CA GLN B 308 -67.70 -6.46 18.20
C GLN B 308 -66.28 -6.42 17.64
N ARG B 309 -66.14 -6.42 16.31
CA ARG B 309 -64.81 -6.25 15.72
C ARG B 309 -64.28 -4.84 15.97
N GLU B 310 -65.16 -3.84 15.90
CA GLU B 310 -64.74 -2.47 16.22
C GLU B 310 -64.22 -2.38 17.65
N ILE B 311 -64.92 -3.00 18.58
CA ILE B 311 -64.51 -2.96 19.99
C ILE B 311 -63.24 -3.78 20.20
N VAL B 312 -63.10 -4.88 19.48
CA VAL B 312 -61.89 -5.70 19.58
C VAL B 312 -60.67 -4.88 19.16
N THR B 313 -60.76 -4.24 17.99
CA THR B 313 -59.64 -3.42 17.52
C THR B 313 -59.50 -2.14 18.33
N ASN B 314 -60.56 -1.69 19.00
CA ASN B 314 -60.42 -0.61 19.99
C ASN B 314 -59.54 -1.06 21.13
N GLU B 315 -59.85 -2.22 21.73
CA GLU B 315 -59.11 -2.69 22.88
C GLU B 315 -57.66 -3.00 22.51
N TYR B 316 -57.44 -3.50 21.29
CA TYR B 316 -56.08 -3.81 20.86
C TYR B 316 -55.31 -2.56 20.47
N LEU B 317 -55.99 -1.57 19.87
CA LEU B 317 -55.34 -0.30 19.54
C LEU B 317 -55.16 0.57 20.77
N ARG B 318 -56.05 0.42 21.76
CA ARG B 318 -55.87 1.07 23.05
C ARG B 318 -54.60 0.52 23.69
N GLU B 319 -54.20 1.05 24.84
CA GLU B 319 -52.81 0.86 25.27
C GLU B 319 -52.53 -0.60 25.60
N SER B 320 -52.60 -1.45 24.58
CA SER B 320 -52.24 -2.85 24.71
C SER B 320 -50.73 -2.99 24.68
N ASP B 321 -50.18 -3.67 25.69
CA ASP B 321 -48.74 -3.75 25.84
C ASP B 321 -48.15 -5.06 25.34
N PHE B 322 -48.98 -6.02 24.93
CA PHE B 322 -48.48 -7.22 24.27
C PHE B 322 -49.62 -7.89 23.56
N LEU B 323 -49.28 -8.67 22.52
CA LEU B 323 -50.25 -9.43 21.75
C LEU B 323 -49.80 -10.88 21.67
N ILE B 324 -50.66 -11.78 22.16
CA ILE B 324 -50.52 -13.21 21.91
C ILE B 324 -51.63 -13.61 20.94
N HIS B 325 -51.28 -14.35 19.90
CA HIS B 325 -52.24 -14.86 18.93
C HIS B 325 -52.16 -16.38 18.92
N LEU B 326 -53.31 -17.03 19.09
CA LEU B 326 -53.36 -18.48 19.19
C LEU B 326 -53.82 -19.09 17.88
N MET B 327 -53.16 -20.18 17.49
CA MET B 327 -53.61 -20.99 16.36
C MET B 327 -53.57 -22.45 16.76
N ASN B 328 -54.61 -23.19 16.40
CA ASN B 328 -54.63 -24.62 16.69
C ASN B 328 -53.51 -25.30 15.92
N ALA B 329 -52.91 -26.32 16.55
CA ALA B 329 -51.73 -26.95 15.98
C ALA B 329 -51.98 -27.58 14.62
N SER B 330 -53.24 -27.84 14.25
CA SER B 330 -53.54 -28.53 13.02
C SER B 330 -54.49 -27.80 12.10
N GLN B 331 -54.98 -26.62 12.47
CA GLN B 331 -55.84 -25.83 11.60
C GLN B 331 -54.98 -24.97 10.67
N SER B 332 -55.29 -25.03 9.37
CA SER B 332 -54.36 -24.58 8.35
C SER B 332 -54.38 -23.08 8.09
N LEU B 333 -54.25 -22.29 9.16
CA LEU B 333 -53.90 -20.88 9.12
C LEU B 333 -55.00 -19.96 8.60
N THR B 334 -56.10 -20.52 8.09
CA THR B 334 -57.39 -19.84 8.17
C THR B 334 -57.40 -18.41 7.64
N GLN B 335 -57.46 -18.21 6.31
CA GLN B 335 -57.25 -16.92 5.64
C GLN B 335 -57.60 -15.69 6.47
N LYS B 336 -58.68 -15.74 7.25
CA LYS B 336 -58.95 -14.68 8.22
C LYS B 336 -57.76 -14.47 9.16
N ASP B 337 -57.28 -15.57 9.77
CA ASP B 337 -56.05 -15.53 10.57
C ASP B 337 -54.91 -14.90 9.78
N ALA B 338 -54.77 -15.28 8.50
CA ALA B 338 -53.67 -14.78 7.70
C ALA B 338 -53.75 -13.28 7.52
N ASP B 339 -54.94 -12.76 7.20
CA ASP B 339 -55.12 -11.32 7.04
C ASP B 339 -54.82 -10.58 8.33
N PHE B 340 -55.26 -11.15 9.47
CA PHE B 340 -54.97 -10.49 10.75
C PHE B 340 -53.46 -10.47 11.01
N LEU B 341 -52.79 -11.59 10.79
CA LEU B 341 -51.34 -11.65 11.02
C LEU B 341 -50.60 -10.71 10.08
N VAL B 342 -51.09 -10.57 8.85
CA VAL B 342 -50.45 -9.65 7.90
C VAL B 342 -50.60 -8.21 8.38
N HIS B 343 -51.82 -7.83 8.79
CA HIS B 343 -52.03 -6.52 9.40
C HIS B 343 -51.07 -6.30 10.57
N CYS B 344 -50.88 -7.34 11.37
CA CYS B 344 -49.94 -7.24 12.50
C CYS B 344 -48.52 -6.99 12.02
N LEU B 345 -48.11 -7.70 10.97
CA LEU B 345 -46.73 -7.54 10.47
C LEU B 345 -46.50 -6.15 9.91
N LEU B 346 -47.43 -5.63 9.11
CA LEU B 346 -47.24 -4.29 8.56
C LEU B 346 -47.24 -3.21 9.63
N ASN B 347 -47.86 -3.45 10.78
CA ASN B 347 -47.92 -2.43 11.81
C ASN B 347 -46.54 -2.30 12.48
N SER B 348 -45.88 -1.17 12.26
CA SER B 348 -44.55 -0.95 12.83
C SER B 348 -44.60 -0.78 14.34
N ARG B 349 -45.74 -0.37 14.88
CA ARG B 349 -45.86 -0.18 16.33
C ARG B 349 -45.98 -1.50 17.07
N LEU B 350 -46.21 -2.62 16.38
CA LEU B 350 -46.44 -3.88 17.09
C LEU B 350 -45.15 -4.40 17.72
N SER B 351 -44.08 -4.48 16.95
CA SER B 351 -42.74 -4.73 17.50
C SER B 351 -42.66 -6.08 18.22
N LYS B 352 -42.75 -7.14 17.41
CA LYS B 352 -42.59 -8.53 17.85
C LYS B 352 -43.69 -8.96 18.84
N PHE B 353 -44.88 -9.09 18.27
CA PHE B 353 -45.95 -9.85 18.91
C PHE B 353 -45.61 -11.35 18.90
N LEU B 354 -46.47 -12.14 19.56
CA LEU B 354 -46.21 -13.56 19.81
C LEU B 354 -47.32 -14.44 19.23
N ILE B 355 -46.92 -15.64 18.79
CA ILE B 355 -47.82 -16.68 18.31
C ILE B 355 -47.66 -17.90 19.20
N VAL B 356 -48.78 -18.46 19.64
CA VAL B 356 -48.81 -19.71 20.37
C VAL B 356 -49.64 -20.71 19.57
N LEU B 357 -49.04 -21.87 19.28
CA LEU B 357 -49.75 -22.99 18.68
C LEU B 357 -50.39 -23.77 19.82
N THR B 358 -51.67 -23.50 20.05
CA THR B 358 -52.41 -24.19 21.10
C THR B 358 -52.71 -25.62 20.68
N LYS B 359 -53.02 -26.45 21.68
CA LYS B 359 -53.20 -27.89 21.50
C LYS B 359 -51.92 -28.53 20.94
N ALA B 360 -50.85 -28.46 21.74
CA ALA B 360 -49.59 -29.02 21.30
C ALA B 360 -49.61 -30.55 21.36
N ASP B 361 -50.54 -31.14 20.62
CA ASP B 361 -50.69 -32.59 20.48
C ASP B 361 -51.63 -32.83 19.31
N LEU B 362 -52.05 -34.09 19.13
CA LEU B 362 -52.94 -34.48 18.04
C LEU B 362 -52.24 -34.31 16.69
N LEU B 363 -50.99 -33.88 16.72
CA LEU B 363 -50.14 -33.79 15.55
C LEU B 363 -48.71 -33.91 16.04
N SER B 364 -47.97 -34.85 15.47
CA SER B 364 -46.69 -35.25 16.01
C SER B 364 -45.74 -34.06 16.16
N LYS B 365 -44.84 -34.16 17.12
CA LYS B 365 -43.76 -33.18 17.22
C LYS B 365 -42.86 -33.31 15.99
N LYS B 366 -42.27 -32.18 15.58
CA LYS B 366 -41.61 -31.94 14.30
C LYS B 366 -42.59 -31.87 13.15
N ASP B 367 -43.88 -32.10 13.39
CA ASP B 367 -44.92 -31.59 12.51
C ASP B 367 -45.40 -30.21 12.98
N LEU B 368 -45.25 -29.92 14.27
CA LEU B 368 -45.48 -28.57 14.77
C LEU B 368 -44.55 -27.58 14.08
N GLU B 369 -43.28 -27.93 13.95
CA GLU B 369 -42.32 -27.06 13.27
C GLU B 369 -42.63 -26.97 11.77
N GLU B 370 -43.14 -28.05 11.18
CA GLU B 370 -43.64 -27.95 9.81
C GLU B 370 -44.80 -26.98 9.72
N VAL B 371 -45.68 -26.96 10.73
CA VAL B 371 -46.78 -26.01 10.76
C VAL B 371 -46.25 -24.58 10.85
N ILE B 372 -45.23 -24.37 11.69
CA ILE B 372 -44.63 -23.04 11.82
C ILE B 372 -44.00 -22.60 10.50
N VAL B 373 -43.36 -23.54 9.80
CA VAL B 373 -42.75 -23.24 8.50
C VAL B 373 -43.84 -22.85 7.50
N TYR B 374 -44.94 -23.61 7.47
CA TYR B 374 -46.09 -23.25 6.65
C TYR B 374 -46.55 -21.83 6.94
N THR B 375 -46.73 -21.52 8.23
CA THR B 375 -47.16 -20.19 8.65
C THR B 375 -46.25 -19.09 8.12
N LYS B 376 -44.95 -19.25 8.36
CA LYS B 376 -44.01 -18.20 7.98
C LYS B 376 -43.88 -18.07 6.47
N GLU B 377 -43.97 -19.19 5.74
CA GLU B 377 -43.98 -19.11 4.28
C GLU B 377 -45.20 -18.36 3.78
N SER B 378 -46.37 -18.63 4.35
CA SER B 378 -47.57 -17.91 3.94
C SER B 378 -47.43 -16.41 4.21
N LEU B 379 -46.95 -16.06 5.41
CA LEU B 379 -46.81 -14.65 5.75
C LEU B 379 -45.78 -13.96 4.87
N LYS B 380 -44.72 -14.68 4.49
CA LYS B 380 -43.74 -14.11 3.56
C LYS B 380 -44.34 -13.92 2.17
N SER B 381 -45.18 -14.86 1.74
CA SER B 381 -45.83 -14.72 0.44
C SER B 381 -46.76 -13.52 0.42
N ARG B 382 -47.37 -13.19 1.56
CA ARG B 382 -48.21 -12.00 1.63
C ARG B 382 -47.41 -10.71 1.73
N LEU B 383 -46.10 -10.78 1.93
CA LEU B 383 -45.21 -9.61 2.02
C LEU B 383 -44.05 -9.83 1.08
N VAL B 384 -44.18 -9.44 -0.20
CA VAL B 384 -43.13 -9.70 -1.17
C VAL B 384 -42.25 -8.45 -1.26
N ASP B 385 -41.19 -8.43 -0.44
CA ASP B 385 -40.03 -7.57 -0.59
C ASP B 385 -39.01 -8.05 0.45
N LEU B 386 -38.00 -7.25 0.75
CA LEU B 386 -37.32 -7.44 2.03
C LEU B 386 -38.30 -7.44 3.19
N ASP B 387 -39.51 -6.95 2.96
CA ASP B 387 -40.62 -7.08 3.91
C ASP B 387 -40.77 -8.49 4.44
N GLU B 388 -40.31 -9.50 3.69
CA GLU B 388 -40.40 -10.88 4.16
C GLU B 388 -39.73 -11.05 5.52
N ASN B 389 -38.62 -10.35 5.75
CA ASN B 389 -37.92 -10.47 7.02
C ASN B 389 -38.77 -9.99 8.19
N LEU B 390 -39.86 -9.27 7.93
CA LEU B 390 -40.78 -8.87 8.99
C LEU B 390 -41.48 -10.08 9.62
N VAL B 391 -41.57 -11.20 8.91
CA VAL B 391 -42.08 -12.41 9.54
C VAL B 391 -41.15 -12.90 10.64
N GLU B 392 -39.87 -12.52 10.58
CA GLU B 392 -38.95 -12.83 11.67
C GLU B 392 -39.25 -12.02 12.92
N LYS B 393 -40.25 -11.13 12.85
CA LYS B 393 -40.74 -10.39 13.99
C LYS B 393 -41.61 -11.24 14.89
N ILE B 394 -42.10 -12.37 14.41
CA ILE B 394 -42.97 -13.23 15.20
C ILE B 394 -42.14 -14.23 15.97
N ASP B 395 -42.56 -14.49 17.21
CA ASP B 395 -42.08 -15.62 17.99
C ASP B 395 -43.14 -16.71 17.99
N PHE B 396 -42.71 -17.97 18.11
CA PHE B 396 -43.61 -19.11 18.10
C PHE B 396 -43.34 -19.99 19.31
N LEU B 397 -44.40 -20.31 20.06
CA LEU B 397 -44.35 -21.35 21.07
C LEU B 397 -45.39 -22.42 20.76
N CYS B 398 -45.29 -23.55 21.46
CA CYS B 398 -46.25 -24.65 21.35
C CYS B 398 -46.64 -25.11 22.74
N VAL B 399 -47.90 -24.89 23.13
CA VAL B 399 -48.39 -25.30 24.43
C VAL B 399 -49.65 -26.14 24.25
N SER B 400 -49.91 -27.01 25.23
CA SER B 400 -51.13 -27.81 25.29
C SER B 400 -51.83 -27.46 26.60
N ALA B 401 -52.98 -26.79 26.49
CA ALA B 401 -53.67 -26.31 27.70
C ALA B 401 -54.17 -27.46 28.56
N LYS B 402 -54.53 -28.59 27.94
CA LYS B 402 -55.12 -29.69 28.70
C LYS B 402 -54.17 -30.19 29.78
N MET B 403 -52.89 -30.34 29.45
CA MET B 403 -51.93 -30.91 30.40
C MET B 403 -51.78 -30.03 31.64
N ALA B 404 -51.57 -28.72 31.43
CA ALA B 404 -51.39 -27.81 32.55
C ALA B 404 -52.66 -27.68 33.37
N SER B 405 -53.82 -27.60 32.71
CA SER B 405 -55.07 -27.56 33.47
C SER B 405 -55.28 -28.84 34.27
N ASP B 406 -54.82 -29.99 33.76
CA ASP B 406 -54.98 -31.25 34.46
C ASP B 406 -54.12 -31.31 35.71
N PHE B 407 -52.85 -30.89 35.60
CA PHE B 407 -51.90 -31.08 36.70
C PHE B 407 -52.30 -30.36 37.97
N TYR B 408 -52.94 -29.19 37.87
CA TYR B 408 -53.29 -28.44 39.09
C TYR B 408 -54.27 -29.21 39.95
N LYS B 409 -55.35 -29.71 39.35
CA LYS B 409 -56.42 -30.35 40.10
C LYS B 409 -56.87 -31.69 39.55
N GLY B 410 -56.62 -31.99 38.29
CA GLY B 410 -57.18 -33.14 37.63
C GLY B 410 -56.35 -34.40 37.75
N LEU B 411 -56.46 -35.26 36.73
CA LEU B 411 -55.96 -36.62 36.78
C LEU B 411 -54.48 -36.74 36.44
N ALA B 412 -53.90 -35.73 35.79
CA ALA B 412 -52.51 -35.83 35.33
C ALA B 412 -51.57 -35.52 36.49
N SER B 413 -51.54 -36.44 37.46
CA SER B 413 -50.49 -36.40 38.47
C SER B 413 -49.14 -36.74 37.87
N LYS B 414 -49.12 -37.47 36.75
CA LYS B 414 -47.92 -37.58 35.95
C LYS B 414 -47.55 -36.20 35.39
N GLU B 415 -46.26 -35.99 35.18
CA GLU B 415 -45.76 -34.64 34.92
C GLU B 415 -46.24 -34.17 33.55
N SER B 416 -47.27 -33.32 33.55
CA SER B 416 -47.83 -32.76 32.33
C SER B 416 -47.53 -31.28 32.13
N LEU B 417 -47.16 -30.54 33.17
CA LEU B 417 -46.64 -29.19 32.98
C LEU B 417 -45.49 -29.16 31.98
N GLN B 418 -44.45 -29.96 32.22
CA GLN B 418 -43.51 -30.20 31.15
C GLN B 418 -44.08 -31.24 30.20
N LYS B 419 -43.57 -31.24 28.97
CA LYS B 419 -44.09 -31.96 27.79
C LYS B 419 -45.30 -31.24 27.21
N SER B 420 -45.75 -30.14 27.82
CA SER B 420 -46.82 -29.31 27.26
C SER B 420 -46.29 -27.99 26.72
N GLY B 421 -45.49 -27.27 27.51
CA GLY B 421 -44.96 -25.98 27.13
C GLY B 421 -45.53 -24.82 27.93
N MET B 422 -46.49 -25.08 28.82
CA MET B 422 -47.13 -24.00 29.56
C MET B 422 -46.17 -23.37 30.57
N GLN B 423 -45.29 -24.16 31.16
CA GLN B 423 -44.24 -23.62 32.02
C GLN B 423 -43.37 -22.64 31.23
N GLU B 424 -42.96 -23.04 30.03
CA GLU B 424 -42.13 -22.18 29.19
C GLU B 424 -42.87 -20.93 28.77
N PHE B 425 -44.17 -21.08 28.47
CA PHE B 425 -44.99 -19.92 28.08
C PHE B 425 -45.10 -18.92 29.24
N GLU B 426 -45.28 -19.43 30.46
CA GLU B 426 -45.33 -18.56 31.63
C GLU B 426 -43.99 -17.86 31.84
N ASN B 427 -42.89 -18.59 31.68
CA ASN B 427 -41.57 -17.98 31.78
C ASN B 427 -41.39 -16.89 30.74
N TYR B 428 -41.85 -17.13 29.51
CA TYR B 428 -41.80 -16.13 28.45
C TYR B 428 -42.56 -14.87 28.84
N LEU B 429 -43.80 -15.04 29.31
CA LEU B 429 -44.62 -13.88 29.65
C LEU B 429 -43.99 -13.09 30.79
N PHE B 430 -43.42 -13.77 31.79
CA PHE B 430 -42.78 -13.05 32.89
C PHE B 430 -41.47 -12.40 32.44
N ASN B 431 -40.78 -13.00 31.47
CA ASN B 431 -39.57 -12.36 30.94
C ASN B 431 -39.92 -11.09 30.19
N GLU B 432 -41.08 -11.06 29.55
CA GLU B 432 -41.51 -9.86 28.84
C GLU B 432 -41.77 -8.67 29.77
N LEU B 433 -41.56 -8.84 31.08
CA LEU B 433 -41.60 -7.71 31.99
C LEU B 433 -40.22 -7.31 32.50
N TYR B 434 -39.15 -7.85 31.91
CA TYR B 434 -37.92 -7.05 31.81
C TYR B 434 -37.36 -7.06 30.39
N ALA B 435 -37.41 -8.20 29.70
CA ALA B 435 -36.94 -8.26 28.32
C ALA B 435 -37.88 -7.52 27.37
N GLY B 436 -39.15 -7.38 27.74
CA GLY B 436 -40.06 -6.59 26.94
C GLY B 436 -39.64 -5.13 26.91
N GLU B 437 -39.90 -4.49 25.77
CA GLU B 437 -39.50 -3.10 25.59
C GLU B 437 -40.07 -2.19 26.68
N LYS B 438 -41.33 -2.44 27.08
CA LYS B 438 -42.03 -1.49 27.93
C LYS B 438 -41.36 -1.34 29.30
N SER B 439 -40.90 -2.45 29.88
CA SER B 439 -40.25 -2.37 31.18
C SER B 439 -39.00 -1.52 31.13
N LYS B 440 -38.17 -1.73 30.10
CA LYS B 440 -36.95 -0.94 29.96
C LYS B 440 -37.27 0.53 29.70
N ILE B 441 -38.32 0.79 28.91
CA ILE B 441 -38.73 2.18 28.66
C ILE B 441 -39.17 2.84 29.96
N ALA B 442 -39.93 2.11 30.78
CA ALA B 442 -40.37 2.65 32.06
C ALA B 442 -39.20 2.91 32.99
N LEU B 443 -38.23 2.00 33.03
CA LEU B 443 -37.03 2.22 33.83
C LEU B 443 -36.28 3.45 33.37
N ARG B 444 -36.17 3.64 32.05
CA ARG B 444 -35.49 4.81 31.51
C ARG B 444 -36.23 6.09 31.88
N ALA B 445 -37.56 6.07 31.81
CA ALA B 445 -38.35 7.24 32.20
C ALA B 445 -38.18 7.55 33.68
N TYR B 446 -38.16 6.51 34.53
CA TYR B 446 -37.95 6.71 35.96
C TYR B 446 -36.57 7.30 36.22
N LYS B 447 -35.55 6.83 35.51
CA LYS B 447 -34.21 7.37 35.69
C LYS B 447 -34.15 8.84 35.28
N LYS B 448 -34.81 9.19 34.17
CA LYS B 448 -34.83 10.58 33.76
C LYS B 448 -35.57 11.45 34.78
N GLU B 449 -36.68 10.94 35.33
CA GLU B 449 -37.40 11.68 36.36
C GLU B 449 -36.53 11.90 37.60
N LEU B 450 -35.79 10.87 38.01
CA LEU B 450 -34.91 11.02 39.17
C LEU B 450 -33.79 12.01 38.89
N HIS B 451 -33.23 11.97 37.68
CA HIS B 451 -32.20 12.95 37.30
C HIS B 451 -32.75 14.37 37.37
N LEU B 452 -33.96 14.59 36.86
CA LEU B 452 -34.50 15.94 36.81
C LEU B 452 -34.90 16.43 38.20
N GLU B 453 -35.48 15.56 39.03
CA GLU B 453 -35.75 15.95 40.41
C GLU B 453 -34.46 16.21 41.19
N LEU B 454 -33.40 15.45 40.87
CA LEU B 454 -32.09 15.71 41.47
C LEU B 454 -31.57 17.09 41.06
N LYS B 455 -31.75 17.45 39.79
CA LYS B 455 -31.34 18.77 39.34
C LYS B 455 -32.14 19.86 40.04
N ASN B 456 -33.44 19.63 40.24
CA ASN B 456 -34.26 20.60 40.97
C ASN B 456 -33.80 20.76 42.41
N ILE B 457 -33.48 19.64 43.08
CA ILE B 457 -32.98 19.71 44.45
C ILE B 457 -31.64 20.42 44.50
N LEU B 458 -30.79 20.20 43.50
CA LEU B 458 -29.53 20.93 43.41
C LEU B 458 -29.79 22.42 43.30
N SER B 459 -30.70 22.83 42.41
CA SER B 459 -31.03 24.24 42.27
C SER B 459 -31.57 24.81 43.57
N GLU B 460 -32.33 24.00 44.33
CA GLU B 460 -32.88 24.46 45.60
C GLU B 460 -31.79 24.67 46.64
N TYR B 461 -30.83 23.75 46.72
CA TYR B 461 -29.88 23.78 47.82
C TYR B 461 -28.61 24.58 47.51
N GLU B 462 -28.25 24.77 46.25
CA GLU B 462 -27.20 25.75 45.93
C GLU B 462 -27.64 27.15 46.31
N MET B 463 -28.94 27.42 46.24
CA MET B 463 -29.52 28.67 46.71
C MET B 463 -29.22 28.89 48.19
N GLU B 477 -12.21 45.71 64.84
CA GLU B 477 -11.25 45.37 65.86
C GLU B 477 -11.22 43.87 66.13
N GLU B 478 -12.40 43.25 66.11
CA GLU B 478 -12.49 41.81 66.37
C GLU B 478 -11.77 41.01 65.30
N ASN B 479 -11.93 41.39 64.03
CA ASN B 479 -11.23 40.68 62.96
C ASN B 479 -9.73 40.82 63.09
N GLN B 480 -9.25 42.02 63.46
CA GLN B 480 -7.82 42.20 63.67
C GLN B 480 -7.31 41.35 64.82
N LYS B 481 -8.10 41.23 65.90
CA LYS B 481 -7.71 40.38 67.02
C LYS B 481 -7.66 38.92 66.60
N LEU B 482 -8.62 38.48 65.78
CA LEU B 482 -8.60 37.11 65.29
C LEU B 482 -7.37 36.85 64.41
N LEU B 483 -7.03 37.81 63.55
CA LEU B 483 -5.83 37.67 62.72
C LEU B 483 -4.58 37.60 63.58
N LEU B 484 -4.50 38.43 64.62
CA LEU B 484 -3.36 38.38 65.53
C LEU B 484 -3.28 37.03 66.24
N GLU B 485 -4.42 36.49 66.66
CA GLU B 485 -4.43 35.19 67.31
C GLU B 485 -3.96 34.10 66.35
N LEU B 486 -4.39 34.17 65.08
CA LEU B 486 -3.94 33.20 64.10
C LEU B 486 -2.43 33.29 63.88
N GLN B 487 -1.90 34.52 63.81
CA GLN B 487 -0.46 34.69 63.67
C GLN B 487 0.29 34.13 64.87
N LYS B 488 -0.25 34.35 66.08
CA LYS B 488 0.39 33.80 67.27
C LYS B 488 0.36 32.27 67.26
N GLN B 489 -0.74 31.68 66.79
CA GLN B 489 -0.80 30.22 66.69
C GLN B 489 0.22 29.69 65.69
N ASN B 490 0.38 30.39 64.56
CA ASN B 490 1.39 29.98 63.58
C ASN B 490 2.80 30.08 64.17
N THR B 491 3.07 31.15 64.92
CA THR B 491 4.38 31.28 65.56
C THR B 491 4.60 30.17 66.58
N LEU B 492 3.57 29.80 67.33
CA LEU B 492 3.70 28.71 68.30
C LEU B 492 3.96 27.39 67.60
N LEU B 493 3.31 27.15 66.46
CA LEU B 493 3.57 25.93 65.70
C LEU B 493 5.00 25.91 65.19
N LYS B 494 5.51 27.05 64.71
CA LYS B 494 6.90 27.11 64.26
C LYS B 494 7.85 26.85 65.42
N GLU B 495 7.56 27.39 66.60
CA GLU B 495 8.42 27.14 67.76
C GLU B 495 8.40 25.68 68.16
N ALA B 496 7.24 25.04 68.08
CA ALA B 496 7.16 23.61 68.38
C ALA B 496 7.96 22.80 67.38
N GLN B 497 7.90 23.16 66.10
CA GLN B 497 8.71 22.47 65.10
C GLN B 497 10.20 22.64 65.38
N ASP B 498 10.61 23.86 65.76
CA ASP B 498 12.01 24.09 66.09
C ASP B 498 12.44 23.27 67.30
N GLU B 499 11.56 23.16 68.31
CA GLU B 499 11.88 22.35 69.47
C GLU B 499 12.00 20.87 69.11
N ILE B 500 11.14 20.39 68.21
CA ILE B 500 11.23 19.00 67.76
C ILE B 500 12.55 18.77 67.02
N SER B 501 12.94 19.73 66.19
CA SER B 501 14.22 19.60 65.48
C SER B 501 15.39 19.58 66.46
N ASN B 502 15.35 20.45 67.49
CA ASN B 502 16.41 20.45 68.48
C ASN B 502 16.46 19.13 69.25
N SER B 503 15.30 18.57 69.57
CA SER B 503 15.26 17.27 70.25
C SER B 503 15.84 16.18 69.36
N ILE B 504 15.54 16.22 68.06
CA ILE B 504 16.11 15.25 67.12
C ILE B 504 17.62 15.40 67.06
N ALA B 505 18.12 16.63 67.10
CA ALA B 505 19.56 16.85 67.04
C ALA B 505 20.26 16.39 68.31
N LYS B 506 19.81 16.87 69.47
CA LYS B 506 20.45 16.53 70.73
C LYS B 506 19.64 15.52 71.52
N LEU B 521 35.27 -0.99 89.15
CA LEU B 521 35.77 -2.28 89.60
C LEU B 521 37.28 -2.23 89.81
N ALA B 522 37.99 -1.55 88.92
CA ALA B 522 39.44 -1.44 89.04
C ALA B 522 39.81 -0.65 90.30
N LYS B 523 39.08 0.42 90.59
CA LYS B 523 39.35 1.18 91.81
C LYS B 523 39.10 0.33 93.05
N LYS B 524 38.05 -0.50 93.03
CA LYS B 524 37.80 -1.38 94.16
C LYS B 524 38.92 -2.41 94.33
N LEU B 525 39.43 -2.94 93.22
CA LEU B 525 40.55 -3.87 93.30
C LEU B 525 41.80 -3.19 93.85
N LYS B 526 42.04 -1.94 93.44
CA LYS B 526 43.19 -1.20 93.98
C LYS B 526 43.03 -0.95 95.48
N GLU B 527 41.80 -0.62 95.91
CA GLU B 527 41.55 -0.42 97.33
C GLU B 527 41.76 -1.72 98.12
N ARG B 528 41.32 -2.85 97.55
CA ARG B 528 41.54 -4.14 98.20
C ARG B 528 43.03 -4.46 98.31
N LEU B 529 43.78 -4.16 97.25
CA LEU B 529 45.23 -4.38 97.29
C LEU B 529 45.89 -3.50 98.35
N ILE B 530 45.44 -2.25 98.47
CA ILE B 530 45.99 -1.35 99.49
C ILE B 530 45.67 -1.87 100.88
N ASP B 531 44.46 -2.39 101.07
CA ASP B 531 44.09 -2.96 102.36
C ASP B 531 44.93 -4.19 102.69
N GLU B 532 45.18 -5.03 101.69
CA GLU B 532 46.04 -6.20 101.91
C GLU B 532 47.46 -5.77 102.26
N PHE B 533 47.98 -4.74 101.59
CA PHE B 533 49.30 -4.23 101.92
C PHE B 533 49.35 -3.69 103.34
N LYS B 534 48.30 -2.97 103.75
CA LYS B 534 48.25 -2.46 105.12
C LYS B 534 48.20 -3.60 106.14
N TYR B 535 47.45 -4.66 105.82
CA TYR B 535 47.39 -5.81 106.71
C TYR B 535 48.76 -6.49 106.82
N LEU B 536 49.48 -6.59 105.70
CA LEU B 536 50.81 -7.18 105.73
C LEU B 536 51.77 -6.35 106.59
N LYS B 537 51.64 -5.03 106.52
CA LYS B 537 52.51 -4.14 107.30
C LYS B 537 52.27 -4.29 108.80
N THR B 556 31.37 2.56 95.23
CA THR B 556 29.96 2.92 95.12
C THR B 556 29.78 4.43 95.05
N LYS B 557 30.60 5.16 95.82
CA LYS B 557 30.48 6.61 95.85
C LYS B 557 30.85 7.23 94.51
N ASP B 558 31.83 6.65 93.81
CA ASP B 558 32.27 7.22 92.54
C ASP B 558 31.20 7.05 91.46
N GLY B 559 30.57 5.87 91.41
CA GLY B 559 29.47 5.67 90.48
C GLY B 559 28.30 6.60 90.77
N ILE B 560 28.01 6.81 92.05
CA ILE B 560 26.97 7.76 92.42
C ILE B 560 27.33 9.17 91.97
N ASN B 561 28.61 9.52 92.07
CA ASN B 561 29.06 10.83 91.59
C ASN B 561 28.87 10.96 90.08
N ASP B 562 29.21 9.91 89.34
CA ASP B 562 28.99 9.94 87.89
C ASP B 562 27.51 10.09 87.56
N ILE B 563 26.64 9.36 88.27
CA ILE B 563 25.20 9.48 88.03
C ILE B 563 24.71 10.88 88.35
N LEU B 564 25.22 11.47 89.42
CA LEU B 564 24.83 12.83 89.79
C LEU B 564 25.29 13.83 88.73
N ARG B 565 26.48 13.65 88.18
CA ARG B 565 26.94 14.53 87.11
C ARG B 565 26.05 14.40 85.88
N GLU B 566 25.65 13.16 85.54
CA GLU B 566 24.73 12.97 84.42
C GLU B 566 23.40 13.67 84.67
N ILE B 567 22.89 13.57 85.90
CA ILE B 567 21.62 14.21 86.24
C ILE B 567 21.74 15.73 86.13
N LYS B 568 22.88 16.28 86.57
CA LYS B 568 23.09 17.72 86.46
C LYS B 568 23.15 18.15 85.00
N PHE B 569 23.81 17.36 84.15
CA PHE B 569 23.85 17.69 82.72
C PHE B 569 22.45 17.66 82.12
N GLU B 570 21.65 16.66 82.50
CA GLU B 570 20.27 16.59 82.01
C GLU B 570 19.45 17.81 82.44
N ASN B 571 19.63 18.23 83.70
CA ASN B 571 18.93 19.42 84.18
C ASN B 571 19.36 20.67 83.42
N ILE B 572 20.65 20.79 83.12
CA ILE B 572 21.12 21.94 82.34
C ILE B 572 20.52 21.93 80.94
N LYS B 573 20.44 20.75 80.33
CA LYS B 573 19.83 20.65 79.01
C LYS B 573 18.35 21.04 79.05
N LYS B 574 17.64 20.61 80.10
CA LYS B 574 16.24 20.99 80.24
C LYS B 574 16.08 22.49 80.42
N ILE B 575 16.99 23.11 81.18
CA ILE B 575 16.93 24.56 81.38
C ILE B 575 17.16 25.28 80.06
N GLU B 576 18.13 24.81 79.26
CA GLU B 576 18.36 25.41 77.95
C GLU B 576 17.14 25.27 77.06
N GLU B 577 16.52 24.09 77.05
CA GLU B 577 15.31 23.89 76.25
C GLU B 577 14.19 24.82 76.69
N LEU B 578 14.03 25.01 78.00
CA LEU B 578 13.02 25.94 78.49
C LEU B 578 13.33 27.37 78.04
N LYS B 579 14.61 27.75 78.03
CA LYS B 579 14.99 29.09 77.61
C LYS B 579 14.79 29.29 76.10
N THR B 580 14.83 28.20 75.32
CA THR B 580 14.87 28.31 73.86
C THR B 580 13.81 29.25 73.31
N ASN B 581 12.53 28.92 73.51
CA ASN B 581 11.45 29.64 72.88
C ASN B 581 10.31 29.90 73.86
N LEU B 582 9.67 31.05 73.71
CA LEU B 582 8.56 31.45 74.58
C LEU B 582 7.23 31.10 73.92
N SER B 583 6.96 29.79 73.89
CA SER B 583 5.72 29.27 73.34
C SER B 583 4.67 28.97 74.41
N LEU B 584 5.08 28.37 75.53
CA LEU B 584 4.16 28.08 76.63
C LEU B 584 4.98 27.96 77.90
N LYS B 585 4.76 28.88 78.85
CA LYS B 585 5.57 28.89 80.07
C LYS B 585 5.04 27.91 81.11
N TYR B 586 3.72 27.83 81.26
CA TYR B 586 3.15 26.90 82.23
C TYR B 586 3.47 25.45 81.87
N ASP B 587 3.41 25.12 80.57
CA ASP B 587 3.77 23.78 80.15
C ASP B 587 5.24 23.48 80.42
N PHE B 588 6.11 24.47 80.23
CA PHE B 588 7.53 24.29 80.54
C PHE B 588 7.73 24.07 82.03
N LEU B 589 6.99 24.80 82.87
CA LEU B 589 7.12 24.62 84.31
C LEU B 589 6.59 23.26 84.76
N LYS B 590 5.55 22.76 84.09
CA LYS B 590 4.90 21.52 84.54
C LYS B 590 5.87 20.34 84.51
N ASP B 591 6.65 20.20 83.44
CA ASP B 591 7.47 19.01 83.25
C ASP B 591 8.65 18.91 84.22
N ASP B 592 8.92 19.96 85.00
CA ASP B 592 10.03 19.91 85.94
C ASP B 592 9.78 18.88 87.03
N PHE B 593 8.53 18.80 87.53
CA PHE B 593 8.21 17.80 88.54
C PHE B 593 8.33 16.38 87.98
N ASP B 594 7.92 16.19 86.73
CA ASP B 594 8.07 14.88 86.10
C ASP B 594 9.54 14.52 85.93
N ASN B 595 10.37 15.48 85.55
CA ASN B 595 11.81 15.23 85.45
C ASN B 595 12.40 14.86 86.80
N GLY B 596 12.00 15.58 87.85
CA GLY B 596 12.46 15.25 89.19
C GLY B 596 12.04 13.86 89.63
N PHE B 597 10.79 13.48 89.31
CA PHE B 597 10.33 12.13 89.63
C PHE B 597 11.11 11.08 88.86
N GLU B 598 11.43 11.35 87.58
CA GLU B 598 12.22 10.42 86.80
C GLU B 598 13.63 10.26 87.39
N GLY B 599 14.23 11.37 87.82
CA GLY B 599 15.53 11.28 88.47
C GLY B 599 15.51 10.48 89.75
N PHE B 600 14.43 10.60 90.52
CA PHE B 600 14.29 9.88 91.78
C PHE B 600 14.18 8.37 91.54
N ALA B 666 15.66 11.18 76.44
CA ALA B 666 14.49 10.71 75.72
C ALA B 666 13.20 11.05 76.47
N PHE B 667 13.22 10.85 77.79
CA PHE B 667 12.05 11.14 78.60
C PHE B 667 11.71 12.63 78.58
N PHE B 668 12.73 13.49 78.67
CA PHE B 668 12.48 14.93 78.62
C PHE B 668 11.90 15.34 77.27
N GLU B 669 12.39 14.73 76.18
CA GLU B 669 11.84 15.03 74.87
C GLU B 669 10.38 14.60 74.77
N PHE B 670 10.04 13.45 75.34
CA PHE B 670 8.66 13.00 75.33
C PHE B 670 7.77 13.94 76.16
N LEU B 671 8.28 14.40 77.30
CA LEU B 671 7.51 15.36 78.10
C LEU B 671 7.31 16.67 77.34
N ASN B 672 8.33 17.13 76.63
CA ASN B 672 8.20 18.35 75.83
C ASN B 672 7.18 18.16 74.71
N ASP B 673 7.19 16.99 74.07
CA ASP B 673 6.20 16.71 73.03
C ASP B 673 4.79 16.69 73.59
N LYS B 674 4.62 16.10 74.79
CA LYS B 674 3.31 16.10 75.44
C LYS B 674 2.86 17.51 75.77
N LEU B 675 3.78 18.35 76.24
CA LEU B 675 3.44 19.74 76.53
C LEU B 675 3.03 20.48 75.26
N LYS B 676 3.74 20.24 74.16
CA LYS B 676 3.38 20.87 72.89
C LYS B 676 2.00 20.42 72.43
N HIS B 677 1.70 19.12 72.59
CA HIS B 677 0.37 18.62 72.22
C HIS B 677 -0.71 19.26 73.08
N TYR B 678 -0.45 19.41 74.39
CA TYR B 678 -1.42 20.07 75.26
C TYR B 678 -1.63 21.52 74.84
N GLU B 679 -0.56 22.22 74.47
CA GLU B 679 -0.69 23.60 74.02
C GLU B 679 -1.50 23.68 72.73
N LYS B 680 -1.27 22.75 71.81
CA LYS B 680 -2.05 22.72 70.57
C LYS B 680 -3.53 22.46 70.86
N ASN B 681 -3.81 21.54 71.79
CA ASN B 681 -5.20 21.27 72.17
C ASN B 681 -5.85 22.50 72.80
N GLN B 682 -5.11 23.22 73.64
CA GLN B 682 -5.64 24.44 74.23
C GLN B 682 -5.91 25.50 73.15
N LYS B 683 -5.02 25.61 72.17
CA LYS B 683 -5.24 26.54 71.07
C LYS B 683 -6.47 26.18 70.27
N SER B 684 -6.69 24.88 70.04
CA SER B 684 -7.89 24.44 69.31
C SER B 684 -9.16 24.78 70.08
N LYS B 685 -9.13 24.63 71.40
CA LYS B 685 -10.29 24.91 72.23
C LYS B 685 -10.64 26.40 72.22
N ASN B 705 -24.95 26.80 61.21
CA ASN B 705 -25.62 25.55 60.84
C ASN B 705 -25.82 25.43 59.34
N SER B 706 -26.30 26.52 58.73
CA SER B 706 -26.96 26.43 57.43
C SER B 706 -25.98 26.05 56.31
N PHE B 707 -24.84 26.74 56.22
CA PHE B 707 -23.96 26.55 55.07
C PHE B 707 -23.37 25.14 55.05
N GLU B 708 -22.89 24.66 56.20
CA GLU B 708 -22.28 23.34 56.24
C GLU B 708 -23.32 22.24 55.98
N GLU B 709 -24.55 22.44 56.44
CA GLU B 709 -25.61 21.48 56.16
C GLU B 709 -25.94 21.48 54.66
N ASN B 710 -25.98 22.66 54.04
CA ASN B 710 -26.19 22.74 52.60
C ASN B 710 -25.08 22.02 51.84
N LEU B 711 -23.83 22.20 52.29
CA LEU B 711 -22.71 21.52 51.65
C LEU B 711 -22.82 20.01 51.81
N GLU B 712 -23.19 19.55 53.01
CA GLU B 712 -23.42 18.13 53.25
C GLU B 712 -24.47 17.58 52.30
N LYS B 713 -25.58 18.29 52.13
CA LYS B 713 -26.65 17.80 51.28
C LYS B 713 -26.26 17.84 49.81
N ILE B 714 -25.47 18.83 49.39
CA ILE B 714 -24.94 18.84 48.02
C ILE B 714 -24.03 17.64 47.80
N GLU B 715 -23.20 17.31 48.79
CA GLU B 715 -22.33 16.14 48.67
C GLU B 715 -23.15 14.86 48.57
N LYS B 716 -24.22 14.76 49.35
CA LYS B 716 -25.07 13.57 49.28
C LYS B 716 -25.80 13.48 47.94
N LEU B 717 -26.20 14.63 47.38
CA LEU B 717 -26.80 14.61 46.05
C LEU B 717 -25.79 14.17 45.00
N LYS B 718 -24.53 14.61 45.13
CA LYS B 718 -23.49 14.15 44.22
C LYS B 718 -23.29 12.64 44.34
N GLN B 719 -23.29 12.13 45.58
CA GLN B 719 -23.16 10.69 45.79
C GLN B 719 -24.31 9.94 45.14
N LEU B 720 -25.54 10.46 45.27
CA LEU B 720 -26.69 9.82 44.63
C LEU B 720 -26.55 9.85 43.11
N GLU B 721 -26.09 10.97 42.56
CA GLU B 721 -25.91 11.07 41.11
C GLU B 721 -24.82 10.11 40.62
N MET B 722 -23.82 9.82 41.46
CA MET B 722 -22.81 8.84 41.10
C MET B 722 -23.43 7.50 40.73
N GLY B 723 -24.60 7.19 41.30
CA GLY B 723 -25.30 5.96 41.01
C GLY B 723 -26.12 5.99 39.73
N LEU B 724 -25.84 6.95 38.86
CA LEU B 724 -26.49 6.96 37.55
C LEU B 724 -25.84 5.98 36.59
N LEU B 725 -24.52 5.82 36.67
CA LEU B 725 -23.80 4.88 35.82
C LEU B 725 -23.71 3.49 36.43
N ASN B 726 -23.96 3.37 37.74
CA ASN B 726 -23.79 2.08 38.41
C ASN B 726 -24.83 1.04 37.98
N ALA B 727 -25.96 1.48 37.43
CA ALA B 727 -27.01 0.55 37.02
C ALA B 727 -26.71 -0.14 35.70
N ASP B 728 -25.68 0.28 34.99
CA ASP B 728 -25.34 -0.28 33.68
C ASP B 728 -25.03 -1.77 33.78
N GLY C 1 -38.09 -0.52 19.49
CA GLY C 1 -38.83 -1.06 18.36
C GLY C 1 -38.05 -2.11 17.60
N SER C 2 -38.42 -3.38 17.76
CA SER C 2 -37.76 -4.44 17.00
C SER C 2 -38.15 -4.38 15.53
N HIS C 3 -39.40 -4.00 15.24
CA HIS C 3 -39.78 -3.73 13.86
C HIS C 3 -38.83 -2.70 13.25
N MET C 4 -38.48 -1.68 14.03
CA MET C 4 -37.50 -0.70 13.57
C MET C 4 -36.12 -1.33 13.40
N GLN C 5 -35.77 -2.34 14.20
CA GLN C 5 -34.50 -3.04 13.99
C GLN C 5 -34.51 -3.77 12.65
N ILE C 6 -35.58 -4.50 12.36
CA ILE C 6 -35.69 -5.17 11.06
C ILE C 6 -35.62 -4.17 9.92
N ASN C 7 -36.29 -3.02 10.08
CA ASN C 7 -36.25 -1.98 9.06
C ASN C 7 -34.83 -1.43 8.89
N LEU C 8 -34.11 -1.24 9.99
CA LEU C 8 -32.72 -0.80 9.94
C LEU C 8 -31.86 -1.79 9.16
N LEU C 9 -31.99 -3.07 9.48
CA LEU C 9 -31.26 -4.11 8.75
C LEU C 9 -31.59 -4.09 7.27
N ASN C 10 -32.89 -4.00 6.95
CA ASN C 10 -33.31 -3.98 5.55
C ASN C 10 -32.76 -2.75 4.83
N ASP C 11 -32.73 -1.60 5.50
CA ASP C 11 -32.14 -0.40 4.91
C ASP C 11 -30.66 -0.60 4.60
N PHE C 12 -29.92 -1.19 5.54
CA PHE C 12 -28.52 -1.50 5.30
C PHE C 12 -28.36 -2.43 4.10
N ILE C 13 -29.20 -3.47 4.03
CA ILE C 13 -29.14 -4.39 2.89
C ILE C 13 -29.40 -3.64 1.58
N LYS C 14 -30.42 -2.78 1.57
CA LYS C 14 -30.75 -2.01 0.38
C LYS C 14 -29.58 -1.13 -0.04
N ALA C 15 -28.93 -0.48 0.93
CA ALA C 15 -27.85 0.43 0.60
C ALA C 15 -26.64 -0.32 0.04
N TYR C 16 -26.24 -1.40 0.71
CA TYR C 16 -25.14 -2.22 0.20
C TYR C 16 -25.46 -2.75 -1.19
N GLU C 17 -26.70 -3.22 -1.39
CA GLU C 17 -27.09 -3.76 -2.69
C GLU C 17 -26.99 -2.69 -3.77
N ASN C 18 -27.48 -1.49 -3.49
CA ASN C 18 -27.46 -0.44 -4.50
C ASN C 18 -26.04 0.04 -4.78
N THR C 19 -25.18 0.06 -3.77
CA THR C 19 -23.82 0.56 -3.98
C THR C 19 -22.97 -0.46 -4.72
N TYR C 20 -22.90 -1.70 -4.23
CA TYR C 20 -21.96 -2.67 -4.79
C TYR C 20 -22.58 -3.65 -5.79
N SER C 21 -23.90 -3.81 -5.80
CA SER C 21 -24.54 -4.88 -6.58
C SER C 21 -25.60 -4.29 -7.51
N VAL C 22 -25.20 -3.96 -8.74
CA VAL C 22 -26.18 -3.53 -9.73
C VAL C 22 -25.64 -3.75 -11.15
N SER C 23 -26.47 -4.35 -12.00
CA SER C 23 -26.21 -4.38 -13.43
C SER C 23 -26.88 -3.17 -14.07
N PHE C 24 -26.18 -2.54 -15.00
CA PHE C 24 -26.51 -1.21 -15.47
C PHE C 24 -27.54 -1.31 -16.59
N ASP C 25 -27.76 -0.21 -17.31
CA ASP C 25 -28.56 -0.29 -18.51
C ASP C 25 -27.70 -0.92 -19.60
N ASP C 26 -27.12 -2.08 -19.29
CA ASP C 26 -26.19 -2.79 -20.16
C ASP C 26 -26.93 -3.64 -21.17
N SER C 27 -26.27 -4.65 -21.71
CA SER C 27 -26.58 -5.41 -22.92
C SER C 27 -26.14 -4.63 -24.15
N PHE C 28 -25.50 -3.48 -23.98
CA PHE C 28 -24.79 -2.83 -25.07
C PHE C 28 -23.51 -2.23 -24.50
N LYS C 29 -22.49 -2.15 -25.36
CA LYS C 29 -21.20 -1.52 -25.06
C LYS C 29 -21.31 -0.31 -24.15
N GLY C 30 -22.21 0.62 -24.48
CA GLY C 30 -22.40 1.86 -23.73
C GLY C 30 -22.26 1.76 -22.22
N ARG C 31 -22.91 0.78 -21.61
CA ARG C 31 -22.85 0.60 -20.16
C ARG C 31 -22.08 -0.64 -19.73
N ILE C 32 -21.71 -1.52 -20.67
CA ILE C 32 -20.66 -2.48 -20.34
C ILE C 32 -19.37 -1.75 -20.00
N GLN C 33 -19.17 -0.55 -20.56
CA GLN C 33 -18.12 0.33 -20.08
C GLN C 33 -18.30 0.65 -18.60
N GLU C 34 -19.55 0.89 -18.18
CA GLU C 34 -19.82 1.13 -16.77
C GLU C 34 -19.49 -0.09 -15.93
N LEU C 35 -19.82 -1.28 -16.46
CA LEU C 35 -19.52 -2.51 -15.73
C LEU C 35 -18.01 -2.70 -15.57
N CYS C 36 -17.24 -2.46 -16.64
CA CYS C 36 -15.78 -2.55 -16.55
C CYS C 36 -15.23 -1.53 -15.56
N LYS C 37 -15.72 -0.29 -15.66
CA LYS C 37 -15.32 0.76 -14.73
C LYS C 37 -15.62 0.36 -13.29
N GLU C 38 -16.77 -0.26 -13.05
CA GLU C 38 -17.06 -0.81 -11.72
C GLU C 38 -16.04 -1.88 -11.32
N LEU C 39 -15.75 -2.80 -12.24
CA LEU C 39 -14.70 -3.80 -12.01
C LEU C 39 -13.43 -3.14 -11.49
N ASN C 40 -13.09 -2.00 -12.08
CA ASN C 40 -11.87 -1.31 -11.68
C ASN C 40 -11.92 -0.72 -10.27
N GLU C 41 -13.07 -0.72 -9.58
CA GLU C 41 -13.06 -0.02 -8.28
C GLU C 41 -13.76 -0.65 -7.08
N PRO C 42 -13.66 -1.97 -6.81
CA PRO C 42 -14.27 -2.47 -5.55
C PRO C 42 -13.34 -2.38 -4.35
N PHE C 43 -12.08 -2.78 -4.56
CA PHE C 43 -11.08 -2.83 -3.50
C PHE C 43 -9.70 -2.42 -3.97
N MET C 44 -9.51 -2.13 -5.26
CA MET C 44 -8.18 -2.01 -5.82
C MET C 44 -7.54 -0.67 -5.51
N HIS C 45 -8.04 -0.02 -4.45
CA HIS C 45 -7.42 1.16 -3.85
C HIS C 45 -7.08 2.22 -4.90
N ALA C 46 -7.92 2.33 -5.92
CA ALA C 46 -7.55 3.15 -7.06
C ALA C 46 -7.71 4.62 -6.72
N SER C 47 -6.90 5.45 -7.36
CA SER C 47 -6.72 6.81 -6.89
C SER C 47 -7.95 7.66 -7.22
N TYR C 48 -8.18 8.67 -6.39
CA TYR C 48 -9.20 9.68 -6.66
C TYR C 48 -9.16 10.12 -8.12
N ALA C 49 -7.96 10.39 -8.63
CA ALA C 49 -7.83 10.84 -10.01
C ALA C 49 -8.26 9.76 -10.99
N LEU C 50 -7.93 8.49 -10.71
CA LEU C 50 -8.39 7.41 -11.57
C LEU C 50 -9.90 7.30 -11.56
N GLU C 51 -10.50 7.42 -10.38
CA GLU C 51 -11.96 7.37 -10.28
C GLU C 51 -12.61 8.47 -11.11
N ASN C 52 -12.10 9.70 -10.99
CA ASN C 52 -12.65 10.82 -11.76
C ASN C 52 -12.43 10.63 -13.25
N GLU C 53 -11.25 10.11 -13.63
CA GLU C 53 -10.98 9.85 -15.04
C GLU C 53 -11.97 8.85 -15.62
N LEU C 54 -12.22 7.75 -14.88
CA LEU C 54 -13.19 6.76 -15.31
C LEU C 54 -14.59 7.36 -15.41
N LYS C 55 -14.98 8.17 -14.43
CA LYS C 55 -16.27 8.86 -14.47
C LYS C 55 -16.41 9.72 -15.72
N GLU C 56 -15.38 10.51 -16.02
CA GLU C 56 -15.42 11.36 -17.20
C GLU C 56 -15.46 10.54 -18.48
N LEU C 57 -14.72 9.43 -18.53
CA LEU C 57 -14.78 8.55 -19.68
C LEU C 57 -16.20 8.03 -19.90
N VAL C 58 -16.86 7.62 -18.81
CA VAL C 58 -18.24 7.17 -18.92
C VAL C 58 -19.14 8.29 -19.44
N PHE C 59 -18.97 9.50 -18.90
CA PHE C 59 -19.77 10.63 -19.35
C PHE C 59 -19.57 10.93 -20.84
N SER C 60 -18.33 10.85 -21.31
CA SER C 60 -17.98 11.11 -22.72
C SER C 60 -18.98 10.48 -23.67
N LEU C 61 -19.53 9.32 -23.31
CA LEU C 61 -20.45 8.60 -24.17
C LEU C 61 -21.78 9.32 -24.35
N ASP C 62 -22.14 10.22 -23.44
CA ASP C 62 -23.41 10.92 -23.49
C ASP C 62 -23.29 12.32 -24.07
N LYS C 63 -22.12 12.73 -24.56
CA LYS C 63 -21.88 14.14 -24.78
C LYS C 63 -21.40 14.41 -26.20
N ASN C 64 -21.45 15.69 -26.55
CA ASN C 64 -20.85 16.28 -27.75
C ASN C 64 -19.46 15.70 -28.02
N VAL C 65 -19.28 15.17 -29.22
CA VAL C 65 -17.97 14.74 -29.67
C VAL C 65 -17.08 15.95 -29.88
N ASN C 66 -15.89 15.91 -29.28
CA ASN C 66 -14.95 17.01 -29.34
C ASN C 66 -14.00 16.81 -30.51
N ILE C 67 -13.98 17.78 -31.42
CA ILE C 67 -13.08 17.76 -32.58
C ILE C 67 -12.20 19.01 -32.49
N ALA C 68 -10.88 18.82 -32.58
CA ALA C 68 -9.94 19.91 -32.36
C ALA C 68 -9.34 20.40 -33.68
N ILE C 69 -9.16 21.71 -33.79
CA ILE C 69 -8.55 22.34 -34.95
C ILE C 69 -7.08 22.60 -34.61
N ILE C 70 -6.16 21.91 -35.28
CA ILE C 70 -4.73 22.06 -35.06
C ILE C 70 -4.19 22.99 -36.12
N GLY C 71 -3.92 24.24 -35.74
CA GLY C 71 -3.33 25.17 -36.66
C GLY C 71 -1.81 25.21 -36.59
N GLN C 72 -1.21 25.69 -37.68
CA GLN C 72 0.23 25.90 -37.74
C GLN C 72 0.56 27.26 -37.11
N PHE C 73 1.78 27.74 -37.33
CA PHE C 73 2.22 29.05 -36.89
C PHE C 73 1.10 30.09 -37.04
N SER C 74 0.60 30.24 -38.27
CA SER C 74 -0.74 30.77 -38.48
C SER C 74 -1.19 30.32 -39.87
N SER C 75 -2.00 29.26 -39.92
CA SER C 75 -2.48 28.70 -41.18
C SER C 75 -3.87 29.19 -41.55
N GLY C 76 -4.28 30.33 -41.03
CA GLY C 76 -5.61 30.85 -41.31
C GLY C 76 -6.73 30.06 -40.68
N LYS C 77 -6.50 29.45 -39.52
CA LYS C 77 -7.56 28.71 -38.85
C LYS C 77 -8.62 29.63 -38.28
N SER C 78 -8.27 30.87 -37.94
CA SER C 78 -9.26 31.81 -37.43
C SER C 78 -10.33 32.10 -38.48
N SER C 79 -9.90 32.37 -39.72
CA SER C 79 -10.85 32.62 -40.80
C SER C 79 -11.71 31.38 -41.09
N LEU C 80 -11.11 30.20 -41.04
CA LEU C 80 -11.88 28.97 -41.22
C LEU C 80 -12.96 28.84 -40.15
N LEU C 81 -12.60 29.10 -38.89
CA LEU C 81 -13.59 29.07 -37.81
C LEU C 81 -14.69 30.11 -38.04
N ASN C 82 -14.31 31.30 -38.51
CA ASN C 82 -15.31 32.33 -38.82
C ASN C 82 -16.28 31.84 -39.88
N LEU C 83 -15.75 31.25 -40.95
CA LEU C 83 -16.61 30.70 -42.00
C LEU C 83 -17.56 29.65 -41.45
N ILE C 84 -17.05 28.75 -40.60
CA ILE C 84 -17.91 27.76 -39.97
C ILE C 84 -19.01 28.45 -39.17
N LEU C 85 -18.64 29.47 -38.38
CA LEU C 85 -19.62 30.19 -37.58
C LEU C 85 -20.50 31.10 -38.42
N GLY C 86 -20.00 31.60 -39.55
CA GLY C 86 -20.69 32.64 -40.28
C GLY C 86 -20.19 33.99 -39.81
N ARG C 87 -20.40 34.28 -38.53
CA ARG C 87 -19.77 35.42 -37.89
C ARG C 87 -18.31 35.11 -37.58
N ASP C 88 -17.57 36.13 -37.18
CA ASP C 88 -16.11 36.11 -37.18
C ASP C 88 -15.54 36.22 -35.78
N CYS C 89 -14.29 35.76 -35.64
CA CYS C 89 -13.63 35.65 -34.34
C CYS C 89 -12.19 36.17 -34.44
N LEU C 90 -12.06 37.39 -34.96
CA LEU C 90 -10.82 38.18 -34.91
C LEU C 90 -9.62 37.56 -35.62
N VAL C 97 -2.64 37.87 -31.96
CA VAL C 97 -1.95 37.53 -30.72
C VAL C 97 -2.78 36.47 -30.02
N THR C 98 -2.13 35.43 -29.50
CA THR C 98 -2.86 34.21 -29.18
C THR C 98 -2.52 33.64 -27.80
N PHE C 99 -3.55 33.55 -26.95
CA PHE C 99 -4.26 32.28 -26.81
C PHE C 99 -5.20 32.21 -25.62
N LYS C 100 -6.27 31.45 -25.79
CA LYS C 100 -7.05 30.76 -24.76
C LYS C 100 -7.58 29.50 -25.41
N PRO C 101 -7.87 28.45 -24.65
CA PRO C 101 -8.67 27.35 -25.22
C PRO C 101 -10.07 27.86 -25.53
N THR C 102 -10.47 27.72 -26.79
CA THR C 102 -11.73 28.27 -27.27
C THR C 102 -12.59 27.15 -27.85
N PHE C 103 -13.89 27.23 -27.61
CA PHE C 103 -14.79 26.12 -27.91
C PHE C 103 -15.96 26.65 -28.72
N LEU C 104 -16.34 25.90 -29.76
CA LEU C 104 -17.52 26.21 -30.57
C LEU C 104 -18.61 25.21 -30.23
N ARG C 105 -19.74 25.72 -29.71
CA ARG C 105 -20.93 24.95 -29.35
C ARG C 105 -22.15 25.59 -29.97
N TYR C 106 -23.25 24.83 -29.97
CA TYR C 106 -24.48 25.22 -30.62
C TYR C 106 -25.41 25.93 -29.64
N ALA C 107 -26.22 26.84 -30.18
CA ALA C 107 -27.24 27.57 -29.43
C ALA C 107 -28.29 28.01 -30.44
N LYS C 108 -29.20 28.88 -30.00
CA LYS C 108 -30.13 29.54 -30.91
C LYS C 108 -29.73 30.97 -31.20
N GLU C 109 -28.73 31.49 -30.52
CA GLU C 109 -28.21 32.82 -30.74
C GLU C 109 -26.69 32.78 -30.66
N TYR C 110 -26.07 33.90 -31.01
CA TYR C 110 -24.63 34.06 -30.86
C TYR C 110 -24.32 34.52 -29.44
N PHE C 111 -23.63 33.66 -28.70
CA PHE C 111 -23.13 34.01 -27.37
C PHE C 111 -21.65 33.70 -27.26
N LEU C 112 -21.03 34.34 -26.29
CA LEU C 112 -19.70 33.99 -25.83
C LEU C 112 -19.81 33.77 -24.33
N ARG C 113 -19.32 32.64 -23.85
CA ARG C 113 -19.19 32.43 -22.43
C ARG C 113 -17.71 32.48 -22.09
N VAL C 114 -17.36 33.39 -21.19
CA VAL C 114 -16.00 33.54 -20.72
C VAL C 114 -15.92 32.86 -19.38
N GLU C 115 -15.22 31.73 -19.33
CA GLU C 115 -14.97 31.01 -18.09
C GLU C 115 -13.66 31.53 -17.54
N PHE C 116 -13.67 32.01 -16.30
CA PHE C 116 -12.47 32.57 -15.72
C PHE C 116 -11.71 31.53 -14.91
N GLU C 117 -10.44 31.83 -14.64
CA GLU C 117 -9.62 30.93 -13.84
C GLU C 117 -10.12 30.86 -12.40
N ASP C 118 -10.59 31.98 -11.85
CA ASP C 118 -11.14 32.00 -10.50
C ASP C 118 -12.40 31.15 -10.35
N GLY C 119 -12.94 30.62 -11.44
CA GLY C 119 -14.10 29.77 -11.37
C GLY C 119 -15.33 30.43 -11.97
N SER C 120 -15.53 31.70 -11.63
CA SER C 120 -16.65 32.48 -12.13
C SER C 120 -16.67 32.50 -13.66
N ASP C 121 -17.85 32.74 -14.23
CA ASP C 121 -17.99 32.91 -15.66
C ASP C 121 -18.81 34.18 -15.93
N ILE C 122 -18.92 34.50 -17.23
CA ILE C 122 -19.86 35.53 -17.66
C ILE C 122 -20.31 35.20 -19.07
N ILE C 123 -21.61 35.39 -19.32
CA ILE C 123 -22.19 35.20 -20.64
C ILE C 123 -22.44 36.57 -21.25
N THR C 124 -22.01 36.75 -22.49
CA THR C 124 -22.10 38.06 -23.15
C THR C 124 -22.12 37.84 -24.65
N ASN C 125 -22.10 38.94 -25.40
CA ASN C 125 -22.17 38.85 -26.84
C ASN C 125 -20.83 38.40 -27.42
N ILE C 126 -20.89 37.73 -28.56
CA ILE C 126 -19.67 37.30 -29.24
C ILE C 126 -18.79 38.50 -29.60
N GLU C 127 -19.41 39.67 -29.81
CA GLU C 127 -18.67 40.87 -30.19
C GLU C 127 -17.52 41.20 -29.24
N LYS C 128 -17.70 40.97 -27.93
CA LYS C 128 -16.63 41.33 -27.00
C LYS C 128 -15.51 40.30 -26.94
N LEU C 129 -15.60 39.23 -27.75
CA LEU C 129 -14.62 38.15 -27.68
C LEU C 129 -13.19 38.70 -27.65
N ALA C 130 -12.87 39.59 -28.59
CA ALA C 130 -11.53 40.14 -28.69
C ALA C 130 -11.04 40.64 -27.32
N PHE C 131 -11.87 41.41 -26.64
CA PHE C 131 -11.47 42.00 -25.36
C PHE C 131 -11.00 40.92 -24.39
N TYR C 132 -11.71 39.81 -24.31
CA TYR C 132 -11.33 38.77 -23.37
C TYR C 132 -10.14 37.95 -23.86
N THR C 133 -9.92 37.87 -25.18
CA THR C 133 -8.69 37.25 -25.65
C THR C 133 -7.47 38.09 -25.24
N ASP C 134 -7.49 39.38 -25.57
CA ASP C 134 -6.37 40.25 -25.22
C ASP C 134 -6.32 40.40 -23.71
N GLN C 135 -5.19 40.02 -23.12
CA GLN C 135 -5.07 40.02 -21.67
C GLN C 135 -4.85 41.43 -21.14
N ARG C 136 -5.20 41.61 -19.87
CA ARG C 136 -4.92 42.84 -19.13
C ARG C 136 -4.14 42.49 -17.87
N ASN C 137 -3.71 43.53 -17.17
CA ASN C 137 -2.97 43.34 -15.92
C ASN C 137 -3.89 43.05 -14.74
N GLU C 138 -5.12 43.57 -14.76
CA GLU C 138 -6.03 43.49 -13.62
C GLU C 138 -7.29 42.70 -13.91
N VAL C 139 -7.80 42.76 -15.14
CA VAL C 139 -9.02 42.03 -15.47
C VAL C 139 -8.81 40.53 -15.28
N LYS C 140 -9.82 39.86 -14.73
CA LYS C 140 -9.81 38.42 -14.50
C LYS C 140 -9.22 37.68 -15.68
N GLN C 141 -8.12 36.96 -15.44
CA GLN C 141 -7.52 36.18 -16.50
C GLN C 141 -8.42 34.99 -16.83
N ALA C 142 -8.75 34.85 -18.11
CA ALA C 142 -9.71 33.84 -18.54
C ALA C 142 -9.07 32.45 -18.58
N LYS C 143 -9.82 31.46 -18.10
CA LYS C 143 -9.45 30.06 -18.26
C LYS C 143 -9.73 29.57 -19.67
N SER C 144 -10.94 29.82 -20.17
CA SER C 144 -11.34 29.34 -21.49
C SER C 144 -12.40 30.27 -22.05
N LEU C 145 -12.66 30.10 -23.35
CA LEU C 145 -13.64 30.90 -24.08
C LEU C 145 -14.62 29.96 -24.78
N HIS C 146 -15.90 30.33 -24.74
CA HIS C 146 -16.96 29.44 -25.22
C HIS C 146 -17.88 30.22 -26.16
N ILE C 147 -17.69 30.01 -27.46
CA ILE C 147 -18.49 30.63 -28.51
C ILE C 147 -19.72 29.75 -28.74
N PHE C 148 -20.89 30.32 -28.50
CA PHE C 148 -22.16 29.65 -28.76
C PHE C 148 -22.77 30.27 -30.00
N ALA C 149 -23.25 29.42 -30.91
CA ALA C 149 -23.71 29.94 -32.20
C ALA C 149 -24.85 29.07 -32.71
N PRO C 150 -25.79 29.66 -33.45
CA PRO C 150 -26.88 28.88 -34.05
C PRO C 150 -26.46 28.24 -35.37
N ILE C 151 -25.43 27.39 -35.30
CA ILE C 151 -24.86 26.73 -36.46
C ILE C 151 -25.03 25.23 -36.30
N PRO C 152 -25.70 24.55 -37.22
CA PRO C 152 -25.58 23.09 -37.29
C PRO C 152 -24.13 22.65 -37.36
N LEU C 153 -23.87 21.38 -37.03
CA LEU C 153 -22.55 20.79 -36.92
C LEU C 153 -21.85 21.20 -35.62
N LEU C 154 -22.40 22.21 -34.95
CA LEU C 154 -22.11 22.40 -33.53
C LEU C 154 -23.09 21.62 -32.67
N GLU C 155 -24.13 21.08 -33.28
CA GLU C 155 -25.02 20.11 -32.64
C GLU C 155 -24.26 18.81 -32.48
N LYS C 156 -23.76 18.58 -31.26
CA LYS C 156 -23.09 17.36 -30.81
C LYS C 156 -21.79 17.07 -31.55
N ILE C 157 -21.24 18.03 -32.30
CA ILE C 157 -19.86 17.93 -32.75
C ILE C 157 -19.15 19.24 -32.45
N THR C 158 -18.78 19.45 -31.19
CA THR C 158 -18.22 20.73 -30.77
C THR C 158 -16.75 20.84 -31.13
N LEU C 159 -16.29 22.06 -31.32
CA LEU C 159 -14.98 22.33 -31.89
C LEU C 159 -14.06 22.96 -30.86
N VAL C 160 -12.78 22.59 -30.90
CA VAL C 160 -11.81 22.97 -29.89
C VAL C 160 -10.60 23.60 -30.59
N ASP C 161 -10.36 24.88 -30.33
CA ASP C 161 -9.21 25.57 -30.89
C ASP C 161 -7.96 25.22 -30.08
N THR C 162 -6.90 24.81 -30.78
CA THR C 162 -5.68 24.31 -30.15
C THR C 162 -4.52 25.27 -30.38
N PRO C 163 -3.44 25.13 -29.60
CA PRO C 163 -2.28 26.01 -29.78
C PRO C 163 -1.62 25.84 -31.14
N GLY C 164 -0.94 26.90 -31.58
CA GLY C 164 -0.10 26.81 -32.76
C GLY C 164 1.18 26.05 -32.48
N LEU C 165 1.62 25.25 -33.46
CA LEU C 165 2.79 24.39 -33.32
C LEU C 165 4.05 25.22 -33.62
N ASN C 166 4.48 25.99 -32.62
CA ASN C 166 5.62 26.88 -32.76
C ASN C 166 6.96 26.13 -32.59
N ALA C 167 7.19 25.18 -33.49
CA ALA C 167 8.44 24.43 -33.57
C ALA C 167 8.86 23.87 -32.21
N ASN C 168 7.98 23.04 -31.65
CA ASN C 168 8.19 22.47 -30.32
C ASN C 168 7.84 20.99 -30.39
N GLU C 169 8.82 20.14 -30.05
CA GLU C 169 8.57 18.70 -30.10
C GLU C 169 7.66 18.25 -28.98
N ASN C 170 7.82 18.82 -27.78
CA ASN C 170 7.01 18.46 -26.63
C ASN C 170 5.79 19.35 -26.43
N ASP C 171 5.53 20.28 -27.34
CA ASP C 171 4.28 21.03 -27.32
C ASP C 171 3.08 20.09 -27.34
N THR C 172 3.16 19.01 -28.12
CA THR C 172 2.04 18.09 -28.28
C THR C 172 1.63 17.46 -26.96
N LEU C 173 2.55 16.77 -26.29
CA LEU C 173 2.23 16.13 -25.03
C LEU C 173 1.81 17.15 -23.97
N THR C 174 2.40 18.34 -23.99
CA THR C 174 1.96 19.39 -23.07
C THR C 174 0.50 19.75 -23.32
N THR C 175 0.12 19.92 -24.59
CA THR C 175 -1.27 20.19 -24.93
C THR C 175 -2.17 19.05 -24.48
N LEU C 176 -1.73 17.81 -24.71
CA LEU C 176 -2.50 16.64 -24.29
C LEU C 176 -2.72 16.67 -22.78
N ASP C 177 -1.67 16.97 -22.01
CA ASP C 177 -1.80 17.07 -20.57
C ASP C 177 -2.78 18.18 -20.18
N GLU C 178 -2.74 19.32 -20.89
CA GLU C 178 -3.67 20.40 -20.59
C GLU C 178 -5.12 19.97 -20.79
N LEU C 179 -5.44 19.42 -21.96
CA LEU C 179 -6.82 19.21 -22.38
C LEU C 179 -6.92 17.84 -23.02
N LYS C 180 -7.99 17.12 -22.73
CA LYS C 180 -8.06 15.69 -23.01
C LYS C 180 -9.44 15.32 -23.54
N ASN C 181 -9.57 14.06 -23.94
CA ASN C 181 -10.80 13.51 -24.50
C ASN C 181 -11.15 14.14 -25.83
N ILE C 182 -10.23 14.03 -26.79
CA ILE C 182 -10.40 14.55 -28.14
C ILE C 182 -10.59 13.36 -29.07
N HIS C 183 -11.75 13.28 -29.71
CA HIS C 183 -12.06 12.14 -30.57
C HIS C 183 -11.40 12.25 -31.94
N GLY C 184 -11.21 13.46 -32.44
CA GLY C 184 -10.44 13.64 -33.66
C GLY C 184 -10.10 15.10 -33.88
N ALA C 185 -9.53 15.38 -35.05
CA ALA C 185 -9.04 16.72 -35.30
C ALA C 185 -8.96 17.02 -36.79
N ILE C 186 -8.85 18.32 -37.06
CA ILE C 186 -8.63 18.87 -38.38
C ILE C 186 -7.26 19.56 -38.34
N TRP C 187 -6.27 18.90 -38.94
CA TRP C 187 -4.90 19.41 -39.05
C TRP C 187 -4.82 20.39 -40.20
N LEU C 188 -4.65 21.67 -39.90
CA LEU C 188 -4.55 22.70 -40.92
C LEU C 188 -3.09 22.98 -41.21
N SER C 189 -2.72 22.92 -42.48
CA SER C 189 -1.36 23.17 -42.92
C SER C 189 -1.40 23.99 -44.20
N LEU C 190 -0.35 24.78 -44.42
CA LEU C 190 -0.20 25.47 -45.69
C LEU C 190 0.45 24.54 -46.70
N ILE C 191 0.60 25.02 -47.93
CA ILE C 191 1.10 24.25 -49.07
C ILE C 191 2.35 23.43 -48.74
N ASP C 192 3.23 23.97 -47.90
CA ASP C 192 4.42 23.24 -47.48
C ASP C 192 4.06 21.91 -46.83
N ASN C 193 4.56 20.81 -47.39
CA ASN C 193 4.39 19.47 -46.85
C ASN C 193 5.74 18.78 -46.74
N ALA C 194 6.70 19.47 -46.13
CA ALA C 194 8.06 18.96 -46.01
C ALA C 194 8.13 17.78 -45.04
N GLY C 195 9.27 17.08 -45.08
CA GLY C 195 9.50 15.99 -44.15
C GLY C 195 9.42 16.41 -42.69
N LYS C 196 9.85 17.64 -42.38
CA LYS C 196 9.73 18.12 -41.01
C LYS C 196 8.27 18.08 -40.56
N LYS C 197 7.35 18.50 -41.42
CA LYS C 197 5.93 18.46 -41.07
C LYS C 197 5.44 17.03 -40.92
N SER C 198 5.92 16.12 -41.77
CA SER C 198 5.53 14.72 -41.63
C SER C 198 5.96 14.14 -40.28
N GLU C 199 7.23 14.32 -39.92
CA GLU C 199 7.72 13.81 -38.63
C GLU C 199 6.97 14.45 -37.46
N GLU C 200 6.79 15.78 -37.51
CA GLU C 200 6.14 16.45 -36.39
C GLU C 200 4.67 16.07 -36.30
N ASP C 201 4.00 15.89 -37.44
CA ASP C 201 2.64 15.37 -37.45
C ASP C 201 2.60 13.98 -36.82
N ALA C 202 3.58 13.12 -37.16
CA ALA C 202 3.59 11.77 -36.59
C ALA C 202 3.71 11.81 -35.08
N ILE C 203 4.66 12.60 -34.57
CA ILE C 203 4.82 12.70 -33.11
C ILE C 203 3.59 13.35 -32.48
N LYS C 204 2.97 14.30 -33.19
CA LYS C 204 1.78 14.98 -32.70
C LYS C 204 0.63 13.99 -32.55
N ALA C 205 0.22 13.38 -33.66
CA ALA C 205 -0.96 12.53 -33.66
C ALA C 205 -0.74 11.31 -32.79
N ASN C 206 0.18 10.44 -33.22
CA ASN C 206 0.62 9.29 -32.42
C ASN C 206 -0.55 8.46 -31.93
N LEU C 207 -1.70 8.63 -32.60
CA LEU C 207 -2.98 8.01 -32.27
C LEU C 207 -3.55 8.66 -31.02
N GLU C 208 -2.70 9.38 -30.28
CA GLU C 208 -3.13 10.10 -29.08
C GLU C 208 -4.24 11.10 -29.42
N LEU C 209 -4.00 11.95 -30.42
CA LEU C 209 -4.80 13.14 -30.64
C LEU C 209 -5.67 13.07 -31.90
N LEU C 210 -5.23 12.33 -32.92
CA LEU C 210 -5.95 12.23 -34.19
C LEU C 210 -6.48 10.84 -34.50
N GLY C 211 -6.33 9.87 -33.59
CA GLY C 211 -6.52 8.46 -33.89
C GLY C 211 -7.60 7.95 -34.83
N GLU C 212 -7.12 7.32 -35.89
CA GLU C 212 -7.86 6.55 -36.91
C GLU C 212 -8.79 7.33 -37.82
N ASN C 213 -9.28 8.50 -37.43
CA ASN C 213 -10.08 9.30 -38.38
C ASN C 213 -10.01 10.77 -38.00
N SER C 214 -9.32 11.52 -38.84
CA SER C 214 -9.02 12.91 -38.64
C SER C 214 -8.55 13.40 -40.00
N ILE C 215 -8.74 14.69 -40.28
CA ILE C 215 -8.45 15.19 -41.63
C ILE C 215 -7.18 16.01 -41.60
N CYS C 216 -6.39 15.88 -42.66
CA CYS C 216 -5.39 16.86 -43.06
C CYS C 216 -6.00 17.82 -44.08
N VAL C 217 -5.82 19.11 -43.87
CA VAL C 217 -6.39 20.16 -44.72
C VAL C 217 -5.25 21.05 -45.19
N LEU C 218 -4.91 20.96 -46.47
CA LEU C 218 -4.03 21.95 -47.08
C LEU C 218 -4.82 23.22 -47.37
N ASN C 219 -4.30 24.35 -46.94
CA ASN C 219 -4.97 25.63 -47.09
C ASN C 219 -4.50 26.37 -48.35
N GLN C 220 -5.18 27.48 -48.63
CA GLN C 220 -4.66 28.57 -49.46
C GLN C 220 -4.13 28.11 -50.82
N LYS C 221 -4.96 27.36 -51.54
CA LYS C 221 -4.66 27.07 -52.94
C LYS C 221 -4.47 28.34 -53.75
N ASP C 222 -5.23 29.39 -53.41
CA ASP C 222 -5.28 30.61 -54.24
C ASP C 222 -3.93 31.32 -54.35
N LYS C 223 -3.05 31.16 -53.36
CA LYS C 223 -1.80 31.90 -53.40
C LYS C 223 -0.78 31.33 -54.38
N LEU C 224 -0.86 30.06 -54.71
CA LEU C 224 0.15 29.44 -55.57
C LEU C 224 -0.21 29.58 -57.04
N GLU C 228 -4.19 23.71 -60.35
CA GLU C 228 -2.93 23.86 -61.08
C GLU C 228 -2.20 22.54 -61.21
N LEU C 229 -1.17 22.51 -62.05
CA LEU C 229 -0.27 21.36 -62.08
C LEU C 229 0.50 21.23 -60.78
N ASP C 230 0.95 22.36 -60.23
CA ASP C 230 1.67 22.34 -58.96
C ASP C 230 0.81 21.75 -57.85
N ASN C 231 -0.44 22.22 -57.74
CA ASN C 231 -1.35 21.71 -56.73
C ASN C 231 -1.62 20.22 -56.92
N VAL C 232 -1.73 19.77 -58.17
CA VAL C 232 -1.93 18.35 -58.44
C VAL C 232 -0.73 17.54 -57.92
N LEU C 233 0.49 18.01 -58.24
CA LEU C 233 1.68 17.32 -57.76
C LEU C 233 1.70 17.27 -56.24
N ASN C 234 1.32 18.38 -55.60
CA ASN C 234 1.31 18.43 -54.14
C ASN C 234 0.30 17.46 -53.55
N TYR C 235 -0.89 17.36 -54.13
CA TYR C 235 -1.86 16.41 -53.60
C TYR C 235 -1.37 14.97 -53.77
N ALA C 236 -0.73 14.66 -54.90
CA ALA C 236 -0.13 13.32 -55.06
C ALA C 236 0.90 13.05 -53.97
N LYS C 237 1.77 14.04 -53.73
CA LYS C 237 2.76 13.94 -52.67
C LYS C 237 2.09 13.66 -51.33
N SER C 238 1.04 14.41 -51.02
CA SER C 238 0.32 14.22 -49.76
C SER C 238 -0.29 12.82 -49.67
N VAL C 239 -0.85 12.33 -50.79
CA VAL C 239 -1.45 11.00 -50.79
C VAL C 239 -0.44 9.95 -50.35
N PHE C 240 0.72 9.91 -51.02
CA PHE C 240 1.69 8.88 -50.61
C PHE C 240 2.33 9.18 -49.26
N LEU C 241 2.64 10.45 -48.99
CA LEU C 241 3.26 10.82 -47.71
C LEU C 241 2.30 10.66 -46.54
N LYS C 242 1.11 11.26 -46.64
CA LYS C 242 0.28 11.51 -45.45
C LYS C 242 -0.95 10.63 -45.44
N TYR C 243 -0.76 9.32 -45.56
CA TYR C 243 -1.83 8.39 -45.18
C TYR C 243 -1.90 8.20 -43.66
N PHE C 244 -1.03 8.87 -42.91
CA PHE C 244 -1.21 9.02 -41.47
C PHE C 244 -2.64 9.45 -41.14
N ASN C 245 -3.05 10.60 -41.66
CA ASN C 245 -4.40 11.08 -41.43
C ASN C 245 -5.39 10.26 -42.25
N GLU C 246 -6.65 10.33 -41.88
CA GLU C 246 -7.68 9.54 -42.53
C GLU C 246 -8.62 10.43 -43.35
N LEU C 247 -9.37 9.78 -44.25
CA LEU C 247 -10.40 10.42 -45.05
C LEU C 247 -9.88 11.68 -45.74
N ILE C 248 -9.39 11.50 -46.97
CA ILE C 248 -8.26 12.15 -47.63
C ILE C 248 -7.86 13.52 -47.11
N ALA C 249 -6.54 13.74 -47.14
CA ALA C 249 -6.02 15.09 -47.04
C ALA C 249 -6.64 15.93 -48.14
N ILE C 250 -7.19 17.08 -47.77
CA ILE C 250 -7.95 17.92 -48.68
C ILE C 250 -7.31 19.30 -48.80
N SER C 251 -7.86 20.14 -49.67
CA SER C 251 -7.34 21.48 -49.83
C SER C 251 -8.40 22.42 -50.38
N CYS C 252 -8.46 23.63 -49.80
CA CYS C 252 -8.80 24.90 -50.43
C CYS C 252 -9.02 25.94 -49.33
N LYS C 253 -9.21 27.22 -49.68
CA LYS C 253 -10.20 28.06 -48.98
C LYS C 253 -10.34 29.47 -49.57
N GLU C 254 -11.55 29.85 -49.99
CA GLU C 254 -11.99 31.23 -50.22
C GLU C 254 -13.51 31.28 -50.20
N ALA C 255 -14.07 32.25 -49.49
CA ALA C 255 -15.52 32.46 -49.43
C ALA C 255 -15.81 33.89 -48.99
N LYS C 256 -17.04 34.12 -48.52
CA LYS C 256 -17.39 35.28 -47.72
C LYS C 256 -17.13 36.58 -48.48
N ASP C 257 -18.06 36.83 -49.42
CA ASP C 257 -18.09 37.92 -50.39
C ASP C 257 -17.29 37.58 -51.64
N GLU C 258 -16.86 36.33 -51.74
CA GLU C 258 -16.59 35.76 -53.05
C GLU C 258 -17.94 35.31 -53.58
N GLN C 259 -18.32 35.79 -54.77
CA GLN C 259 -19.59 35.38 -55.35
C GLN C 259 -19.68 33.87 -55.48
N SER C 260 -18.62 33.24 -55.97
CA SER C 260 -18.55 31.77 -56.05
C SER C 260 -18.96 31.10 -54.75
N TYR C 261 -18.35 31.49 -53.64
CA TYR C 261 -18.35 30.78 -52.36
C TYR C 261 -17.81 29.36 -52.47
N GLU C 262 -17.25 28.96 -53.60
CA GLU C 262 -17.15 27.53 -53.86
C GLU C 262 -16.02 27.27 -54.86
N LYS C 263 -15.86 25.99 -55.19
CA LYS C 263 -14.56 25.39 -55.45
C LYS C 263 -13.58 25.91 -54.41
N SER C 264 -14.07 25.99 -53.17
CA SER C 264 -13.24 26.15 -51.99
C SER C 264 -13.23 24.87 -51.19
N ASN C 265 -13.78 23.80 -51.74
CA ASN C 265 -13.82 22.48 -51.13
C ASN C 265 -14.35 22.55 -49.71
N PHE C 266 -14.96 23.68 -49.36
CA PHE C 266 -15.35 23.92 -47.97
C PHE C 266 -16.49 23.00 -47.60
N GLN C 267 -17.42 22.77 -48.52
CA GLN C 267 -18.46 21.79 -48.31
C GLN C 267 -17.92 20.36 -48.31
N SER C 268 -16.71 20.10 -48.82
CA SER C 268 -16.12 18.78 -48.66
C SER C 268 -15.72 18.54 -47.21
N LEU C 269 -15.03 19.52 -46.61
CA LEU C 269 -14.69 19.44 -45.19
C LEU C 269 -15.94 19.39 -44.33
N LEU C 270 -16.88 20.31 -44.60
CA LEU C 270 -18.16 20.33 -43.90
C LEU C 270 -18.89 19.00 -44.02
N ASP C 271 -18.92 18.43 -45.23
CA ASP C 271 -19.58 17.16 -45.47
C ASP C 271 -18.94 16.05 -44.68
N PHE C 272 -17.60 16.03 -44.61
CA PHE C 272 -16.93 15.03 -43.76
C PHE C 272 -17.36 15.19 -42.32
N LEU C 273 -17.24 16.41 -41.79
CA LEU C 273 -17.60 16.69 -40.40
C LEU C 273 -19.04 16.23 -40.11
N THR C 274 -19.92 16.37 -41.10
CA THR C 274 -21.27 15.82 -40.97
C THR C 274 -21.25 14.29 -40.95
N GLN C 275 -20.55 13.68 -41.92
CA GLN C 275 -20.56 12.23 -42.12
C GLN C 275 -19.86 11.46 -41.01
N LEU C 276 -19.14 12.14 -40.11
CA LEU C 276 -18.52 11.47 -38.96
C LEU C 276 -19.52 10.61 -38.20
N ASP C 277 -19.12 9.38 -37.89
CA ASP C 277 -19.92 8.48 -37.07
C ASP C 277 -19.50 8.73 -35.63
N THR C 278 -20.17 9.70 -35.00
CA THR C 278 -19.76 10.16 -33.68
C THR C 278 -19.76 9.04 -32.67
N THR C 279 -20.77 8.17 -32.72
CA THR C 279 -20.89 7.06 -31.78
C THR C 279 -19.64 6.18 -31.84
N VAL C 280 -19.23 5.77 -33.04
CA VAL C 280 -18.05 4.94 -33.19
C VAL C 280 -16.81 5.66 -32.64
N LEU C 281 -16.69 6.95 -32.92
CA LEU C 281 -15.57 7.74 -32.40
C LEU C 281 -15.50 7.64 -30.88
N LYS C 282 -16.63 7.92 -30.22
CA LYS C 282 -16.70 7.86 -28.76
C LYS C 282 -16.34 6.47 -28.25
N GLU C 283 -16.92 5.44 -28.87
CA GLU C 283 -16.68 4.06 -28.45
C GLU C 283 -15.18 3.73 -28.50
N LYS C 284 -14.57 3.96 -29.67
CA LYS C 284 -13.16 3.63 -29.85
C LYS C 284 -12.29 4.42 -28.88
N PHE C 285 -12.57 5.70 -28.69
CA PHE C 285 -11.80 6.52 -27.76
C PHE C 285 -11.85 5.96 -26.34
N VAL C 286 -13.06 5.65 -25.88
CA VAL C 286 -13.20 5.12 -24.51
C VAL C 286 -12.46 3.78 -24.39
N LYS C 287 -12.59 2.92 -25.41
CA LYS C 287 -11.86 1.66 -25.41
C LYS C 287 -10.36 1.89 -25.26
N ARG C 288 -9.82 2.82 -26.06
CA ARG C 288 -8.39 3.14 -26.01
C ARG C 288 -7.97 3.60 -24.62
N LYS C 289 -8.73 4.53 -24.04
CA LYS C 289 -8.35 5.08 -22.74
C LYS C 289 -8.42 4.02 -21.65
N ILE C 290 -9.45 3.16 -21.68
CA ILE C 290 -9.56 2.09 -20.69
C ILE C 290 -8.39 1.13 -20.82
N LEU C 291 -7.99 0.81 -22.05
CA LEU C 291 -6.82 -0.05 -22.25
C LEU C 291 -5.55 0.59 -21.69
N ASN C 292 -5.38 1.90 -21.91
CA ASN C 292 -4.24 2.61 -21.36
C ASN C 292 -4.20 2.51 -19.84
N LEU C 293 -5.35 2.77 -19.20
CA LEU C 293 -5.43 2.66 -17.74
C LEU C 293 -5.10 1.26 -17.26
N CYS C 294 -5.62 0.24 -17.95
CA CYS C 294 -5.29 -1.14 -17.62
C CYS C 294 -3.79 -1.38 -17.69
N GLU C 295 -3.15 -0.87 -18.75
CA GLU C 295 -1.71 -1.02 -18.90
C GLU C 295 -0.97 -0.40 -17.71
N ILE C 296 -1.38 0.82 -17.32
CA ILE C 296 -0.75 1.50 -16.19
C ILE C 296 -0.87 0.65 -14.92
N LEU C 297 -2.09 0.19 -14.63
CA LEU C 297 -2.33 -0.60 -13.43
C LEU C 297 -1.49 -1.87 -13.43
N GLU C 298 -1.40 -2.54 -14.58
CA GLU C 298 -0.58 -3.74 -14.68
C GLU C 298 0.89 -3.43 -14.44
N ASP C 299 1.38 -2.30 -14.98
CA ASP C 299 2.74 -1.87 -14.72
C ASP C 299 3.01 -1.78 -13.22
N GLU C 300 2.14 -1.06 -12.50
CA GLU C 300 2.29 -0.95 -11.05
C GLU C 300 2.29 -2.32 -10.38
N ASN C 301 1.32 -3.17 -10.72
CA ASN C 301 1.21 -4.48 -10.10
C ASN C 301 2.49 -5.28 -10.32
N GLN C 302 3.01 -5.29 -11.54
CA GLN C 302 4.22 -6.05 -11.82
C GLN C 302 5.42 -5.49 -11.08
N LEU C 303 5.49 -4.17 -10.91
CA LEU C 303 6.55 -3.59 -10.08
C LEU C 303 6.52 -4.17 -8.67
N PHE C 304 5.33 -4.18 -8.06
CA PHE C 304 5.21 -4.74 -6.71
C PHE C 304 5.64 -6.22 -6.71
N VAL C 305 5.16 -6.98 -7.69
CA VAL C 305 5.51 -8.39 -7.80
C VAL C 305 7.02 -8.56 -7.87
N GLY C 306 7.68 -7.73 -8.68
CA GLY C 306 9.12 -7.81 -8.81
C GLY C 306 9.84 -7.53 -7.50
N ILE C 307 9.34 -6.56 -6.73
CA ILE C 307 9.91 -6.29 -5.41
C ILE C 307 9.90 -7.56 -4.56
N PHE C 308 8.73 -8.18 -4.42
CA PHE C 308 8.64 -9.39 -3.61
C PHE C 308 9.49 -10.53 -4.17
N ASP C 309 9.53 -10.66 -5.50
CA ASP C 309 10.40 -11.65 -6.12
C ASP C 309 11.87 -11.42 -5.76
N ARG C 310 12.30 -10.16 -5.77
CA ARG C 310 13.66 -9.82 -5.36
C ARG C 310 13.94 -10.30 -3.94
N LEU C 311 13.01 -10.02 -3.02
CA LEU C 311 13.21 -10.48 -1.65
C LEU C 311 13.33 -12.00 -1.57
N LEU C 312 12.45 -12.71 -2.27
CA LEU C 312 12.50 -14.17 -2.29
C LEU C 312 13.84 -14.67 -2.81
N ASN C 313 14.31 -14.08 -3.92
CA ASN C 313 15.57 -14.50 -4.50
C ASN C 313 16.73 -14.24 -3.56
N GLN C 314 16.69 -13.11 -2.84
CA GLN C 314 17.72 -12.84 -1.84
C GLN C 314 17.74 -13.91 -0.76
N PHE C 315 16.56 -14.30 -0.27
CA PHE C 315 16.48 -15.37 0.73
C PHE C 315 17.11 -16.67 0.19
N GLN C 316 16.73 -17.05 -1.03
CA GLN C 316 17.29 -18.27 -1.63
C GLN C 316 18.79 -18.16 -1.80
N SER C 317 19.29 -16.99 -2.19
CA SER C 317 20.74 -16.77 -2.30
C SER C 317 21.43 -16.97 -0.96
N TYR C 318 20.85 -16.43 0.12
CA TYR C 318 21.41 -16.65 1.45
C TYR C 318 21.44 -18.12 1.80
N GLU C 319 20.35 -18.85 1.50
CA GLU C 319 20.31 -20.29 1.74
C GLU C 319 21.45 -21.00 1.01
N LYS C 320 21.61 -20.69 -0.29
CA LYS C 320 22.66 -21.32 -1.07
C LYS C 320 24.05 -21.00 -0.52
N HIS C 321 24.27 -19.76 -0.11
CA HIS C 321 25.55 -19.40 0.49
C HIS C 321 25.82 -20.19 1.76
N LEU C 322 24.79 -20.35 2.60
CA LEU C 322 24.92 -21.17 3.80
C LEU C 322 25.31 -22.59 3.44
N LEU C 323 24.62 -23.17 2.46
CA LEU C 323 24.93 -24.52 2.02
C LEU C 323 26.37 -24.64 1.53
N LEU C 324 26.82 -23.64 0.77
CA LEU C 324 28.21 -23.62 0.32
C LEU C 324 29.17 -23.60 1.51
N ALA C 325 28.99 -22.65 2.41
CA ALA C 325 29.97 -22.44 3.47
C ALA C 325 29.99 -23.60 4.46
N TYR C 326 28.87 -24.31 4.61
CA TYR C 326 28.82 -25.39 5.59
C TYR C 326 29.74 -26.54 5.24
N GLU C 327 30.16 -26.69 3.98
CA GLU C 327 31.16 -27.69 3.66
C GLU C 327 32.41 -27.48 4.53
N ASN C 328 33.04 -26.32 4.36
CA ASN C 328 34.24 -25.99 5.12
C ASN C 328 33.94 -25.86 6.60
N PHE C 329 32.79 -25.28 6.95
CA PHE C 329 32.43 -25.06 8.34
C PHE C 329 32.33 -26.38 9.12
N LEU C 330 31.58 -27.34 8.56
CA LEU C 330 31.45 -28.64 9.20
C LEU C 330 32.77 -29.38 9.27
N LYS C 331 33.56 -29.32 8.18
CA LYS C 331 34.88 -29.96 8.25
C LYS C 331 35.74 -29.38 9.36
N GLU C 332 35.74 -28.04 9.49
CA GLU C 332 36.49 -27.39 10.57
C GLU C 332 35.99 -27.82 11.94
N ILE C 333 34.67 -27.92 12.11
CA ILE C 333 34.11 -28.34 13.40
C ILE C 333 34.53 -29.75 13.73
N GLU C 334 34.49 -30.66 12.75
CA GLU C 334 34.99 -32.02 12.96
C GLU C 334 36.46 -32.00 13.40
N ILE C 335 37.27 -31.20 12.69
CA ILE C 335 38.69 -31.05 13.05
C ILE C 335 38.83 -30.60 14.50
N LEU C 336 38.04 -29.61 14.90
CA LEU C 336 38.09 -29.12 16.28
C LEU C 336 37.71 -30.20 17.28
N ASN C 337 36.68 -30.98 16.99
CA ASN C 337 36.33 -32.13 17.82
C ASN C 337 37.57 -32.98 18.08
N HIS C 338 38.21 -33.42 17.00
CA HIS C 338 39.39 -34.27 17.12
C HIS C 338 40.50 -33.56 17.88
N GLN C 339 40.69 -32.27 17.63
CA GLN C 339 41.73 -31.50 18.34
C GLN C 339 41.50 -31.51 19.84
N ILE C 340 40.26 -31.23 20.27
CA ILE C 340 39.94 -31.21 21.69
C ILE C 340 40.22 -32.59 22.30
N LEU C 341 39.79 -33.65 21.62
CA LEU C 341 40.02 -35.00 22.14
C LEU C 341 41.50 -35.27 22.32
N GLU C 342 42.30 -34.94 21.29
CA GLU C 342 43.73 -35.24 21.37
C GLU C 342 44.45 -34.35 22.38
N GLN C 343 43.97 -33.12 22.59
CA GLN C 343 44.51 -32.30 23.67
C GLN C 343 44.24 -32.93 25.03
N LEU C 344 43.02 -33.42 25.22
CA LEU C 344 42.70 -34.14 26.45
C LEU C 344 43.64 -35.32 26.64
N LYS C 345 43.84 -36.10 25.58
CA LYS C 345 44.69 -37.29 25.68
C LYS C 345 46.14 -36.91 25.96
N SER C 346 46.62 -35.80 25.39
CA SER C 346 47.97 -35.32 25.69
C SER C 346 48.11 -34.92 27.15
N ILE C 347 47.12 -34.20 27.68
CA ILE C 347 47.13 -33.84 29.09
C ILE C 347 47.19 -35.10 29.95
N SER C 348 46.37 -36.10 29.60
CA SER C 348 46.35 -37.35 30.36
C SER C 348 47.67 -38.08 30.26
N GLU C 349 48.33 -38.03 29.09
CA GLU C 349 49.64 -38.63 28.94
C GLU C 349 50.67 -37.96 29.84
N ARG C 350 50.66 -36.62 29.87
CA ARG C 350 51.58 -35.90 30.75
C ARG C 350 51.34 -36.27 32.21
N ILE C 351 50.08 -36.28 32.63
CA ILE C 351 49.78 -36.58 34.03
C ILE C 351 50.15 -38.02 34.36
N SER C 352 49.97 -38.95 33.43
CA SER C 352 50.35 -40.33 33.70
C SER C 352 51.86 -40.47 33.79
N SER C 353 52.59 -39.75 32.93
CA SER C 353 54.05 -39.76 33.02
C SER C 353 54.51 -39.25 34.38
N GLU C 354 53.92 -38.15 34.86
CA GLU C 354 54.37 -37.58 36.12
C GLU C 354 53.88 -38.36 37.34
N ILE C 355 52.77 -39.09 37.23
CA ILE C 355 52.39 -40.05 38.26
C ILE C 355 53.41 -41.18 38.30
N PHE C 356 53.81 -41.69 37.13
CA PHE C 356 54.84 -42.73 37.06
C PHE C 356 56.14 -42.24 37.69
N ALA C 357 56.52 -40.99 37.41
CA ALA C 357 57.78 -40.46 37.92
C ALA C 357 57.85 -40.58 39.44
N SER C 358 56.74 -40.35 40.13
CA SER C 358 56.71 -40.46 41.59
C SER C 358 56.18 -41.82 42.01
N VAL C 359 56.85 -42.86 41.53
CA VAL C 359 56.66 -44.19 42.07
C VAL C 359 58.05 -44.58 42.55
N LYS C 360 58.35 -44.18 43.79
CA LYS C 360 59.66 -44.37 44.40
C LYS C 360 59.78 -45.78 44.99
N GLU C 361 60.98 -46.11 45.46
CA GLU C 361 61.26 -47.43 46.03
C GLU C 361 62.14 -47.25 47.26
N LYS C 362 61.74 -47.82 48.41
CA LYS C 362 62.40 -47.45 49.66
C LYS C 362 62.27 -48.58 50.69
N ASP C 363 62.61 -48.28 51.94
CA ASP C 363 63.21 -49.17 52.95
C ASP C 363 62.61 -50.58 53.07
N ALA C 364 61.33 -50.70 53.47
CA ALA C 364 60.61 -51.97 53.33
C ALA C 364 61.03 -53.18 54.19
N TYR C 365 60.48 -53.30 55.41
CA TYR C 365 60.81 -54.36 56.38
C TYR C 365 59.66 -55.37 56.46
N PHE C 366 59.94 -56.65 56.21
CA PHE C 366 58.94 -57.71 56.29
C PHE C 366 59.45 -58.84 57.19
N TYR C 367 58.70 -59.20 58.24
CA TYR C 367 59.21 -60.20 59.18
C TYR C 367 58.13 -60.90 59.99
N LYS C 368 58.13 -62.24 59.93
CA LYS C 368 57.16 -63.11 60.57
C LYS C 368 57.83 -64.38 61.07
N GLU C 369 57.55 -64.75 62.34
CA GLU C 369 57.68 -66.11 62.84
C GLU C 369 58.98 -66.83 62.47
N SER C 370 60.08 -66.45 63.12
CA SER C 370 61.39 -67.09 62.96
C SER C 370 61.31 -68.60 62.85
N LYS C 371 60.35 -69.22 63.54
CA LYS C 371 60.20 -70.67 63.59
C LYS C 371 61.47 -71.31 64.14
N GLY C 372 61.97 -70.73 65.21
CA GLY C 372 63.32 -71.01 65.67
C GLY C 372 63.38 -71.59 67.07
N PHE C 373 63.77 -70.74 68.02
CA PHE C 373 64.06 -71.18 69.37
C PHE C 373 62.84 -70.93 70.27
N LEU C 374 62.75 -71.73 71.34
CA LEU C 374 61.51 -71.91 72.09
C LEU C 374 61.31 -70.91 73.23
N LYS C 375 61.25 -69.62 72.88
CA LYS C 375 60.67 -68.58 73.72
C LYS C 375 59.93 -67.64 72.79
N LYS C 376 58.84 -67.04 73.28
CA LYS C 376 57.86 -66.48 72.35
C LYS C 376 58.24 -65.08 71.89
N ASP C 377 57.46 -64.56 70.93
CA ASP C 377 57.64 -63.23 70.33
C ASP C 377 58.93 -63.15 69.52
N LEU C 378 59.19 -64.17 68.69
CA LEU C 378 60.49 -64.30 68.01
C LEU C 378 60.64 -63.45 66.74
N TYR C 379 59.95 -63.79 65.64
CA TYR C 379 59.92 -62.89 64.48
C TYR C 379 61.26 -62.44 63.88
N THR C 380 61.96 -63.31 63.14
CA THR C 380 63.17 -62.88 62.42
C THR C 380 62.81 -61.96 61.26
N ARG C 381 63.63 -60.93 61.06
CA ARG C 381 63.36 -59.90 60.03
C ARG C 381 63.98 -60.23 58.68
N TYR C 382 63.27 -59.83 57.61
CA TYR C 382 63.74 -59.87 56.24
C TYR C 382 63.56 -58.49 55.62
N ASP C 383 64.36 -58.22 54.59
CA ASP C 383 64.38 -56.91 53.94
C ASP C 383 63.71 -56.99 52.58
N TYR C 384 62.89 -55.99 52.29
CA TYR C 384 62.07 -55.89 51.10
C TYR C 384 62.55 -54.70 50.29
N LYS C 385 62.23 -54.71 48.99
CA LYS C 385 62.32 -53.52 48.14
C LYS C 385 60.88 -53.11 47.80
N ALA C 386 60.39 -52.01 48.43
CA ALA C 386 58.96 -51.81 48.37
C ALA C 386 58.57 -50.62 47.51
N PRO C 387 57.44 -50.72 46.81
CA PRO C 387 56.94 -49.58 46.01
C PRO C 387 56.49 -48.44 46.92
N TYR C 388 57.15 -47.29 46.79
CA TYR C 388 56.85 -46.10 47.56
C TYR C 388 56.25 -45.08 46.61
N ILE C 389 55.14 -44.47 47.02
CA ILE C 389 54.41 -43.53 46.17
C ILE C 389 53.85 -42.43 47.08
N SER C 390 54.23 -41.18 46.81
CA SER C 390 54.09 -40.12 47.80
C SER C 390 52.68 -39.56 47.85
N SER C 391 52.04 -39.39 46.69
CA SER C 391 50.65 -38.99 46.53
C SER C 391 50.37 -37.54 46.89
N ASP C 392 51.26 -36.89 47.63
CA ASP C 392 51.13 -35.47 47.93
C ASP C 392 52.35 -34.68 47.47
N ASP C 393 53.54 -35.11 47.87
CA ASP C 393 54.76 -34.52 47.33
C ASP C 393 54.77 -34.62 45.81
N ALA C 394 54.23 -35.71 45.27
CA ALA C 394 54.13 -35.86 43.82
C ALA C 394 53.29 -34.75 43.21
N PHE C 395 52.09 -34.52 43.78
CA PHE C 395 51.21 -33.49 43.26
C PHE C 395 51.85 -32.10 43.38
N LEU C 396 52.47 -31.82 44.53
CA LEU C 396 53.16 -30.54 44.70
C LEU C 396 54.27 -30.37 43.67
N ALA C 397 55.05 -31.42 43.42
CA ALA C 397 56.07 -31.35 42.38
C ALA C 397 55.46 -31.06 41.02
N MET C 398 54.36 -31.73 40.70
CA MET C 398 53.73 -31.57 39.39
C MET C 398 53.21 -30.15 39.19
N PHE C 399 52.43 -29.64 40.15
CA PHE C 399 51.75 -28.36 39.95
C PHE C 399 52.18 -27.25 40.89
N TYR C 400 52.61 -27.56 42.11
CA TYR C 400 52.91 -26.55 43.11
C TYR C 400 54.37 -26.09 43.01
N ASN C 401 55.29 -27.01 42.76
CA ASN C 401 56.70 -26.66 42.61
C ASN C 401 56.99 -26.12 41.21
N SER C 402 56.77 -26.94 40.18
CA SER C 402 57.05 -26.59 38.79
C SER C 402 55.74 -26.29 38.07
N ASP C 403 55.71 -25.18 37.33
CA ASP C 403 54.48 -24.70 36.69
C ASP C 403 54.50 -24.88 35.17
N VAL C 404 55.22 -25.89 34.68
CA VAL C 404 55.24 -26.16 33.24
C VAL C 404 53.93 -26.81 32.80
N MET C 405 53.56 -27.90 33.48
CA MET C 405 52.30 -28.58 33.24
C MET C 405 51.12 -27.61 33.25
N SER C 406 51.02 -26.83 34.32
CA SER C 406 49.92 -25.89 34.48
C SER C 406 49.83 -24.91 33.32
N LYS C 407 50.94 -24.26 32.98
CA LYS C 407 50.93 -23.27 31.90
C LYS C 407 50.61 -23.91 30.55
N GLU C 408 51.14 -25.10 30.28
CA GLU C 408 50.80 -25.79 29.04
C GLU C 408 49.29 -26.06 28.97
N PHE C 409 48.72 -26.54 30.07
CA PHE C 409 47.28 -26.82 30.09
C PHE C 409 46.46 -25.55 29.92
N LYS C 410 46.89 -24.45 30.55
CA LYS C 410 46.20 -23.18 30.38
C LYS C 410 46.25 -22.70 28.93
N LYS C 411 47.40 -22.89 28.28
CA LYS C 411 47.50 -22.55 26.86
C LYS C 411 46.52 -23.39 26.04
N ILE C 412 46.44 -24.69 26.35
CA ILE C 412 45.47 -25.55 25.65
C ILE C 412 44.06 -25.00 25.81
N LYS C 413 43.69 -24.67 27.05
CA LYS C 413 42.36 -24.14 27.33
C LYS C 413 42.09 -22.87 26.55
N ASN C 414 43.07 -21.96 26.51
CA ASN C 414 42.89 -20.72 25.75
C ASN C 414 42.73 -21.00 24.26
N GLU C 415 43.50 -21.96 23.73
CA GLU C 415 43.34 -22.36 22.33
C GLU C 415 41.90 -22.78 22.05
N LEU C 416 41.38 -23.68 22.88
CA LEU C 416 40.02 -24.16 22.67
C LEU C 416 38.99 -23.04 22.81
N TYR C 417 39.20 -22.14 23.79
CA TYR C 417 38.31 -20.99 23.94
C TYR C 417 38.28 -20.13 22.69
N LYS C 418 39.45 -19.85 22.13
CA LYS C 418 39.51 -19.08 20.89
C LYS C 418 38.80 -19.81 19.75
N SER C 419 38.94 -21.13 19.68
CA SER C 419 38.24 -21.91 18.66
C SER C 419 36.72 -21.78 18.80
N PHE C 420 36.22 -21.91 20.03
CA PHE C 420 34.79 -21.74 20.27
C PHE C 420 34.31 -20.36 19.84
N GLU C 421 35.09 -19.32 20.21
CA GLU C 421 34.76 -17.98 19.79
C GLU C 421 34.72 -17.87 18.27
N GLU C 422 35.65 -18.53 17.59
CA GLU C 422 35.67 -18.54 16.12
C GLU C 422 34.38 -19.13 15.54
N ILE C 423 33.94 -20.27 16.07
CA ILE C 423 32.69 -20.87 15.60
C ILE C 423 31.52 -19.91 15.80
N LYS C 424 31.42 -19.36 17.02
CA LYS C 424 30.36 -18.40 17.31
C LYS C 424 30.40 -17.23 16.32
N MET C 425 31.61 -16.73 16.02
CA MET C 425 31.76 -15.62 15.09
C MET C 425 31.27 -15.99 13.71
N LYS C 426 31.55 -17.21 13.25
CA LYS C 426 31.07 -17.65 11.95
C LYS C 426 29.54 -17.62 11.88
N LEU C 427 28.88 -18.19 12.90
CA LEU C 427 27.42 -18.16 12.91
C LEU C 427 26.89 -16.72 12.91
N LYS C 428 27.50 -15.86 13.75
CA LYS C 428 27.12 -14.46 13.81
C LYS C 428 27.30 -13.79 12.45
N ASP C 429 28.38 -14.11 11.73
CA ASP C 429 28.61 -13.53 10.41
C ASP C 429 27.54 -13.94 9.42
N PHE C 430 27.11 -15.21 9.45
CA PHE C 430 25.98 -15.62 8.62
C PHE C 430 24.77 -14.73 8.88
N ILE C 431 24.43 -14.59 10.17
CA ILE C 431 23.27 -13.78 10.53
C ILE C 431 23.44 -12.34 10.04
N ASN C 432 24.65 -11.78 10.19
CA ASN C 432 24.90 -10.41 9.75
C ASN C 432 24.72 -10.25 8.25
N ILE C 433 25.20 -11.22 7.46
CA ILE C 433 24.98 -11.21 6.01
C ILE C 433 23.49 -11.05 5.72
N LEU C 434 22.70 -12.01 6.22
CA LEU C 434 21.25 -11.97 5.98
C LEU C 434 20.67 -10.64 6.47
N GLU C 435 21.11 -10.16 7.63
CA GLU C 435 20.62 -8.92 8.21
C GLU C 435 20.84 -7.75 7.28
N ARG C 436 22.07 -7.59 6.77
CA ARG C 436 22.36 -6.47 5.89
C ARG C 436 21.48 -6.51 4.66
N GLU C 437 21.32 -7.69 4.06
CA GLU C 437 20.45 -7.78 2.88
C GLU C 437 19.02 -7.33 3.21
N ILE C 438 18.48 -7.86 4.30
CA ILE C 438 17.09 -7.57 4.66
C ILE C 438 16.90 -6.09 4.97
N LEU C 439 17.86 -5.49 5.67
CA LEU C 439 17.74 -4.08 6.04
C LEU C 439 17.89 -3.18 4.83
N LEU C 440 18.72 -3.55 3.85
CA LEU C 440 18.75 -2.78 2.61
C LEU C 440 17.41 -2.85 1.89
N PHE C 441 16.79 -4.03 1.86
CA PHE C 441 15.44 -4.15 1.29
C PHE C 441 14.47 -3.20 1.99
N LYS C 442 14.48 -3.23 3.33
CA LYS C 442 13.60 -2.35 4.10
C LYS C 442 13.87 -0.89 3.74
N ALA C 443 15.14 -0.51 3.70
CA ALA C 443 15.50 0.89 3.41
C ALA C 443 14.97 1.32 2.05
N GLU C 444 15.07 0.46 1.04
CA GLU C 444 14.58 0.86 -0.28
C GLU C 444 13.06 0.97 -0.29
N PHE C 445 12.36 -0.04 0.21
CA PHE C 445 10.92 -0.13 -0.07
C PHE C 445 10.05 0.36 1.07
N SER C 446 10.63 0.83 2.18
CA SER C 446 9.83 1.58 3.13
C SER C 446 9.49 2.98 2.63
N ASN C 447 10.12 3.45 1.55
CA ASN C 447 9.91 4.81 1.07
C ASN C 447 9.55 4.89 -0.40
N ILE C 448 9.33 3.76 -1.08
CA ILE C 448 9.03 3.80 -2.51
C ILE C 448 7.72 4.55 -2.72
N GLN C 449 7.74 5.52 -3.63
CA GLN C 449 6.59 6.38 -3.88
C GLN C 449 6.08 6.16 -5.30
N LYS C 450 4.76 6.32 -5.45
CA LYS C 450 4.14 6.13 -6.75
C LYS C 450 4.55 7.24 -7.71
N ASP C 451 4.61 6.93 -9.00
CA ASP C 451 5.16 7.86 -9.98
C ASP C 451 4.12 8.85 -10.47
N HIS C 452 3.05 8.34 -11.07
CA HIS C 452 2.06 9.18 -11.71
C HIS C 452 0.68 8.75 -11.25
N ILE C 453 -0.28 9.67 -11.35
CA ILE C 453 -1.61 9.41 -10.79
C ILE C 453 -2.19 8.15 -11.44
N PHE C 454 -3.23 7.62 -10.80
CA PHE C 454 -3.92 6.37 -11.09
C PHE C 454 -3.16 5.16 -10.54
N GLN C 455 -2.00 5.35 -9.90
CA GLN C 455 -1.23 4.24 -9.35
C GLN C 455 -1.62 3.85 -7.93
N SER C 456 -2.85 4.11 -7.50
CA SER C 456 -3.32 3.62 -6.20
C SER C 456 -2.42 3.99 -5.02
N ASP C 457 -2.52 5.23 -4.55
CA ASP C 457 -1.69 5.67 -3.44
C ASP C 457 -1.74 4.72 -2.26
N LYS C 458 -2.93 4.17 -1.96
CA LYS C 458 -3.08 3.27 -0.83
C LYS C 458 -2.20 2.03 -0.98
N ASN C 459 -2.11 1.50 -2.21
CA ASN C 459 -1.23 0.35 -2.47
C ASN C 459 0.20 0.65 -2.04
N PHE C 460 0.74 1.77 -2.49
CA PHE C 460 2.12 2.12 -2.17
C PHE C 460 2.28 2.34 -0.67
N SER C 461 1.32 3.02 -0.04
CA SER C 461 1.38 3.24 1.40
C SER C 461 1.48 1.90 2.15
N GLU C 462 0.62 0.95 1.80
CA GLU C 462 0.64 -0.36 2.45
C GLU C 462 1.95 -1.08 2.22
N LEU C 463 2.47 -1.02 0.99
CA LEU C 463 3.77 -1.61 0.68
C LEU C 463 4.86 -1.01 1.56
N ARG C 464 4.87 0.33 1.68
CA ARG C 464 5.87 1.01 2.50
C ARG C 464 5.79 0.54 3.94
N ALA C 465 4.57 0.48 4.51
CA ALA C 465 4.44 0.03 5.88
C ALA C 465 4.96 -1.39 6.07
N PHE C 466 4.63 -2.28 5.12
CA PHE C 466 5.06 -3.67 5.22
C PHE C 466 6.58 -3.77 5.21
N CYS C 467 7.21 -3.18 4.20
CA CYS C 467 8.66 -3.23 4.13
C CYS C 467 9.30 -2.54 5.33
N ASN C 468 8.64 -1.54 5.91
CA ASN C 468 9.16 -0.91 7.12
C ASN C 468 9.21 -1.91 8.28
N ALA C 469 8.11 -2.62 8.50
CA ALA C 469 8.15 -3.66 9.55
C ALA C 469 8.91 -4.96 9.15
N SER C 470 9.53 -4.97 7.96
CA SER C 470 10.18 -6.19 7.49
C SER C 470 11.31 -6.69 8.40
N ASP C 471 11.82 -5.87 9.34
CA ASP C 471 12.74 -6.40 10.35
C ASP C 471 12.06 -7.48 11.17
N GLU C 472 11.01 -7.11 11.89
CA GLU C 472 10.11 -8.06 12.53
C GLU C 472 9.80 -9.24 11.62
N TYR C 473 9.36 -8.95 10.40
CA TYR C 473 8.87 -10.02 9.53
C TYR C 473 9.96 -11.04 9.19
N PHE C 474 11.20 -10.60 8.96
CA PHE C 474 12.17 -11.46 8.32
C PHE C 474 13.47 -11.69 9.08
N LEU C 475 13.70 -10.98 10.18
CA LEU C 475 15.05 -10.96 10.73
C LEU C 475 15.15 -11.49 12.16
N LYS C 476 14.19 -11.19 13.03
CA LYS C 476 14.39 -11.42 14.46
C LYS C 476 14.40 -12.91 14.80
N ASP C 477 13.62 -13.72 14.08
CA ASP C 477 13.64 -15.17 14.32
C ASP C 477 15.04 -15.74 14.11
N PHE C 478 15.70 -15.33 13.03
CA PHE C 478 17.07 -15.75 12.78
C PHE C 478 17.98 -15.35 13.93
N LYS C 479 17.83 -14.11 14.42
CA LYS C 479 18.64 -13.64 15.55
C LYS C 479 18.44 -14.51 16.78
N GLU C 480 17.17 -14.83 17.08
CA GLU C 480 16.88 -15.70 18.21
C GLU C 480 17.53 -17.06 18.07
N LEU C 481 17.43 -17.66 16.87
CA LEU C 481 18.11 -18.92 16.60
C LEU C 481 19.61 -18.81 16.85
N LEU C 482 20.22 -17.74 16.36
CA LEU C 482 21.64 -17.50 16.58
C LEU C 482 21.96 -17.45 18.07
N PHE C 483 21.16 -16.70 18.83
CA PHE C 483 21.36 -16.58 20.27
C PHE C 483 21.29 -17.94 20.96
N LYS C 484 20.28 -18.74 20.59
CA LYS C 484 20.17 -20.08 21.17
C LYS C 484 21.41 -20.91 20.88
N SER C 485 21.86 -20.90 19.63
CA SER C 485 23.07 -21.65 19.27
C SER C 485 24.28 -21.20 20.08
N ILE C 486 24.43 -19.87 20.22
CA ILE C 486 25.54 -19.32 21.00
C ILE C 486 25.47 -19.81 22.44
N LEU C 487 24.27 -19.78 23.03
CA LEU C 487 24.09 -20.28 24.39
C LEU C 487 24.53 -21.73 24.50
N GLU C 488 24.07 -22.58 23.59
CA GLU C 488 24.45 -23.99 23.63
C GLU C 488 25.96 -24.17 23.53
N LEU C 489 26.58 -23.45 22.60
CA LEU C 489 28.04 -23.51 22.44
C LEU C 489 28.75 -23.13 23.73
N ASP C 490 28.32 -22.02 24.35
CA ASP C 490 28.94 -21.57 25.59
C ASP C 490 28.80 -22.58 26.70
N LEU C 491 27.61 -23.19 26.84
CA LEU C 491 27.40 -24.20 27.86
C LEU C 491 28.30 -25.41 27.64
N PHE C 492 28.41 -25.86 26.38
CA PHE C 492 29.29 -26.99 26.08
C PHE C 492 30.74 -26.67 26.45
N PHE C 493 31.20 -25.47 26.09
CA PHE C 493 32.56 -25.08 26.46
C PHE C 493 32.73 -25.03 27.97
N GLU C 494 31.73 -24.53 28.69
CA GLU C 494 31.80 -24.52 30.15
C GLU C 494 31.91 -25.92 30.72
N LYS C 495 31.13 -26.86 30.18
CA LYS C 495 31.23 -28.26 30.62
C LYS C 495 32.65 -28.79 30.39
N LEU C 496 33.18 -28.59 29.19
CA LEU C 496 34.53 -29.05 28.89
C LEU C 496 35.55 -28.43 29.84
N ASN C 497 35.42 -27.13 30.10
CA ASN C 497 36.34 -26.44 31.00
C ASN C 497 36.29 -27.04 32.40
N LEU C 498 35.09 -27.15 32.97
CA LEU C 498 34.96 -27.46 34.38
C LEU C 498 35.16 -28.94 34.68
N LYS C 499 34.91 -29.82 33.72
CA LYS C 499 35.21 -31.23 33.95
C LYS C 499 36.61 -31.65 33.52
N ALA C 500 37.23 -30.97 32.56
CA ALA C 500 38.50 -31.43 32.03
C ALA C 500 39.64 -30.43 32.24
N PHE C 501 39.54 -29.22 31.70
CA PHE C 501 40.67 -28.30 31.64
C PHE C 501 40.80 -27.43 32.87
N THR C 502 40.00 -27.69 33.90
CA THR C 502 40.22 -27.13 35.23
C THR C 502 40.43 -28.20 36.30
N ASN C 503 39.76 -29.35 36.16
CA ASN C 503 39.85 -30.44 37.11
C ASN C 503 40.96 -31.43 36.77
N TYR C 504 42.05 -30.96 36.15
CA TYR C 504 43.20 -31.84 35.93
C TYR C 504 43.97 -32.06 37.23
N GLU C 505 44.05 -31.02 38.07
CA GLU C 505 44.64 -31.18 39.39
C GLU C 505 43.90 -32.24 40.20
N ASN C 506 42.58 -32.13 40.25
CA ASN C 506 41.77 -33.10 41.00
C ASN C 506 41.90 -34.50 40.41
N ALA C 507 41.92 -34.60 39.09
CA ALA C 507 42.15 -35.89 38.44
C ALA C 507 43.49 -36.47 38.86
N THR C 508 44.54 -35.64 38.87
CA THR C 508 45.85 -36.08 39.33
C THR C 508 45.78 -36.61 40.74
N LYS C 509 45.19 -35.84 41.65
CA LYS C 509 45.13 -36.27 43.05
C LYS C 509 44.37 -37.58 43.19
N LEU C 510 43.25 -37.71 42.48
CA LEU C 510 42.42 -38.91 42.63
C LEU C 510 43.15 -40.14 42.11
N SER C 511 43.67 -40.07 40.88
CA SER C 511 44.37 -41.21 40.30
C SER C 511 45.64 -41.54 41.08
N LEU C 512 46.34 -40.51 41.55
CA LEU C 512 47.57 -40.70 42.30
C LEU C 512 47.29 -41.45 43.61
N ALA C 513 46.30 -40.97 44.37
CA ALA C 513 45.95 -41.64 45.62
C ALA C 513 45.43 -43.06 45.37
N PHE C 514 44.66 -43.25 44.29
CA PHE C 514 44.19 -44.60 43.96
C PHE C 514 45.36 -45.54 43.73
N PHE C 515 46.33 -45.10 42.93
CA PHE C 515 47.49 -45.95 42.66
C PHE C 515 48.30 -46.19 43.94
N SER C 516 48.41 -45.18 44.81
CA SER C 516 49.09 -45.40 46.08
C SER C 516 48.41 -46.49 46.89
N ARG C 517 47.09 -46.42 47.03
CA ARG C 517 46.35 -47.42 47.79
C ARG C 517 46.48 -48.80 47.16
N LYS C 518 46.43 -48.88 45.83
CA LYS C 518 46.64 -50.15 45.14
C LYS C 518 48.04 -50.70 45.43
N ILE C 519 49.04 -49.83 45.39
CA ILE C 519 50.42 -50.23 45.70
C ILE C 519 50.52 -50.81 47.10
N ASN C 520 49.93 -50.11 48.08
CA ASN C 520 50.01 -50.59 49.45
C ASN C 520 49.23 -51.90 49.63
N GLU C 521 48.11 -52.04 48.92
CA GLU C 521 47.39 -53.31 48.90
C GLU C 521 48.29 -54.44 48.39
N SER C 522 49.02 -54.17 47.31
CA SER C 522 50.00 -55.14 46.83
C SER C 522 51.04 -55.44 47.89
N ARG C 523 51.51 -54.41 48.59
CA ARG C 523 52.52 -54.60 49.62
C ARG C 523 52.04 -55.55 50.73
N VAL C 524 50.81 -55.34 51.20
CA VAL C 524 50.33 -56.06 52.38
C VAL C 524 50.19 -57.56 52.16
N LEU C 525 50.36 -58.02 50.92
CA LEU C 525 50.61 -59.43 50.67
C LEU C 525 52.07 -59.74 51.05
N TYR C 526 52.31 -59.84 52.36
CA TYR C 526 53.61 -60.27 52.87
C TYR C 526 53.73 -61.79 52.86
N GLU C 527 53.43 -62.42 51.72
CA GLU C 527 53.72 -63.83 51.57
C GLU C 527 54.71 -64.09 50.46
N LEU C 528 55.29 -63.04 49.87
CA LEU C 528 56.08 -63.14 48.64
C LEU C 528 55.45 -64.15 47.69
N ASP C 529 54.13 -64.06 47.57
CA ASP C 529 53.34 -65.07 46.85
C ASP C 529 51.88 -64.61 46.80
N TYR C 537 54.97 -52.92 39.61
CA TYR C 537 53.69 -52.79 40.28
C TYR C 537 52.73 -51.88 39.50
N PRO C 538 53.13 -50.61 39.22
CA PRO C 538 52.34 -49.80 38.27
C PRO C 538 52.86 -49.83 36.84
N LYS C 539 51.99 -50.14 35.88
CA LYS C 539 52.33 -49.96 34.48
C LYS C 539 51.87 -48.58 34.03
N LYS C 540 52.57 -48.02 33.04
CA LYS C 540 52.23 -46.67 32.59
C LYS C 540 50.89 -46.64 31.86
N SER C 541 50.60 -47.68 31.07
CA SER C 541 49.34 -47.73 30.34
C SER C 541 48.14 -47.66 31.29
N GLU C 542 48.20 -48.39 32.41
CA GLU C 542 47.14 -48.34 33.40
C GLU C 542 46.97 -46.93 33.94
N ILE C 543 48.09 -46.26 34.26
CA ILE C 543 48.03 -44.89 34.77
C ILE C 543 47.38 -43.97 33.74
N TYR C 544 47.77 -44.12 32.47
CA TYR C 544 47.19 -43.30 31.41
C TYR C 544 45.69 -43.50 31.32
N GLU C 545 45.24 -44.76 31.32
CA GLU C 545 43.81 -45.04 31.25
C GLU C 545 43.07 -44.44 32.44
N ARG C 546 43.64 -44.56 33.64
CA ARG C 546 42.98 -44.04 34.83
C ARG C 546 42.87 -42.52 34.79
N VAL C 547 43.95 -41.84 34.39
CA VAL C 547 43.90 -40.38 34.28
C VAL C 547 42.91 -39.97 33.20
N LEU C 548 42.85 -40.74 32.11
CA LEU C 548 41.86 -40.46 31.06
C LEU C 548 40.46 -40.51 31.62
N ASN C 549 40.15 -41.57 32.38
CA ASN C 549 38.83 -41.69 32.98
C ASN C 549 38.54 -40.54 33.95
N GLU C 550 39.54 -40.16 34.75
CA GLU C 550 39.36 -39.04 35.67
C GLU C 550 39.07 -37.74 34.92
N LEU C 551 39.75 -37.51 33.81
CA LEU C 551 39.50 -36.32 33.00
C LEU C 551 38.20 -36.39 32.18
N ASN C 552 37.36 -37.41 32.38
CA ASN C 552 36.05 -37.53 31.73
C ASN C 552 36.17 -37.71 30.21
N VAL C 553 37.21 -38.42 29.76
CA VAL C 553 37.48 -38.51 28.33
C VAL C 553 36.62 -39.56 27.63
N TYR C 554 35.95 -40.46 28.37
CA TYR C 554 34.90 -41.24 27.75
C TYR C 554 33.70 -40.36 27.40
N GLU C 555 33.27 -39.55 28.36
CA GLU C 555 32.15 -38.65 28.14
C GLU C 555 32.44 -37.69 26.99
N PHE C 556 33.62 -37.09 27.00
CA PHE C 556 33.96 -36.14 25.94
C PHE C 556 34.31 -36.85 24.63
N GLU C 557 34.75 -38.10 24.68
CA GLU C 557 34.87 -38.88 23.45
C GLU C 557 33.50 -39.06 22.80
N THR C 558 32.50 -39.41 23.61
CA THR C 558 31.14 -39.55 23.08
C THR C 558 30.62 -38.22 22.54
N LEU C 559 30.87 -37.13 23.26
CA LEU C 559 30.35 -35.83 22.85
C LEU C 559 31.12 -35.21 21.69
N LEU C 560 32.36 -35.64 21.46
CA LEU C 560 33.17 -35.08 20.39
C LEU C 560 33.23 -35.95 19.14
N ILE C 561 33.02 -37.26 19.26
CA ILE C 561 33.20 -38.15 18.12
C ILE C 561 31.92 -38.92 17.83
N ASN C 562 31.44 -39.68 18.81
CA ASN C 562 30.22 -40.46 18.62
C ASN C 562 29.02 -39.57 18.33
N LYS C 563 28.76 -38.61 19.22
CA LYS C 563 27.63 -37.69 19.10
C LYS C 563 28.18 -36.27 19.12
N PRO C 564 28.78 -35.81 18.02
CA PRO C 564 29.50 -34.53 18.04
C PRO C 564 28.54 -33.38 18.36
N ILE C 565 28.86 -32.66 19.43
CA ILE C 565 27.96 -31.63 19.94
C ILE C 565 28.03 -30.38 19.08
N LEU C 566 29.24 -29.94 18.79
CA LEU C 566 29.43 -28.77 17.93
C LEU C 566 28.79 -28.99 16.56
N THR C 567 29.03 -30.18 15.98
CA THR C 567 28.44 -30.51 14.69
C THR C 567 26.92 -30.48 14.76
N LYS C 568 26.34 -31.05 15.81
CA LYS C 568 24.89 -31.02 15.98
C LYS C 568 24.36 -29.60 16.07
N ILE C 569 25.06 -28.74 16.82
CA ILE C 569 24.66 -27.33 16.93
C ILE C 569 24.64 -26.69 15.54
N ALA C 570 25.72 -26.87 14.78
CA ALA C 570 25.80 -26.26 13.46
C ALA C 570 24.70 -26.76 12.54
N LYS C 571 24.48 -28.08 12.51
CA LYS C 571 23.44 -28.65 11.67
C LYS C 571 22.05 -28.16 12.09
N ASN C 572 21.81 -28.03 13.40
CA ASN C 572 20.55 -27.44 13.86
C ASN C 572 20.39 -26.03 13.34
N PHE C 573 21.46 -25.23 13.43
CA PHE C 573 21.39 -23.86 12.91
C PHE C 573 21.02 -23.86 11.44
N LEU C 574 21.70 -24.69 10.64
CA LEU C 574 21.44 -24.71 9.20
C LEU C 574 20.01 -25.14 8.91
N GLU C 575 19.56 -26.22 9.55
CA GLU C 575 18.23 -26.77 9.27
C GLU C 575 17.14 -25.79 9.69
N GLN C 576 17.27 -25.19 10.88
CA GLN C 576 16.27 -24.25 11.34
C GLN C 576 16.25 -22.98 10.51
N SER C 577 17.43 -22.51 10.06
CA SER C 577 17.45 -21.34 9.19
C SER C 577 16.81 -21.64 7.85
N GLN C 578 17.01 -22.85 7.32
CA GLN C 578 16.31 -23.24 6.09
C GLN C 578 14.80 -23.26 6.30
N ASN C 579 14.34 -23.82 7.42
CA ASN C 579 12.91 -23.80 7.73
C ASN C 579 12.37 -22.38 7.82
N LEU C 580 13.13 -21.49 8.49
CA LEU C 580 12.74 -20.09 8.58
C LEU C 580 12.62 -19.45 7.21
N ILE C 581 13.60 -19.72 6.33
CA ILE C 581 13.54 -19.20 4.97
C ILE C 581 12.29 -19.70 4.25
N GLN C 582 11.96 -20.98 4.42
CA GLN C 582 10.75 -21.52 3.81
C GLN C 582 9.52 -20.79 4.32
N GLU C 583 9.45 -20.56 5.64
CA GLU C 583 8.34 -19.84 6.24
C GLU C 583 8.21 -18.45 5.63
N LYS C 584 9.32 -17.74 5.52
CA LYS C 584 9.32 -16.41 4.93
C LYS C 584 8.84 -16.46 3.48
N ASN C 585 9.27 -17.49 2.74
CA ASN C 585 8.84 -17.66 1.36
C ASN C 585 7.32 -17.79 1.26
N LYS C 586 6.74 -18.65 2.09
CA LYS C 586 5.28 -18.78 2.12
C LYS C 586 4.61 -17.45 2.46
N PHE C 587 5.14 -16.76 3.47
CA PHE C 587 4.58 -15.47 3.88
C PHE C 587 4.57 -14.48 2.73
N LEU C 588 5.67 -14.40 1.97
CA LEU C 588 5.71 -13.52 0.81
C LEU C 588 4.79 -13.99 -0.32
N ASP C 589 4.66 -15.31 -0.48
CA ASP C 589 3.72 -15.83 -1.47
C ASP C 589 2.29 -15.36 -1.19
N LEU C 590 1.99 -15.11 0.09
CA LEU C 590 0.70 -14.50 0.42
C LEU C 590 0.55 -13.14 -0.26
N LYS C 591 1.57 -12.28 -0.14
CA LYS C 591 1.54 -10.96 -0.78
C LYS C 591 1.41 -11.10 -2.30
N LYS C 592 2.15 -12.05 -2.87
CA LYS C 592 2.11 -12.24 -4.32
C LYS C 592 0.74 -12.71 -4.79
N ALA C 593 0.07 -13.57 -4.01
CA ALA C 593 -1.30 -13.94 -4.34
C ALA C 593 -2.23 -12.74 -4.28
N GLU C 594 -2.05 -11.88 -3.27
CA GLU C 594 -2.83 -10.65 -3.22
C GLU C 594 -2.67 -9.84 -4.51
N LEU C 595 -1.41 -9.66 -4.94
CA LEU C 595 -1.15 -8.95 -6.19
C LEU C 595 -1.81 -9.64 -7.38
N GLN C 596 -1.74 -10.98 -7.39
CA GLN C 596 -2.31 -11.76 -8.49
C GLN C 596 -3.80 -11.51 -8.63
N LYS C 597 -4.52 -11.39 -7.51
CA LYS C 597 -5.94 -11.00 -7.57
C LYS C 597 -6.14 -9.73 -8.42
N ARG C 598 -5.50 -8.63 -8.03
CA ARG C 598 -5.63 -7.39 -8.79
C ARG C 598 -5.28 -7.60 -10.26
N ARG C 599 -4.16 -8.28 -10.50
CA ARG C 599 -3.70 -8.52 -11.87
C ARG C 599 -4.76 -9.22 -12.70
N ALA C 600 -5.36 -10.27 -12.13
CA ALA C 600 -6.42 -10.99 -12.84
C ALA C 600 -7.60 -10.10 -13.12
N GLN C 601 -7.99 -9.25 -12.16
CA GLN C 601 -9.06 -8.30 -12.40
C GLN C 601 -8.75 -7.39 -13.59
N ILE C 602 -7.54 -6.82 -13.60
CA ILE C 602 -7.13 -5.93 -14.68
C ILE C 602 -7.16 -6.65 -16.02
N LEU C 603 -6.64 -7.88 -16.05
CA LEU C 603 -6.62 -8.65 -17.28
C LEU C 603 -8.03 -8.98 -17.75
N ASN C 604 -8.94 -9.26 -16.82
CA ASN C 604 -10.34 -9.47 -17.19
C ASN C 604 -10.90 -8.23 -17.88
N VAL C 605 -10.67 -7.06 -17.29
CA VAL C 605 -11.15 -5.82 -17.88
C VAL C 605 -10.55 -5.62 -19.27
N ARG C 606 -9.25 -5.88 -19.40
CA ARG C 606 -8.58 -5.67 -20.69
C ARG C 606 -9.14 -6.60 -21.76
N GLU C 607 -9.28 -7.89 -21.44
CA GLU C 607 -9.83 -8.83 -22.40
C GLU C 607 -11.27 -8.50 -22.76
N SER C 608 -12.04 -8.00 -21.78
CA SER C 608 -13.39 -7.55 -22.08
C SER C 608 -13.38 -6.41 -23.07
N ILE C 609 -12.49 -5.43 -22.89
CA ILE C 609 -12.43 -4.29 -23.81
C ILE C 609 -11.97 -4.75 -25.19
N LYS C 610 -10.99 -5.66 -25.24
CA LYS C 610 -10.35 -6.05 -26.49
C LYS C 610 -11.16 -7.07 -27.27
N GLU C 611 -12.19 -7.66 -26.66
CA GLU C 611 -13.06 -8.64 -27.30
C GLU C 611 -14.51 -8.17 -27.28
N ASP C 612 -14.74 -6.87 -27.38
CA ASP C 612 -16.09 -6.33 -27.44
C ASP C 612 -16.59 -6.21 -28.87
N HIS C 613 -15.74 -6.45 -29.86
CA HIS C 613 -16.18 -6.58 -31.24
C HIS C 613 -16.86 -7.94 -31.41
N HIS C 614 -17.91 -8.14 -30.63
CA HIS C 614 -18.68 -9.38 -30.60
C HIS C 614 -20.10 -9.13 -30.13
N GLY D 1 28.00 21.25 -23.06
CA GLY D 1 27.82 22.69 -22.91
C GLY D 1 27.81 23.15 -21.47
N SER D 2 28.89 23.81 -21.05
CA SER D 2 28.94 24.35 -19.69
C SER D 2 28.05 25.59 -19.55
N HIS D 3 27.98 26.42 -20.59
CA HIS D 3 27.01 27.51 -20.60
C HIS D 3 25.59 26.98 -20.41
N MET D 4 25.25 25.91 -21.11
CA MET D 4 23.93 25.30 -20.93
C MET D 4 23.77 24.75 -19.52
N GLN D 5 24.86 24.27 -18.91
CA GLN D 5 24.79 23.80 -17.53
C GLN D 5 24.48 24.94 -16.57
N ILE D 6 25.18 26.08 -16.71
CA ILE D 6 24.88 27.24 -15.89
C ILE D 6 23.44 27.68 -16.09
N ASN D 7 22.97 27.66 -17.35
CA ASN D 7 21.59 28.03 -17.62
C ASN D 7 20.61 27.07 -16.97
N LEU D 8 20.92 25.77 -16.99
CA LEU D 8 20.08 24.79 -16.30
C LEU D 8 20.00 25.08 -14.81
N LEU D 9 21.15 25.34 -14.18
CA LEU D 9 21.17 25.68 -12.76
C LEU D 9 20.32 26.92 -12.49
N ASN D 10 20.49 27.97 -13.31
CA ASN D 10 19.73 29.19 -13.11
C ASN D 10 18.23 28.94 -13.28
N ASP D 11 17.86 28.10 -14.25
CA ASP D 11 16.45 27.76 -14.43
C ASP D 11 15.89 27.08 -13.20
N PHE D 12 16.63 26.11 -12.65
CA PHE D 12 16.19 25.46 -11.42
C PHE D 12 16.05 26.46 -10.29
N ILE D 13 17.03 27.37 -10.16
CA ILE D 13 16.97 28.39 -9.11
C ILE D 13 15.72 29.24 -9.27
N LYS D 14 15.46 29.70 -10.50
CA LYS D 14 14.29 30.53 -10.75
C LYS D 14 13.00 29.79 -10.43
N ALA D 15 12.94 28.50 -10.79
CA ALA D 15 11.70 27.74 -10.57
C ALA D 15 11.43 27.54 -9.09
N TYR D 16 12.44 27.09 -8.34
CA TYR D 16 12.28 26.95 -6.90
C TYR D 16 11.93 28.30 -6.27
N GLU D 17 12.60 29.36 -6.70
CA GLU D 17 12.34 30.69 -6.17
C GLU D 17 10.91 31.12 -6.42
N ASN D 18 10.40 30.87 -7.63
CA ASN D 18 9.05 31.29 -7.95
C ASN D 18 8.02 30.47 -7.21
N THR D 19 8.30 29.18 -6.98
CA THR D 19 7.32 28.33 -6.32
C THR D 19 7.26 28.60 -4.82
N TYR D 20 8.41 28.56 -4.14
CA TYR D 20 8.43 28.65 -2.69
C TYR D 20 8.74 30.05 -2.15
N SER D 21 9.29 30.95 -2.94
CA SER D 21 9.79 32.23 -2.44
C SER D 21 9.12 33.38 -3.19
N VAL D 22 7.98 33.83 -2.68
CA VAL D 22 7.33 35.03 -3.18
C VAL D 22 6.41 35.56 -2.10
N SER D 23 6.52 36.86 -1.82
CA SER D 23 5.54 37.54 -0.99
C SER D 23 4.46 38.12 -1.88
N PHE D 24 3.21 38.00 -1.43
CA PHE D 24 2.08 38.23 -2.31
C PHE D 24 1.77 39.72 -2.37
N ASP D 25 0.61 40.04 -2.94
CA ASP D 25 0.10 41.41 -2.95
C ASP D 25 -0.40 41.79 -1.56
N ASP D 26 0.49 41.82 -0.58
CA ASP D 26 0.07 42.07 0.79
C ASP D 26 -0.21 43.56 0.97
N SER D 27 -0.34 43.98 2.21
CA SER D 27 -0.90 45.26 2.64
C SER D 27 -2.41 45.32 2.39
N PHE D 28 -3.01 44.26 1.85
CA PHE D 28 -4.45 44.11 1.86
C PHE D 28 -4.79 42.63 2.08
N LYS D 29 -5.91 42.42 2.78
CA LYS D 29 -6.53 41.14 3.11
C LYS D 29 -6.40 40.07 2.02
N GLY D 30 -6.82 40.43 0.80
CA GLY D 30 -6.89 39.54 -0.34
C GLY D 30 -5.78 38.52 -0.48
N ARG D 31 -4.53 38.97 -0.33
CA ARG D 31 -3.39 38.09 -0.51
C ARG D 31 -2.66 37.77 0.80
N ILE D 32 -3.01 38.44 1.89
CA ILE D 32 -2.63 37.92 3.20
C ILE D 32 -3.28 36.56 3.40
N GLN D 33 -4.49 36.37 2.85
CA GLN D 33 -5.08 35.04 2.83
C GLN D 33 -4.21 34.04 2.07
N GLU D 34 -3.63 34.47 0.95
CA GLU D 34 -2.75 33.59 0.19
C GLU D 34 -1.49 33.25 0.98
N LEU D 35 -0.93 34.23 1.70
CA LEU D 35 0.23 33.94 2.54
C LEU D 35 -0.10 32.92 3.62
N CYS D 36 -1.27 33.07 4.26
CA CYS D 36 -1.69 32.09 5.26
C CYS D 36 -1.85 30.69 4.65
N LYS D 37 -2.49 30.63 3.48
CA LYS D 37 -2.63 29.36 2.77
C LYS D 37 -1.28 28.73 2.45
N GLU D 38 -0.33 29.54 1.97
CA GLU D 38 1.02 29.03 1.73
C GLU D 38 1.64 28.50 3.02
N LEU D 39 1.50 29.23 4.12
CA LEU D 39 1.90 28.71 5.43
C LEU D 39 1.31 27.33 5.66
N ASN D 40 0.02 27.17 5.34
CA ASN D 40 -0.64 25.88 5.50
C ASN D 40 -0.17 24.82 4.51
N GLU D 41 0.67 25.16 3.51
CA GLU D 41 0.99 24.08 2.57
C GLU D 41 2.45 23.87 2.10
N PRO D 42 3.50 23.98 2.95
CA PRO D 42 4.83 23.63 2.45
C PRO D 42 5.21 22.16 2.61
N PHE D 43 4.92 21.60 3.79
CA PHE D 43 5.30 20.23 4.12
C PHE D 43 4.25 19.50 4.93
N MET D 44 3.17 20.15 5.31
CA MET D 44 2.26 19.59 6.30
C MET D 44 1.36 18.54 5.70
N HIS D 45 1.78 17.97 4.56
CA HIS D 45 1.15 16.81 3.95
C HIS D 45 -0.36 16.98 3.87
N ALA D 46 -0.79 18.22 3.63
CA ALA D 46 -2.19 18.55 3.79
C ALA D 46 -2.96 18.00 2.61
N SER D 47 -4.23 17.66 2.85
CA SER D 47 -4.92 16.81 1.91
C SER D 47 -5.25 17.58 0.64
N TYR D 48 -5.30 16.86 -0.47
CA TYR D 48 -5.75 17.42 -1.74
C TYR D 48 -6.98 18.28 -1.53
N ALA D 49 -7.94 17.75 -0.77
CA ALA D 49 -9.19 18.47 -0.52
C ALA D 49 -8.95 19.74 0.28
N LEU D 50 -8.06 19.70 1.28
CA LEU D 50 -7.75 20.92 2.03
C LEU D 50 -7.13 21.97 1.13
N GLU D 51 -6.20 21.55 0.27
CA GLU D 51 -5.58 22.46 -0.68
C GLU D 51 -6.60 23.11 -1.60
N ASN D 52 -7.51 22.30 -2.15
CA ASN D 52 -8.54 22.83 -3.04
C ASN D 52 -9.50 23.75 -2.30
N GLU D 53 -9.87 23.39 -1.07
CA GLU D 53 -10.73 24.25 -0.26
C GLU D 53 -10.09 25.61 -0.02
N LEU D 54 -8.80 25.61 0.35
CA LEU D 54 -8.09 26.87 0.53
C LEU D 54 -8.05 27.67 -0.76
N LYS D 55 -7.79 27.01 -1.89
CA LYS D 55 -7.81 27.68 -3.18
C LYS D 55 -9.16 28.34 -3.45
N GLU D 56 -10.24 27.60 -3.22
CA GLU D 56 -11.58 28.14 -3.46
C GLU D 56 -11.88 29.31 -2.52
N LEU D 57 -11.44 29.20 -1.27
CA LEU D 57 -11.58 30.31 -0.33
C LEU D 57 -10.88 31.56 -0.84
N VAL D 58 -9.66 31.39 -1.35
CA VAL D 58 -8.93 32.51 -1.95
C VAL D 58 -9.72 33.10 -3.11
N PHE D 59 -10.25 32.23 -3.97
CA PHE D 59 -11.03 32.69 -5.13
C PHE D 59 -12.25 33.50 -4.69
N SER D 60 -12.96 33.04 -3.65
CA SER D 60 -14.17 33.68 -3.14
C SER D 60 -14.06 35.20 -3.07
N LEU D 61 -12.86 35.72 -2.79
CA LEU D 61 -12.66 37.15 -2.63
C LEU D 61 -12.84 37.93 -3.93
N ASP D 62 -12.69 37.28 -5.08
CA ASP D 62 -12.81 37.91 -6.38
C ASP D 62 -14.18 37.70 -7.04
N LYS D 63 -15.13 37.08 -6.34
CA LYS D 63 -16.27 36.46 -6.98
C LYS D 63 -17.58 36.95 -6.38
N ASN D 64 -18.66 36.61 -7.09
CA ASN D 64 -20.04 36.79 -6.65
C ASN D 64 -20.23 36.47 -5.18
N VAL D 65 -20.74 37.44 -4.43
CA VAL D 65 -21.16 37.17 -3.06
C VAL D 65 -22.44 36.35 -3.11
N ASN D 66 -22.43 35.19 -2.46
CA ASN D 66 -23.54 34.26 -2.50
C ASN D 66 -24.47 34.51 -1.31
N ILE D 67 -25.72 34.82 -1.60
CA ILE D 67 -26.77 34.97 -0.60
C ILE D 67 -27.88 33.98 -0.94
N ALA D 68 -28.28 33.18 0.04
CA ALA D 68 -29.22 32.10 -0.19
C ALA D 68 -30.60 32.45 0.35
N ILE D 69 -31.64 32.09 -0.40
CA ILE D 69 -33.02 32.29 0.00
C ILE D 69 -33.50 31.01 0.65
N ILE D 70 -33.75 31.04 1.95
CA ILE D 70 -34.19 29.88 2.71
C ILE D 70 -35.70 29.95 2.83
N GLY D 71 -36.40 29.15 2.03
CA GLY D 71 -37.84 29.07 2.11
C GLY D 71 -38.32 27.96 3.04
N GLN D 72 -39.56 28.10 3.50
CA GLN D 72 -40.21 27.08 4.30
C GLN D 72 -40.82 26.03 3.36
N PHE D 73 -41.72 25.20 3.91
CA PHE D 73 -42.46 24.22 3.12
C PHE D 73 -42.83 24.78 1.75
N SER D 74 -43.55 25.89 1.75
CA SER D 74 -43.56 26.83 0.63
C SER D 74 -44.04 28.17 1.19
N SER D 75 -43.10 29.08 1.44
CA SER D 75 -43.42 30.38 2.03
C SER D 75 -43.56 31.47 0.99
N GLY D 76 -43.88 31.11 -0.25
CA GLY D 76 -43.98 32.09 -1.32
C GLY D 76 -42.67 32.69 -1.73
N LYS D 77 -41.58 31.92 -1.61
CA LYS D 77 -40.28 32.42 -2.06
C LYS D 77 -40.20 32.50 -3.57
N SER D 78 -40.98 31.68 -4.28
CA SER D 78 -40.99 31.75 -5.74
C SER D 78 -41.50 33.11 -6.22
N SER D 79 -42.60 33.58 -5.63
CA SER D 79 -43.13 34.89 -6.00
C SER D 79 -42.16 36.01 -5.66
N LEU D 80 -41.49 35.91 -4.50
CA LEU D 80 -40.49 36.90 -4.13
C LEU D 80 -39.35 36.93 -5.15
N LEU D 81 -38.85 35.77 -5.55
CA LEU D 81 -37.80 35.71 -6.57
C LEU D 81 -38.29 36.30 -7.89
N ASN D 82 -39.53 36.01 -8.26
CA ASN D 82 -40.10 36.59 -9.47
C ASN D 82 -40.11 38.11 -9.38
N LEU D 83 -40.55 38.65 -8.24
CA LEU D 83 -40.54 40.10 -8.03
C LEU D 83 -39.13 40.66 -8.18
N ILE D 84 -38.14 39.99 -7.59
CA ILE D 84 -36.75 40.40 -7.74
C ILE D 84 -36.37 40.43 -9.21
N LEU D 85 -36.75 39.39 -9.96
CA LEU D 85 -36.44 39.33 -11.37
C LEU D 85 -37.28 40.32 -12.19
N GLY D 86 -38.48 40.63 -11.71
CA GLY D 86 -39.40 41.41 -12.52
C GLY D 86 -40.28 40.49 -13.34
N ARG D 87 -39.65 39.71 -14.21
CA ARG D 87 -40.32 38.61 -14.87
C ARG D 87 -40.45 37.44 -13.91
N ASP D 88 -41.34 36.51 -14.22
CA ASP D 88 -41.74 35.53 -13.22
C ASP D 88 -41.39 34.11 -13.67
N CYS D 89 -41.11 33.26 -12.68
CA CYS D 89 -40.62 31.92 -12.94
C CYS D 89 -41.17 30.97 -11.86
N LEU D 90 -42.11 30.11 -12.25
CA LEU D 90 -42.61 28.97 -11.46
C LEU D 90 -43.29 29.37 -10.15
N VAL D 97 -43.51 21.57 -7.71
CA VAL D 97 -42.79 20.37 -7.26
C VAL D 97 -41.32 20.66 -7.49
N THR D 98 -40.48 20.29 -6.53
CA THR D 98 -39.18 20.91 -6.41
C THR D 98 -38.01 19.95 -6.25
N PHE D 99 -37.04 20.03 -7.17
CA PHE D 99 -35.87 20.83 -6.87
C PHE D 99 -34.72 20.69 -7.87
N LYS D 100 -33.95 21.78 -7.99
CA LYS D 100 -32.56 21.82 -8.43
C LYS D 100 -31.89 22.97 -7.71
N PRO D 101 -30.57 22.93 -7.53
CA PRO D 101 -29.87 24.15 -7.11
C PRO D 101 -29.99 25.19 -8.21
N THR D 102 -30.58 26.33 -7.87
CA THR D 102 -30.89 27.37 -8.83
C THR D 102 -30.22 28.67 -8.43
N PHE D 103 -29.72 29.41 -9.42
CA PHE D 103 -28.84 30.54 -9.17
C PHE D 103 -29.36 31.74 -9.94
N LEU D 104 -29.36 32.90 -9.30
CA LEU D 104 -29.74 34.16 -9.92
C LEU D 104 -28.49 34.97 -10.19
N ARG D 105 -28.21 35.23 -11.48
CA ARG D 105 -27.05 35.94 -11.95
C ARG D 105 -27.45 37.04 -12.92
N TYR D 106 -26.53 37.97 -13.16
CA TYR D 106 -26.80 39.14 -13.98
C TYR D 106 -26.40 38.90 -15.44
N ALA D 107 -27.13 39.55 -16.33
CA ALA D 107 -26.85 39.53 -17.77
C ALA D 107 -27.45 40.80 -18.37
N LYS D 108 -27.50 40.85 -19.71
CA LYS D 108 -28.24 41.89 -20.40
C LYS D 108 -29.57 41.41 -20.95
N GLU D 109 -29.85 40.11 -20.89
CA GLU D 109 -31.11 39.53 -21.34
C GLU D 109 -31.53 38.46 -20.33
N TYR D 110 -32.78 38.02 -20.47
CA TYR D 110 -33.30 36.90 -19.67
C TYR D 110 -33.00 35.60 -20.40
N PHE D 111 -32.05 34.83 -19.89
CA PHE D 111 -31.85 33.47 -20.38
C PHE D 111 -31.55 32.56 -19.19
N LEU D 112 -31.63 31.25 -19.45
CA LEU D 112 -31.30 30.23 -18.49
C LEU D 112 -30.17 29.35 -19.00
N ARG D 113 -29.20 29.06 -18.14
CA ARG D 113 -28.17 28.07 -18.45
C ARG D 113 -28.47 26.83 -17.63
N VAL D 114 -28.64 25.71 -18.32
CA VAL D 114 -28.88 24.43 -17.69
C VAL D 114 -27.57 23.66 -17.71
N GLU D 115 -27.01 23.46 -16.53
CA GLU D 115 -25.81 22.66 -16.35
C GLU D 115 -26.26 21.25 -16.02
N PHE D 116 -25.82 20.27 -16.81
CA PHE D 116 -26.27 18.90 -16.61
C PHE D 116 -25.29 18.13 -15.74
N GLU D 117 -25.77 17.00 -15.20
CA GLU D 117 -24.92 16.15 -14.38
C GLU D 117 -23.84 15.47 -15.21
N ASP D 118 -24.18 15.07 -16.45
CA ASP D 118 -23.19 14.46 -17.33
C ASP D 118 -22.04 15.40 -17.68
N GLY D 119 -22.12 16.67 -17.29
CA GLY D 119 -21.06 17.62 -17.57
C GLY D 119 -21.51 18.69 -18.55
N SER D 120 -22.20 18.27 -19.61
CA SER D 120 -22.68 19.18 -20.64
C SER D 120 -23.54 20.30 -20.06
N ASP D 121 -23.59 21.43 -20.76
CA ASP D 121 -24.49 22.53 -20.43
C ASP D 121 -25.22 22.96 -21.69
N ILE D 122 -26.19 23.85 -21.51
CA ILE D 122 -26.84 24.51 -22.64
C ILE D 122 -27.37 25.86 -22.18
N ILE D 123 -27.27 26.85 -23.07
CA ILE D 123 -27.86 28.16 -22.84
C ILE D 123 -29.14 28.21 -23.66
N THR D 124 -30.23 28.64 -23.04
CA THR D 124 -31.53 28.58 -23.67
C THR D 124 -32.43 29.64 -23.03
N ASN D 125 -33.69 29.63 -23.44
CA ASN D 125 -34.62 30.67 -23.01
C ASN D 125 -35.02 30.47 -21.54
N ILE D 126 -35.29 31.60 -20.87
CA ILE D 126 -35.76 31.56 -19.49
C ILE D 126 -37.08 30.81 -19.40
N GLU D 127 -37.90 30.90 -20.45
CA GLU D 127 -39.20 30.25 -20.48
C GLU D 127 -39.10 28.77 -20.16
N LYS D 128 -38.00 28.11 -20.55
CA LYS D 128 -37.88 26.67 -20.41
C LYS D 128 -37.56 26.23 -18.99
N LEU D 129 -37.38 27.18 -18.06
CA LEU D 129 -36.93 26.85 -16.72
C LEU D 129 -37.73 25.71 -16.11
N ALA D 130 -39.06 25.86 -16.10
CA ALA D 130 -39.92 24.85 -15.49
C ALA D 130 -39.59 23.46 -16.01
N PHE D 131 -39.47 23.33 -17.33
CA PHE D 131 -39.25 22.02 -17.93
C PHE D 131 -38.02 21.36 -17.33
N TYR D 132 -36.93 22.13 -17.20
CA TYR D 132 -35.70 21.51 -16.70
C TYR D 132 -35.75 21.28 -15.19
N THR D 133 -36.57 22.02 -14.45
CA THR D 133 -36.79 21.69 -13.05
C THR D 133 -37.51 20.35 -12.92
N ASP D 134 -38.63 20.20 -13.62
CA ASP D 134 -39.42 18.99 -13.56
C ASP D 134 -38.69 17.82 -14.21
N GLN D 135 -38.70 16.67 -13.53
CA GLN D 135 -37.97 15.50 -13.98
C GLN D 135 -38.59 14.89 -15.23
N ARG D 136 -37.76 14.21 -16.01
CA ARG D 136 -38.21 13.39 -17.13
C ARG D 136 -37.65 11.98 -16.97
N ASN D 137 -38.11 11.08 -17.83
CA ASN D 137 -37.62 9.71 -17.74
C ASN D 137 -36.31 9.48 -18.50
N GLU D 138 -36.17 10.03 -19.70
CA GLU D 138 -35.01 9.66 -20.52
C GLU D 138 -34.32 10.87 -21.15
N VAL D 139 -34.13 11.95 -20.39
CA VAL D 139 -33.44 13.14 -20.89
C VAL D 139 -32.43 13.57 -19.83
N LYS D 140 -31.28 14.10 -20.29
CA LYS D 140 -30.22 14.52 -19.40
C LYS D 140 -30.77 15.23 -18.17
N GLN D 141 -30.57 14.64 -17.01
CA GLN D 141 -31.00 15.27 -15.77
C GLN D 141 -30.05 16.40 -15.38
N ALA D 142 -30.61 17.57 -15.08
CA ALA D 142 -29.79 18.73 -14.79
C ALA D 142 -29.18 18.64 -13.40
N LYS D 143 -27.90 19.03 -13.32
CA LYS D 143 -27.25 19.19 -12.02
C LYS D 143 -27.70 20.49 -11.36
N SER D 144 -27.71 21.58 -12.11
CA SER D 144 -28.07 22.89 -11.55
C SER D 144 -28.70 23.74 -12.64
N LEU D 145 -29.32 24.84 -12.20
CA LEU D 145 -30.00 25.78 -13.08
C LEU D 145 -29.48 27.18 -12.80
N HIS D 146 -29.26 27.95 -13.87
CA HIS D 146 -28.63 29.26 -13.78
C HIS D 146 -29.48 30.27 -14.54
N ILE D 147 -30.27 31.04 -13.81
CA ILE D 147 -31.14 32.06 -14.37
C ILE D 147 -30.32 33.34 -14.50
N PHE D 148 -30.18 33.85 -15.72
CA PHE D 148 -29.49 35.09 -16.00
C PHE D 148 -30.54 36.16 -16.33
N ALA D 149 -30.37 37.35 -15.75
CA ALA D 149 -31.39 38.38 -15.91
C ALA D 149 -30.72 39.75 -15.88
N PRO D 150 -31.27 40.72 -16.61
CA PRO D 150 -30.74 42.10 -16.59
C PRO D 150 -31.25 42.89 -15.39
N ILE D 151 -30.96 42.39 -14.19
CA ILE D 151 -31.43 42.97 -12.95
C ILE D 151 -30.22 43.44 -12.14
N PRO D 152 -30.13 44.72 -11.77
CA PRO D 152 -29.19 45.11 -10.73
C PRO D 152 -29.38 44.27 -9.47
N LEU D 153 -28.36 44.25 -8.62
CA LEU D 153 -28.30 43.43 -7.40
C LEU D 153 -28.01 41.96 -7.72
N LEU D 154 -28.11 41.58 -8.99
CA LEU D 154 -27.46 40.36 -9.46
C LEU D 154 -26.04 40.63 -9.94
N GLU D 155 -25.64 41.89 -10.01
CA GLU D 155 -24.25 42.25 -10.27
C GLU D 155 -23.42 41.88 -9.03
N LYS D 156 -22.80 40.71 -9.08
CA LYS D 156 -21.86 40.23 -8.06
C LYS D 156 -22.50 40.10 -6.68
N ILE D 157 -23.83 40.06 -6.60
CA ILE D 157 -24.56 39.73 -5.38
C ILE D 157 -25.54 38.60 -5.68
N THR D 158 -25.04 37.55 -6.34
CA THR D 158 -25.89 36.53 -6.93
C THR D 158 -26.60 35.69 -5.86
N LEU D 159 -27.74 35.13 -6.25
CA LEU D 159 -28.69 34.55 -5.30
C LEU D 159 -28.79 33.04 -5.48
N VAL D 160 -29.01 32.32 -4.37
CA VAL D 160 -28.98 30.87 -4.33
C VAL D 160 -30.29 30.34 -3.76
N ASP D 161 -31.06 29.63 -4.57
CA ASP D 161 -32.31 29.02 -4.10
C ASP D 161 -32.02 27.73 -3.34
N THR D 162 -32.59 27.61 -2.15
CA THR D 162 -32.34 26.50 -1.24
C THR D 162 -33.56 25.61 -1.08
N PRO D 163 -33.39 24.39 -0.56
CA PRO D 163 -34.53 23.49 -0.37
C PRO D 163 -35.55 24.04 0.62
N GLY D 164 -36.79 23.57 0.46
CA GLY D 164 -37.81 23.85 1.46
C GLY D 164 -37.61 23.04 2.72
N LEU D 165 -37.87 23.67 3.86
CA LEU D 165 -37.65 23.08 5.17
C LEU D 165 -38.84 22.21 5.56
N ASN D 166 -38.86 20.98 5.03
CA ASN D 166 -39.95 20.04 5.28
C ASN D 166 -39.76 19.33 6.61
N ALA D 167 -39.75 20.13 7.69
CA ALA D 167 -39.67 19.64 9.06
C ALA D 167 -38.56 18.60 9.23
N ASN D 168 -37.33 19.04 8.95
CA ASN D 168 -36.17 18.16 8.97
C ASN D 168 -35.04 18.85 9.70
N GLU D 169 -34.56 18.22 10.79
CA GLU D 169 -33.45 18.80 11.54
C GLU D 169 -32.14 18.64 10.79
N ASN D 170 -31.95 17.51 10.10
CA ASN D 170 -30.72 17.24 9.37
C ASN D 170 -30.79 17.66 7.90
N ASP D 171 -31.89 18.29 7.47
CA ASP D 171 -31.91 18.93 6.16
C ASP D 171 -30.77 19.94 6.03
N THR D 172 -30.45 20.63 7.13
CA THR D 172 -29.44 21.68 7.15
C THR D 172 -28.07 21.18 6.73
N LEU D 173 -27.53 20.22 7.47
CA LEU D 173 -26.19 19.69 7.14
C LEU D 173 -26.17 19.06 5.76
N THR D 174 -27.28 18.43 5.35
CA THR D 174 -27.34 17.89 3.99
C THR D 174 -27.20 19.01 2.96
N THR D 175 -27.92 20.12 3.16
CA THR D 175 -27.79 21.28 2.27
C THR D 175 -26.38 21.82 2.27
N LEU D 176 -25.77 21.96 3.45
CA LEU D 176 -24.40 22.43 3.54
C LEU D 176 -23.45 21.52 2.76
N ASP D 177 -23.62 20.21 2.91
CA ASP D 177 -22.83 19.25 2.16
C ASP D 177 -23.01 19.43 0.66
N GLU D 178 -24.26 19.67 0.22
CA GLU D 178 -24.51 19.90 -1.20
C GLU D 178 -23.77 21.13 -1.71
N LEU D 179 -23.97 22.27 -1.05
CA LEU D 179 -23.56 23.56 -1.59
C LEU D 179 -22.98 24.40 -0.46
N LYS D 180 -21.92 25.14 -0.75
CA LYS D 180 -21.10 25.75 0.29
C LYS D 180 -20.70 27.16 -0.15
N ASN D 181 -20.04 27.87 0.77
CA ASN D 181 -19.58 29.24 0.56
C ASN D 181 -20.72 30.23 0.40
N ILE D 182 -21.58 30.30 1.43
CA ILE D 182 -22.73 31.20 1.46
C ILE D 182 -22.44 32.31 2.45
N HIS D 183 -22.39 33.55 1.96
CA HIS D 183 -22.03 34.68 2.81
C HIS D 183 -23.21 35.16 3.66
N GLY D 184 -24.44 34.99 3.19
CA GLY D 184 -25.58 35.30 4.02
C GLY D 184 -26.86 34.72 3.45
N ALA D 185 -27.99 35.13 4.02
CA ALA D 185 -29.24 34.51 3.61
C ALA D 185 -30.44 35.43 3.86
N ILE D 186 -31.53 35.08 3.18
CA ILE D 186 -32.83 35.69 3.34
C ILE D 186 -33.73 34.57 3.84
N TRP D 187 -34.02 34.57 5.13
CA TRP D 187 -34.90 33.58 5.74
C TRP D 187 -36.35 34.00 5.54
N LEU D 188 -37.09 33.29 4.69
CA LEU D 188 -38.47 33.61 4.41
C LEU D 188 -39.38 32.74 5.27
N SER D 189 -40.30 33.38 5.99
CA SER D 189 -41.24 32.70 6.85
C SER D 189 -42.60 33.36 6.71
N LEU D 190 -43.66 32.59 6.93
CA LEU D 190 -44.99 33.18 7.03
C LEU D 190 -45.24 33.67 8.44
N ILE D 191 -46.39 34.32 8.62
CA ILE D 191 -46.78 34.92 9.90
C ILE D 191 -46.60 33.94 11.07
N ASP D 192 -46.87 32.65 10.82
CA ASP D 192 -46.70 31.63 11.86
C ASP D 192 -45.30 31.67 12.46
N ASN D 193 -45.25 31.81 13.79
CA ASN D 193 -44.02 31.89 14.56
C ASN D 193 -43.98 30.86 15.68
N ALA D 194 -44.21 29.59 15.36
CA ALA D 194 -44.21 28.58 16.40
C ALA D 194 -42.80 28.39 16.98
N GLY D 195 -42.74 27.77 18.16
CA GLY D 195 -41.45 27.47 18.77
C GLY D 195 -40.59 26.54 17.92
N LYS D 196 -41.23 25.61 17.23
CA LYS D 196 -40.50 24.70 16.34
C LYS D 196 -39.72 25.48 15.30
N LYS D 197 -40.33 26.51 14.70
CA LYS D 197 -39.63 27.31 13.71
C LYS D 197 -38.48 28.11 14.34
N SER D 198 -38.67 28.58 15.57
CA SER D 198 -37.59 29.26 16.27
C SER D 198 -36.40 28.32 16.43
N GLU D 199 -36.64 27.08 16.87
CA GLU D 199 -35.57 26.10 16.99
C GLU D 199 -34.93 25.81 15.63
N GLU D 200 -35.77 25.64 14.60
CA GLU D 200 -35.28 25.23 13.29
C GLU D 200 -34.43 26.31 12.63
N ASP D 201 -34.78 27.59 12.83
CA ASP D 201 -33.93 28.65 12.32
C ASP D 201 -32.52 28.55 12.88
N ALA D 202 -32.42 28.33 14.20
CA ALA D 202 -31.11 28.20 14.84
C ALA D 202 -30.35 26.98 14.32
N ILE D 203 -31.00 25.82 14.28
CA ILE D 203 -30.31 24.61 13.84
C ILE D 203 -29.89 24.74 12.38
N LYS D 204 -30.69 25.45 11.58
CA LYS D 204 -30.35 25.67 10.18
C LYS D 204 -29.09 26.51 10.03
N ALA D 205 -29.11 27.74 10.55
CA ALA D 205 -28.03 28.64 10.20
C ALA D 205 -27.54 29.45 11.39
N ASN D 206 -27.28 28.80 12.53
CA ASN D 206 -26.71 29.52 13.66
C ASN D 206 -25.50 30.38 13.24
N LEU D 207 -24.43 29.75 12.75
CA LEU D 207 -23.29 30.50 12.25
C LEU D 207 -22.79 29.95 10.91
N GLU D 208 -22.97 28.65 10.72
CA GLU D 208 -22.55 28.02 9.47
C GLU D 208 -23.17 28.69 8.25
N LEU D 209 -24.48 28.92 8.26
CA LEU D 209 -25.15 29.21 7.00
C LEU D 209 -25.61 30.64 6.81
N LEU D 210 -26.07 31.35 7.85
CA LEU D 210 -26.49 32.73 7.64
C LEU D 210 -25.74 33.74 8.51
N GLY D 211 -24.75 33.30 9.27
CA GLY D 211 -24.05 34.07 10.30
C GLY D 211 -23.73 35.55 10.12
N GLU D 212 -24.23 36.34 11.08
CA GLU D 212 -23.98 37.76 11.26
C GLU D 212 -24.58 38.72 10.26
N ASN D 213 -24.94 38.26 9.07
CA ASN D 213 -25.56 39.17 8.10
C ASN D 213 -26.56 38.39 7.25
N SER D 214 -27.83 38.59 7.55
CA SER D 214 -28.94 37.90 6.89
C SER D 214 -30.21 38.56 7.38
N ILE D 215 -31.25 38.49 6.57
CA ILE D 215 -32.52 39.13 6.91
C ILE D 215 -33.53 38.03 7.24
N CYS D 216 -34.37 38.30 8.24
CA CYS D 216 -35.61 37.56 8.42
C CYS D 216 -36.74 38.31 7.74
N VAL D 217 -37.53 37.59 6.95
CA VAL D 217 -38.64 38.17 6.22
C VAL D 217 -39.89 37.39 6.60
N LEU D 218 -40.75 38.02 7.39
CA LEU D 218 -42.09 37.52 7.62
C LEU D 218 -42.92 37.82 6.38
N ASN D 219 -43.70 36.86 5.91
CA ASN D 219 -44.41 37.17 4.68
C ASN D 219 -45.77 37.78 5.00
N GLN D 220 -46.39 38.36 3.96
CA GLN D 220 -47.84 38.59 3.88
C GLN D 220 -48.43 39.28 5.13
N LYS D 221 -47.83 40.42 5.50
CA LYS D 221 -48.43 41.24 6.54
C LYS D 221 -49.87 41.61 6.19
N ASP D 222 -50.14 41.86 4.90
CA ASP D 222 -51.45 42.33 4.46
C ASP D 222 -52.56 41.33 4.74
N LYS D 223 -52.23 40.04 4.87
CA LYS D 223 -53.25 39.01 5.07
C LYS D 223 -53.82 38.99 6.48
N LEU D 224 -53.09 39.53 7.46
CA LEU D 224 -53.52 39.45 8.85
C LEU D 224 -54.44 40.62 9.21
N GLU D 228 -51.52 45.72 10.51
CA GLU D 228 -52.54 45.69 11.56
C GLU D 228 -51.91 45.83 12.94
N LEU D 229 -52.75 46.02 13.96
CA LEU D 229 -52.24 45.99 15.33
C LEU D 229 -51.72 44.60 15.70
N ASP D 230 -52.43 43.55 15.28
CA ASP D 230 -51.97 42.19 15.55
C ASP D 230 -50.60 41.95 14.92
N ASN D 231 -50.45 42.32 13.64
CA ASN D 231 -49.17 42.16 12.95
C ASN D 231 -48.08 42.97 13.63
N VAL D 232 -48.41 44.17 14.10
CA VAL D 232 -47.43 45.00 14.81
C VAL D 232 -46.94 44.28 16.07
N LEU D 233 -47.88 43.76 16.86
CA LEU D 233 -47.51 43.04 18.07
C LEU D 233 -46.66 41.82 17.75
N ASN D 234 -47.01 41.07 16.70
CA ASN D 234 -46.22 39.89 16.37
C ASN D 234 -44.81 40.27 15.93
N TYR D 235 -44.66 41.34 15.14
CA TYR D 235 -43.30 41.74 14.76
C TYR D 235 -42.52 42.18 15.99
N ALA D 236 -43.18 42.87 16.93
CA ALA D 236 -42.50 43.22 18.18
C ALA D 236 -42.03 41.98 18.92
N LYS D 237 -42.89 40.95 18.99
CA LYS D 237 -42.52 39.69 19.62
C LYS D 237 -41.30 39.08 18.93
N SER D 238 -41.31 39.02 17.60
CA SER D 238 -40.17 38.46 16.86
C SER D 238 -38.90 39.25 17.12
N VAL D 239 -39.00 40.58 17.13
CA VAL D 239 -37.85 41.43 17.44
C VAL D 239 -37.28 41.05 18.81
N PHE D 240 -38.17 40.92 19.80
CA PHE D 240 -37.70 40.59 21.14
C PHE D 240 -37.04 39.22 21.16
N LEU D 241 -37.58 38.26 20.41
CA LEU D 241 -37.01 36.91 20.38
C LEU D 241 -35.68 36.87 19.60
N LYS D 242 -35.70 37.29 18.34
CA LYS D 242 -34.64 36.92 17.38
C LYS D 242 -33.78 38.11 16.97
N TYR D 243 -32.77 38.41 17.78
CA TYR D 243 -31.59 39.10 17.25
C TYR D 243 -30.63 38.13 16.57
N PHE D 244 -31.06 36.87 16.42
CA PHE D 244 -30.38 35.89 15.59
C PHE D 244 -29.98 36.47 14.24
N ASN D 245 -30.98 36.88 13.46
CA ASN D 245 -30.78 37.49 12.16
C ASN D 245 -30.32 38.94 12.32
N GLU D 246 -29.79 39.49 11.24
CA GLU D 246 -29.32 40.84 11.31
C GLU D 246 -30.23 41.79 10.59
N LEU D 247 -30.11 43.06 10.96
CA LEU D 247 -30.90 44.14 10.40
C LEU D 247 -32.41 43.90 10.39
N ILE D 248 -32.90 43.36 11.50
CA ILE D 248 -34.30 43.10 11.76
C ILE D 248 -35.16 42.16 10.90
N ALA D 249 -36.25 41.83 11.55
CA ALA D 249 -37.42 41.11 11.05
C ALA D 249 -38.22 42.07 10.19
N ILE D 250 -38.50 41.69 8.94
CA ILE D 250 -39.27 42.54 8.02
C ILE D 250 -40.47 41.76 7.51
N SER D 251 -41.34 42.41 6.74
CA SER D 251 -42.50 41.69 6.23
C SER D 251 -43.07 42.29 4.95
N CYS D 252 -43.39 41.42 3.98
CA CYS D 252 -44.57 41.53 3.11
C CYS D 252 -44.62 40.56 1.94
N LYS D 253 -45.69 40.68 1.15
CA LYS D 253 -45.79 40.13 -0.21
C LYS D 253 -46.61 41.12 -1.03
N GLU D 254 -47.24 40.64 -2.10
CA GLU D 254 -48.38 41.27 -2.75
C GLU D 254 -48.03 42.36 -3.78
N ALA D 255 -46.76 42.73 -3.97
CA ALA D 255 -46.51 43.72 -5.01
C ALA D 255 -47.02 43.20 -6.35
N LYS D 256 -46.32 42.24 -6.95
CA LYS D 256 -46.86 41.27 -7.90
C LYS D 256 -47.99 41.78 -8.80
N ASP D 257 -47.71 42.78 -9.64
CA ASP D 257 -48.67 43.42 -10.58
C ASP D 257 -49.60 44.42 -9.91
N GLU D 258 -49.39 44.78 -8.65
CA GLU D 258 -50.09 45.92 -8.06
C GLU D 258 -49.45 47.24 -8.46
N GLN D 259 -50.29 48.18 -8.90
CA GLN D 259 -49.83 49.54 -9.21
C GLN D 259 -49.03 50.13 -8.06
N SER D 260 -49.50 49.94 -6.83
CA SER D 260 -48.77 50.38 -5.64
C SER D 260 -47.30 49.97 -5.68
N TYR D 261 -47.04 48.67 -5.90
CA TYR D 261 -45.74 48.02 -5.70
C TYR D 261 -45.24 48.14 -4.28
N GLU D 262 -46.03 48.63 -3.34
CA GLU D 262 -45.45 49.19 -2.12
C GLU D 262 -46.48 49.11 -0.99
N LYS D 263 -46.07 49.64 0.17
CA LYS D 263 -46.44 49.10 1.46
C LYS D 263 -46.34 47.58 1.40
N SER D 264 -45.33 47.12 0.67
CA SER D 264 -44.86 45.75 0.71
C SER D 264 -43.46 45.67 1.30
N ASN D 265 -42.94 46.79 1.81
CA ASN D 265 -41.61 46.84 2.42
C ASN D 265 -40.58 46.23 1.49
N PHE D 266 -40.95 46.04 0.22
CA PHE D 266 -40.10 45.30 -0.70
C PHE D 266 -38.86 46.12 -1.05
N GLN D 267 -39.03 47.43 -1.21
CA GLN D 267 -37.87 48.28 -1.38
C GLN D 267 -37.01 48.34 -0.14
N SER D 268 -37.54 48.00 1.04
CA SER D 268 -36.69 47.89 2.22
C SER D 268 -35.76 46.68 2.10
N LEU D 269 -36.31 45.52 1.72
CA LEU D 269 -35.49 44.34 1.51
C LEU D 269 -34.47 44.57 0.41
N LEU D 270 -34.92 45.06 -0.74
CA LEU D 270 -34.02 45.37 -1.85
C LEU D 270 -32.94 46.38 -1.42
N ASP D 271 -33.34 47.40 -0.67
CA ASP D 271 -32.38 48.41 -0.20
C ASP D 271 -31.33 47.77 0.71
N PHE D 272 -31.74 46.86 1.59
CA PHE D 272 -30.76 46.17 2.43
C PHE D 272 -29.79 45.39 1.57
N LEU D 273 -30.30 44.55 0.67
CA LEU D 273 -29.43 43.76 -0.21
C LEU D 273 -28.46 44.67 -0.98
N THR D 274 -28.91 45.87 -1.34
CA THR D 274 -27.99 46.85 -1.94
C THR D 274 -26.93 47.30 -0.94
N GLN D 275 -27.36 47.71 0.26
CA GLN D 275 -26.49 48.32 1.26
C GLN D 275 -25.48 47.35 1.85
N LEU D 276 -25.63 46.04 1.62
CA LEU D 276 -24.68 45.05 2.10
C LEU D 276 -23.25 45.41 1.70
N ASP D 277 -22.33 45.30 2.66
CA ASP D 277 -20.91 45.50 2.42
C ASP D 277 -20.33 44.14 2.02
N THR D 278 -20.37 43.87 0.73
CA THR D 278 -20.01 42.55 0.22
C THR D 278 -18.57 42.19 0.59
N THR D 279 -17.66 43.15 0.51
CA THR D 279 -16.26 42.90 0.84
C THR D 279 -16.12 42.37 2.26
N VAL D 280 -16.75 43.05 3.23
CA VAL D 280 -16.68 42.62 4.62
C VAL D 280 -17.24 41.22 4.78
N LEU D 281 -18.37 40.94 4.13
CA LEU D 281 -18.95 39.59 4.20
C LEU D 281 -17.96 38.54 3.72
N LYS D 282 -17.37 38.76 2.55
CA LYS D 282 -16.39 37.82 2.00
C LYS D 282 -15.23 37.63 2.97
N GLU D 283 -14.70 38.74 3.50
CA GLU D 283 -13.58 38.67 4.43
C GLU D 283 -13.92 37.81 5.64
N LYS D 284 -15.03 38.13 6.30
CA LYS D 284 -15.42 37.41 7.49
C LYS D 284 -15.63 35.93 7.21
N PHE D 285 -16.28 35.61 6.09
CA PHE D 285 -16.49 34.22 5.72
C PHE D 285 -15.17 33.48 5.56
N VAL D 286 -14.22 34.08 4.84
CA VAL D 286 -12.93 33.43 4.62
C VAL D 286 -12.21 33.24 5.95
N LYS D 287 -12.24 34.25 6.82
CA LYS D 287 -11.64 34.11 8.14
C LYS D 287 -12.25 32.93 8.89
N ARG D 288 -13.57 32.84 8.91
CA ARG D 288 -14.26 31.75 9.61
C ARG D 288 -13.82 30.40 9.08
N LYS D 289 -13.82 30.24 7.76
CA LYS D 289 -13.47 28.95 7.18
C LYS D 289 -12.02 28.57 7.46
N ILE D 290 -11.11 29.54 7.38
CA ILE D 290 -9.70 29.25 7.67
C ILE D 290 -9.53 28.84 9.12
N LEU D 291 -10.25 29.51 10.04
CA LEU D 291 -10.17 29.11 11.44
C LEU D 291 -10.70 27.71 11.64
N ASN D 292 -11.79 27.36 10.96
CA ASN D 292 -12.31 26.00 11.03
C ASN D 292 -11.27 24.98 10.56
N LEU D 293 -10.61 25.29 9.45
CA LEU D 293 -9.56 24.40 8.93
C LEU D 293 -8.44 24.23 9.96
N CYS D 294 -8.02 25.34 10.57
CA CYS D 294 -6.99 25.29 11.60
C CYS D 294 -7.42 24.40 12.76
N GLU D 295 -8.66 24.53 13.20
CA GLU D 295 -9.18 23.69 14.27
C GLU D 295 -9.12 22.22 13.91
N ILE D 296 -9.55 21.87 12.69
CA ILE D 296 -9.52 20.47 12.27
C ILE D 296 -8.09 19.94 12.28
N LEU D 297 -7.15 20.69 11.67
CA LEU D 297 -5.77 20.26 11.62
C LEU D 297 -5.19 20.08 13.02
N GLU D 298 -5.49 21.01 13.92
CA GLU D 298 -5.03 20.90 15.30
C GLU D 298 -5.58 19.65 15.97
N ASP D 299 -6.87 19.34 15.71
CA ASP D 299 -7.45 18.11 16.22
C ASP D 299 -6.63 16.90 15.79
N GLU D 300 -6.33 16.81 14.49
CA GLU D 300 -5.52 15.70 13.98
C GLU D 300 -4.16 15.63 14.67
N ASN D 301 -3.48 16.77 14.75
CA ASN D 301 -2.16 16.82 15.37
C ASN D 301 -2.21 16.34 16.82
N GLN D 302 -3.20 16.81 17.59
CA GLN D 302 -3.32 16.41 18.98
C GLN D 302 -3.65 14.93 19.12
N LEU D 303 -4.44 14.37 18.19
CA LEU D 303 -4.66 12.93 18.19
C LEU D 303 -3.34 12.18 18.06
N PHE D 304 -2.50 12.58 17.11
CA PHE D 304 -1.20 11.92 16.94
C PHE D 304 -0.37 12.06 18.22
N VAL D 305 -0.33 13.28 18.77
CA VAL D 305 0.40 13.54 20.00
C VAL D 305 -0.07 12.61 21.11
N GLY D 306 -1.39 12.46 21.25
CA GLY D 306 -1.94 11.59 22.27
C GLY D 306 -1.53 10.14 22.09
N ILE D 307 -1.49 9.67 20.84
CA ILE D 307 -0.99 8.31 20.57
C ILE D 307 0.41 8.13 21.14
N PHE D 308 1.32 9.04 20.77
CA PHE D 308 2.70 8.91 21.27
C PHE D 308 2.76 9.04 22.79
N ASP D 309 1.95 9.95 23.36
CA ASP D 309 1.89 10.09 24.81
C ASP D 309 1.44 8.79 25.47
N ARG D 310 0.44 8.11 24.89
CA ARG D 310 0.00 6.83 25.42
C ARG D 310 1.14 5.83 25.44
N LEU D 311 1.90 5.75 24.34
CA LEU D 311 3.05 4.86 24.32
C LEU D 311 4.05 5.19 25.43
N LEU D 312 4.36 6.48 25.59
CA LEU D 312 5.28 6.91 26.64
C LEU D 312 4.76 6.51 28.03
N ASN D 313 3.47 6.73 28.27
CA ASN D 313 2.88 6.39 29.56
C ASN D 313 2.94 4.89 29.80
N GLN D 314 2.74 4.08 28.76
CA GLN D 314 2.88 2.64 28.90
C GLN D 314 4.29 2.27 29.32
N PHE D 315 5.30 2.89 28.68
CA PHE D 315 6.69 2.64 29.06
C PHE D 315 6.93 2.98 30.53
N GLN D 316 6.45 4.16 30.95
CA GLN D 316 6.62 4.57 32.35
C GLN D 316 5.93 3.60 33.31
N SER D 317 4.73 3.14 32.95
CA SER D 317 4.03 2.16 33.77
C SER D 317 4.82 0.86 33.91
N TYR D 318 5.39 0.37 32.80
CA TYR D 318 6.22 -0.82 32.86
C TYR D 318 7.42 -0.60 33.78
N GLU D 319 8.07 0.55 33.66
CA GLU D 319 9.19 0.87 34.55
C GLU D 319 8.77 0.83 36.02
N LYS D 320 7.65 1.48 36.35
CA LYS D 320 7.18 1.51 37.72
C LYS D 320 6.84 0.12 38.23
N HIS D 321 6.19 -0.71 37.40
CA HIS D 321 5.89 -2.08 37.80
C HIS D 321 7.16 -2.87 38.08
N LEU D 322 8.18 -2.72 37.21
CA LEU D 322 9.45 -3.38 37.45
C LEU D 322 10.04 -2.95 38.79
N LEU D 323 10.05 -1.64 39.05
CA LEU D 323 10.58 -1.14 40.31
C LEU D 323 9.82 -1.72 41.51
N LEU D 324 8.49 -1.78 41.42
CA LEU D 324 7.69 -2.36 42.49
C LEU D 324 8.06 -3.82 42.72
N ALA D 325 8.00 -4.63 41.67
CA ALA D 325 8.18 -6.07 41.84
C ALA D 325 9.60 -6.44 42.23
N TYR D 326 10.58 -5.61 41.85
CA TYR D 326 11.97 -5.94 42.12
C TYR D 326 12.32 -5.96 43.60
N GLU D 327 11.58 -5.27 44.46
CA GLU D 327 11.81 -5.40 45.90
C GLU D 327 11.69 -6.87 46.33
N ASN D 328 10.51 -7.45 46.12
CA ASN D 328 10.28 -8.84 46.49
C ASN D 328 11.16 -9.78 45.67
N PHE D 329 11.35 -9.47 44.39
CA PHE D 329 12.17 -10.32 43.53
C PHE D 329 13.60 -10.41 44.05
N LEU D 330 14.20 -9.26 44.37
CA LEU D 330 15.56 -9.21 44.90
C LEU D 330 15.65 -9.92 46.25
N LYS D 331 14.66 -9.71 47.12
CA LYS D 331 14.67 -10.42 48.40
C LYS D 331 14.64 -11.93 48.19
N GLU D 332 13.78 -12.40 47.27
CA GLU D 332 13.74 -13.82 46.97
C GLU D 332 15.08 -14.33 46.47
N ILE D 333 15.74 -13.55 45.61
CA ILE D 333 17.03 -13.96 45.07
C ILE D 333 18.08 -14.06 46.18
N GLU D 334 18.11 -13.09 47.09
CA GLU D 334 19.01 -13.17 48.24
C GLU D 334 18.73 -14.41 49.08
N ILE D 335 17.44 -14.66 49.36
CA ILE D 335 17.04 -15.85 50.10
C ILE D 335 17.57 -17.10 49.41
N LEU D 336 17.44 -17.15 48.07
CA LEU D 336 17.93 -18.28 47.30
C LEU D 336 19.45 -18.44 47.43
N ASN D 337 20.18 -17.33 47.39
CA ASN D 337 21.62 -17.36 47.65
C ASN D 337 21.92 -18.11 48.94
N HIS D 338 21.33 -17.63 50.04
CA HIS D 338 21.57 -18.25 51.34
C HIS D 338 21.12 -19.71 51.36
N GLN D 339 19.99 -20.00 50.71
CA GLN D 339 19.48 -21.36 50.64
C GLN D 339 20.48 -22.29 49.97
N ILE D 340 21.03 -21.87 48.83
CA ILE D 340 22.02 -22.68 48.12
C ILE D 340 23.23 -22.91 49.00
N LEU D 341 23.72 -21.85 49.65
CA LEU D 341 24.89 -22.00 50.51
C LEU D 341 24.65 -23.04 51.61
N GLU D 342 23.52 -22.93 52.31
CA GLU D 342 23.28 -23.86 53.41
C GLU D 342 22.96 -25.27 52.90
N GLN D 343 22.40 -25.41 51.69
CA GLN D 343 22.29 -26.75 51.11
C GLN D 343 23.66 -27.36 50.88
N LEU D 344 24.60 -26.56 50.35
CA LEU D 344 25.97 -27.01 50.20
C LEU D 344 26.54 -27.46 51.54
N LYS D 345 26.35 -26.64 52.57
CA LYS D 345 26.90 -26.94 53.88
C LYS D 345 26.27 -28.21 54.48
N SER D 346 24.98 -28.42 54.24
CA SER D 346 24.34 -29.66 54.69
C SER D 346 24.93 -30.87 53.99
N ILE D 347 25.15 -30.78 52.68
CA ILE D 347 25.78 -31.88 51.93
C ILE D 347 27.16 -32.18 52.51
N SER D 348 27.95 -31.13 52.75
CA SER D 348 29.29 -31.34 53.30
C SER D 348 29.25 -31.91 54.71
N GLU D 349 28.26 -31.51 55.51
CA GLU D 349 28.10 -32.08 56.85
C GLU D 349 27.80 -33.57 56.76
N ARG D 350 26.88 -33.96 55.87
CA ARG D 350 26.58 -35.37 55.68
C ARG D 350 27.83 -36.15 55.27
N ILE D 351 28.58 -35.60 54.30
CA ILE D 351 29.76 -36.31 53.81
C ILE D 351 30.82 -36.41 54.91
N SER D 352 30.96 -35.37 55.73
CA SER D 352 31.94 -35.44 56.81
C SER D 352 31.52 -36.45 57.88
N SER D 353 30.22 -36.52 58.17
CA SER D 353 29.73 -37.53 59.10
C SER D 353 30.05 -38.92 58.60
N GLU D 354 29.81 -39.18 57.31
CA GLU D 354 30.06 -40.51 56.80
C GLU D 354 31.55 -40.80 56.58
N ILE D 355 32.37 -39.77 56.42
CA ILE D 355 33.82 -39.98 56.47
C ILE D 355 34.22 -40.44 57.85
N PHE D 356 33.69 -39.78 58.88
CA PHE D 356 33.96 -40.18 60.26
C PHE D 356 33.49 -41.61 60.51
N ALA D 357 32.31 -41.96 60.01
CA ALA D 357 31.75 -43.29 60.26
C ALA D 357 32.73 -44.38 59.82
N SER D 358 33.39 -44.19 58.69
CA SER D 358 34.36 -45.17 58.19
C SER D 358 35.77 -44.80 58.63
N VAL D 359 35.93 -44.65 59.94
CA VAL D 359 37.25 -44.61 60.56
C VAL D 359 37.28 -45.78 61.52
N LYS D 360 37.64 -46.94 61.00
CA LYS D 360 37.63 -48.19 61.74
C LYS D 360 38.89 -48.30 62.61
N GLU D 361 38.92 -49.34 63.42
CA GLU D 361 40.07 -49.61 64.29
C GLU D 361 40.36 -51.11 64.24
N LYS D 362 41.60 -51.47 63.93
CA LYS D 362 41.92 -52.86 63.64
C LYS D 362 43.38 -53.10 64.02
N ASP D 363 43.90 -54.31 63.73
CA ASP D 363 44.53 -55.10 64.78
C ASP D 363 45.57 -54.31 65.57
N ALA D 364 46.86 -54.46 65.28
CA ALA D 364 47.87 -53.50 64.86
C ALA D 364 49.22 -54.04 65.34
N TYR D 365 50.32 -53.90 64.58
CA TYR D 365 51.60 -54.50 64.97
C TYR D 365 52.72 -53.47 64.92
N PHE D 366 53.39 -53.24 66.06
CA PHE D 366 54.56 -52.37 66.10
C PHE D 366 55.66 -53.16 66.80
N TYR D 367 56.78 -53.39 66.13
CA TYR D 367 57.79 -54.25 66.74
C TYR D 367 59.19 -54.03 66.20
N LYS D 368 60.11 -53.71 67.12
CA LYS D 368 61.50 -53.34 66.85
C LYS D 368 62.41 -53.85 67.95
N GLU D 369 63.50 -54.50 67.54
CA GLU D 369 64.74 -54.60 68.32
C GLU D 369 64.58 -54.90 69.81
N SER D 370 64.22 -56.15 70.14
CA SER D 370 64.15 -56.67 71.50
C SER D 370 65.27 -56.20 72.40
N LYS D 371 66.45 -55.96 71.81
CA LYS D 371 67.65 -55.55 72.54
C LYS D 371 68.04 -56.60 73.57
N GLY D 372 68.19 -57.83 73.08
CA GLY D 372 68.23 -59.06 73.84
C GLY D 372 69.59 -59.73 73.71
N PHE D 373 69.70 -60.68 72.79
CA PHE D 373 70.87 -61.54 72.68
C PHE D 373 71.92 -60.83 71.83
N LEU D 374 73.17 -61.27 71.97
CA LEU D 374 74.26 -60.62 71.25
C LEU D 374 74.27 -61.08 69.80
N LYS D 375 73.60 -62.20 69.54
CA LYS D 375 73.23 -62.59 68.18
C LYS D 375 71.93 -61.90 67.78
N LYS D 376 71.82 -61.60 66.49
CA LYS D 376 70.79 -60.73 65.95
C LYS D 376 69.52 -61.53 65.58
N ASP D 377 68.56 -60.83 64.98
CA ASP D 377 67.27 -61.37 64.54
C ASP D 377 66.36 -61.68 65.73
N LEU D 378 66.36 -60.73 66.67
CA LEU D 378 65.57 -60.73 67.91
C LEU D 378 64.13 -60.18 67.80
N TYR D 379 63.93 -58.88 67.61
CA TYR D 379 62.64 -58.30 67.15
C TYR D 379 61.40 -58.75 67.96
N THR D 380 61.28 -58.22 69.18
CA THR D 380 60.09 -58.41 70.02
C THR D 380 58.91 -57.59 69.52
N ARG D 381 57.71 -58.20 69.53
CA ARG D 381 56.51 -57.54 69.05
C ARG D 381 55.73 -56.82 70.16
N TYR D 382 55.11 -55.70 69.80
CA TYR D 382 54.19 -54.96 70.63
C TYR D 382 52.89 -54.79 69.86
N ASP D 383 51.79 -54.63 70.60
CA ASP D 383 50.46 -54.55 70.05
C ASP D 383 49.91 -53.13 70.18
N TYR D 384 49.29 -52.67 69.10
CA TYR D 384 48.75 -51.34 68.92
C TYR D 384 47.24 -51.44 68.75
N LYS D 385 46.55 -50.34 69.02
CA LYS D 385 45.17 -50.16 68.58
C LYS D 385 45.19 -49.05 67.52
N ALA D 386 45.06 -49.44 66.25
CA ALA D 386 45.44 -48.49 65.22
C ALA D 386 44.24 -47.96 64.46
N PRO D 387 44.29 -46.68 64.07
CA PRO D 387 43.22 -46.10 63.25
C PRO D 387 43.24 -46.69 61.85
N TYR D 388 42.14 -47.34 61.47
CA TYR D 388 41.98 -47.99 60.18
C TYR D 388 40.91 -47.24 59.41
N ILE D 389 41.18 -46.94 58.14
CA ILE D 389 40.28 -46.16 57.30
C ILE D 389 40.30 -46.71 55.88
N SER D 390 39.14 -47.14 55.38
CA SER D 390 39.11 -48.01 54.21
C SER D 390 39.22 -47.23 52.91
N SER D 391 38.51 -46.10 52.80
CA SER D 391 38.62 -45.16 51.69
C SER D 391 38.04 -45.68 50.37
N ASP D 392 37.83 -46.99 50.27
CA ASP D 392 37.21 -47.61 49.11
C ASP D 392 35.90 -48.28 49.50
N ASP D 393 35.96 -49.18 50.47
CA ASP D 393 34.75 -49.71 51.08
C ASP D 393 33.90 -48.57 51.65
N ALA D 394 34.56 -47.54 52.18
CA ALA D 394 33.86 -46.38 52.73
C ALA D 394 33.02 -45.69 51.66
N PHE D 395 33.63 -45.37 50.52
CA PHE D 395 32.89 -44.69 49.45
C PHE D 395 31.77 -45.58 48.91
N LEU D 396 32.07 -46.87 48.71
CA LEU D 396 31.04 -47.79 48.23
C LEU D 396 29.87 -47.84 49.19
N ALA D 397 30.13 -47.91 50.50
CA ALA D 397 29.05 -47.88 51.48
C ALA D 397 28.26 -46.58 51.41
N MET D 398 28.96 -45.44 51.28
CA MET D 398 28.27 -44.15 51.26
C MET D 398 27.32 -44.03 50.08
N PHE D 399 27.80 -44.31 48.86
CA PHE D 399 26.99 -44.03 47.69
C PHE D 399 26.57 -45.26 46.89
N TYR D 400 27.36 -46.33 46.88
CA TYR D 400 27.02 -47.47 46.04
C TYR D 400 26.16 -48.50 46.76
N ASN D 401 26.41 -48.72 48.06
CA ASN D 401 25.59 -49.65 48.83
C ASN D 401 24.24 -49.03 49.20
N SER D 402 24.28 -47.93 49.95
CA SER D 402 23.08 -47.23 50.39
C SER D 402 22.93 -45.95 49.58
N ASP D 403 21.73 -45.71 49.06
CA ASP D 403 21.48 -44.60 48.15
C ASP D 403 20.65 -43.48 48.80
N VAL D 404 20.76 -43.32 50.11
CA VAL D 404 20.06 -42.23 50.79
C VAL D 404 20.75 -40.90 50.52
N MET D 405 22.06 -40.84 50.78
CA MET D 405 22.86 -39.67 50.49
C MET D 405 22.64 -39.18 49.06
N SER D 406 22.81 -40.10 48.11
CA SER D 406 22.68 -39.77 46.68
C SER D 406 21.33 -39.15 46.38
N LYS D 407 20.25 -39.82 46.82
CA LYS D 407 18.91 -39.32 46.51
C LYS D 407 18.64 -37.96 47.15
N GLU D 408 19.09 -37.77 48.40
CA GLU D 408 18.94 -36.46 49.03
C GLU D 408 19.65 -35.37 48.23
N PHE D 409 20.89 -35.64 47.82
CA PHE D 409 21.64 -34.65 47.06
C PHE D 409 20.99 -34.35 45.71
N LYS D 410 20.49 -35.39 45.05
CA LYS D 410 19.78 -35.19 43.78
C LYS D 410 18.52 -34.36 43.97
N LYS D 411 17.78 -34.61 45.04
CA LYS D 411 16.62 -33.76 45.33
C LYS D 411 17.04 -32.31 45.52
N ILE D 412 18.13 -32.08 46.26
CA ILE D 412 18.64 -30.72 46.45
C ILE D 412 18.94 -30.08 45.10
N LYS D 413 19.65 -30.81 44.24
CA LYS D 413 20.00 -30.30 42.92
C LYS D 413 18.76 -29.94 42.11
N ASN D 414 17.75 -30.81 42.13
CA ASN D 414 16.52 -30.53 41.39
C ASN D 414 15.81 -29.30 41.95
N GLU D 415 15.80 -29.15 43.28
CA GLU D 415 15.21 -27.96 43.88
C GLU D 415 15.90 -26.70 43.36
N LEU D 416 17.24 -26.67 43.39
CA LEU D 416 17.96 -25.50 42.92
C LEU D 416 17.72 -25.24 41.44
N TYR D 417 17.67 -26.31 40.63
CA TYR D 417 17.36 -26.15 39.22
C TYR D 417 16.00 -25.50 39.01
N LYS D 418 15.00 -25.98 39.77
CA LYS D 418 13.67 -25.39 39.69
C LYS D 418 13.68 -23.92 40.09
N SER D 419 14.46 -23.58 41.12
CA SER D 419 14.57 -22.18 41.54
C SER D 419 15.17 -21.32 40.44
N PHE D 420 16.24 -21.79 39.80
CA PHE D 420 16.83 -21.06 38.68
C PHE D 420 15.81 -20.85 37.58
N GLU D 421 15.08 -21.92 37.23
CA GLU D 421 14.03 -21.80 36.23
C GLU D 421 13.00 -20.76 36.63
N GLU D 422 12.65 -20.71 37.92
CA GLU D 422 11.70 -19.73 38.42
C GLU D 422 12.19 -18.30 38.20
N ILE D 423 13.46 -18.04 38.52
CA ILE D 423 14.01 -16.70 38.29
C ILE D 423 13.94 -16.34 36.81
N LYS D 424 14.39 -17.27 35.95
CA LYS D 424 14.33 -17.05 34.52
C LYS D 424 12.90 -16.74 34.07
N MET D 425 11.94 -17.49 34.60
CA MET D 425 10.53 -17.30 34.25
C MET D 425 10.04 -15.92 34.66
N LYS D 426 10.44 -15.44 35.84
CA LYS D 426 10.05 -14.10 36.25
C LYS D 426 10.56 -13.04 35.27
N LEU D 427 11.84 -13.14 34.89
CA LEU D 427 12.36 -12.18 33.89
C LEU D 427 11.58 -12.27 32.59
N LYS D 428 11.35 -13.50 32.11
CA LYS D 428 10.58 -13.72 30.90
C LYS D 428 9.19 -13.10 31.00
N ASP D 429 8.54 -13.24 32.16
CA ASP D 429 7.21 -12.66 32.36
C ASP D 429 7.24 -11.14 32.27
N PHE D 430 8.27 -10.52 32.84
CA PHE D 430 8.43 -9.07 32.68
C PHE D 430 8.45 -8.70 31.20
N ILE D 431 9.31 -9.39 30.45
CA ILE D 431 9.43 -9.11 29.02
C ILE D 431 8.09 -9.33 28.32
N ASN D 432 7.37 -10.38 28.67
CA ASN D 432 6.07 -10.67 28.06
C ASN D 432 5.06 -9.56 28.34
N ILE D 433 5.02 -9.05 29.58
CA ILE D 433 4.17 -7.92 29.90
C ILE D 433 4.42 -6.78 28.92
N LEU D 434 5.67 -6.31 28.90
CA LEU D 434 6.01 -5.19 28.01
C LEU D 434 5.66 -5.52 26.56
N GLU D 435 5.97 -6.74 26.12
CA GLU D 435 5.71 -7.16 24.75
C GLU D 435 4.23 -7.09 24.41
N ARG D 436 3.37 -7.63 25.26
CA ARG D 436 1.95 -7.62 24.98
C ARG D 436 1.44 -6.20 24.83
N GLU D 437 1.86 -5.30 25.73
CA GLU D 437 1.42 -3.92 25.60
C GLU D 437 1.89 -3.31 24.28
N ILE D 438 3.17 -3.52 23.95
CA ILE D 438 3.74 -2.92 22.75
C ILE D 438 3.05 -3.46 21.50
N LEU D 439 2.78 -4.77 21.47
CA LEU D 439 2.16 -5.37 20.30
C LEU D 439 0.72 -4.92 20.14
N LEU D 440 0.00 -4.73 21.25
CA LEU D 440 -1.34 -4.16 21.14
C LEU D 440 -1.28 -2.75 20.57
N PHE D 441 -0.30 -1.96 21.01
CA PHE D 441 -0.12 -0.62 20.42
C PHE D 441 0.09 -0.73 18.91
N LYS D 442 0.98 -1.64 18.49
CA LYS D 442 1.22 -1.84 17.07
C LYS D 442 -0.06 -2.21 16.34
N ALA D 443 -0.82 -3.16 16.90
CA ALA D 443 -2.05 -3.62 16.27
C ALA D 443 -3.03 -2.47 16.07
N GLU D 444 -3.19 -1.62 17.08
CA GLU D 444 -4.14 -0.51 16.92
C GLU D 444 -3.66 0.50 15.89
N PHE D 445 -2.40 0.93 15.98
CA PHE D 445 -1.99 2.12 15.25
C PHE D 445 -1.25 1.81 13.95
N SER D 446 -1.08 0.53 13.61
CA SER D 446 -0.70 0.20 12.24
C SER D 446 -1.85 0.39 11.25
N ASN D 447 -3.08 0.58 11.75
CA ASN D 447 -4.25 0.66 10.88
C ASN D 447 -5.12 1.90 11.12
N ILE D 448 -4.68 2.85 11.94
CA ILE D 448 -5.51 4.03 12.20
C ILE D 448 -5.71 4.82 10.91
N GLN D 449 -6.96 5.11 10.59
CA GLN D 449 -7.33 5.78 9.35
C GLN D 449 -7.96 7.14 9.66
N LYS D 450 -7.75 8.09 8.75
CA LYS D 450 -8.25 9.45 8.95
C LYS D 450 -9.77 9.52 8.85
N ASP D 451 -10.33 10.47 9.59
CA ASP D 451 -11.77 10.70 9.71
C ASP D 451 -12.32 11.64 8.65
N HIS D 452 -11.71 12.83 8.55
CA HIS D 452 -12.32 13.97 7.89
C HIS D 452 -11.48 14.43 6.71
N ILE D 453 -12.14 15.16 5.80
CA ILE D 453 -11.62 15.45 4.47
C ILE D 453 -10.25 16.12 4.53
N PHE D 454 -10.08 17.03 5.47
CA PHE D 454 -8.92 17.90 5.53
C PHE D 454 -7.76 17.33 6.34
N GLN D 455 -7.88 16.09 6.81
CA GLN D 455 -6.79 15.46 7.52
C GLN D 455 -5.77 14.90 6.53
N SER D 456 -4.50 14.97 6.91
CA SER D 456 -3.36 14.58 6.09
C SER D 456 -3.27 13.07 5.93
N ASP D 457 -3.75 12.55 4.79
CA ASP D 457 -3.63 11.12 4.52
C ASP D 457 -2.20 10.63 4.65
N LYS D 458 -1.23 11.42 4.15
CA LYS D 458 0.17 11.01 4.27
C LYS D 458 0.59 10.89 5.73
N ASN D 459 0.13 11.82 6.57
CA ASN D 459 0.43 11.76 8.00
C ASN D 459 0.01 10.41 8.58
N PHE D 460 -1.24 10.03 8.32
CA PHE D 460 -1.76 8.78 8.84
C PHE D 460 -1.00 7.59 8.28
N SER D 461 -0.69 7.61 6.98
CA SER D 461 0.10 6.53 6.37
C SER D 461 1.43 6.36 7.08
N GLU D 462 2.14 7.47 7.30
CA GLU D 462 3.42 7.41 7.99
C GLU D 462 3.26 6.87 9.41
N LEU D 463 2.21 7.31 10.11
CA LEU D 463 1.93 6.76 11.44
C LEU D 463 1.74 5.25 11.39
N ARG D 464 0.96 4.78 10.41
CA ARG D 464 0.71 3.35 10.27
C ARG D 464 2.02 2.59 10.09
N ALA D 465 2.88 3.08 9.19
CA ALA D 465 4.17 2.43 8.97
C ALA D 465 5.02 2.42 10.24
N PHE D 466 5.04 3.55 10.95
CA PHE D 466 5.86 3.68 12.16
C PHE D 466 5.43 2.68 13.21
N CYS D 467 4.14 2.71 13.56
CA CYS D 467 3.62 1.78 14.55
C CYS D 467 3.75 0.34 14.10
N ASN D 468 3.71 0.09 12.78
CA ASN D 468 3.94 -1.26 12.28
C ASN D 468 5.36 -1.72 12.62
N ALA D 469 6.35 -0.86 12.38
CA ALA D 469 7.73 -1.17 12.75
C ALA D 469 8.00 -1.05 14.25
N SER D 470 6.97 -0.75 15.05
CA SER D 470 7.21 -0.52 16.47
C SER D 470 7.72 -1.76 17.22
N ASP D 471 7.61 -2.98 16.65
CA ASP D 471 8.31 -4.12 17.24
C ASP D 471 9.81 -3.87 17.27
N GLU D 472 10.40 -3.76 16.08
CA GLU D 472 11.78 -3.32 15.93
C GLU D 472 12.09 -2.15 16.86
N TYR D 473 11.24 -1.12 16.82
CA TYR D 473 11.54 0.11 17.55
C TYR D 473 11.61 -0.09 19.06
N PHE D 474 10.73 -0.92 19.63
CA PHE D 474 10.51 -0.88 21.07
C PHE D 474 10.69 -2.20 21.81
N LEU D 475 10.86 -3.32 21.11
CA LEU D 475 10.72 -4.61 21.78
C LEU D 475 11.98 -5.47 21.72
N LYS D 476 12.69 -5.46 20.60
CA LYS D 476 13.73 -6.47 20.37
C LYS D 476 14.94 -6.30 21.29
N ASP D 477 15.29 -5.05 21.64
CA ASP D 477 16.38 -4.81 22.58
C ASP D 477 16.11 -5.47 23.93
N PHE D 478 14.88 -5.30 24.43
CA PHE D 478 14.49 -5.92 25.70
C PHE D 478 14.64 -7.44 25.63
N LYS D 479 14.18 -8.05 24.54
CA LYS D 479 14.34 -9.50 24.37
C LYS D 479 15.80 -9.90 24.37
N GLU D 480 16.65 -9.14 23.66
CA GLU D 480 18.07 -9.45 23.64
C GLU D 480 18.65 -9.42 25.06
N LEU D 481 18.31 -8.38 25.82
CA LEU D 481 18.74 -8.27 27.21
C LEU D 481 18.29 -9.48 28.03
N LEU D 482 17.02 -9.87 27.86
CA LEU D 482 16.49 -11.04 28.55
C LEU D 482 17.29 -12.29 28.22
N PHE D 483 17.56 -12.52 26.93
CA PHE D 483 18.33 -13.68 26.51
C PHE D 483 19.72 -13.68 27.13
N LYS D 484 20.39 -12.53 27.14
CA LYS D 484 21.70 -12.44 27.78
C LYS D 484 21.61 -12.83 29.25
N SER D 485 20.62 -12.29 29.95
CA SER D 485 20.43 -12.63 31.37
C SER D 485 20.21 -14.13 31.55
N ILE D 486 19.37 -14.73 30.70
CA ILE D 486 19.10 -16.17 30.78
C ILE D 486 20.39 -16.96 30.59
N LEU D 487 21.20 -16.56 29.59
CA LEU D 487 22.48 -17.20 29.37
C LEU D 487 23.35 -17.16 30.62
N GLU D 488 23.49 -15.98 31.22
CA GLU D 488 24.30 -15.84 32.43
C GLU D 488 23.79 -16.74 33.54
N LEU D 489 22.47 -16.75 33.77
CA LEU D 489 21.88 -17.60 34.80
C LEU D 489 22.20 -19.07 34.55
N ASP D 490 22.00 -19.53 33.31
CA ASP D 490 22.27 -20.93 32.99
C ASP D 490 23.73 -21.29 33.22
N LEU D 491 24.65 -20.40 32.81
CA LEU D 491 26.06 -20.66 33.02
C LEU D 491 26.39 -20.76 34.51
N PHE D 492 25.83 -19.86 35.31
CA PHE D 492 26.06 -19.91 36.77
C PHE D 492 25.54 -21.22 37.36
N PHE D 493 24.35 -21.63 36.97
CA PHE D 493 23.81 -22.89 37.48
C PHE D 493 24.67 -24.07 37.06
N GLU D 494 25.17 -24.07 35.82
CA GLU D 494 26.06 -25.14 35.39
C GLU D 494 27.33 -25.17 36.20
N LYS D 495 27.91 -24.00 36.50
CA LYS D 495 29.09 -23.96 37.36
C LYS D 495 28.79 -24.59 38.72
N LEU D 496 27.68 -24.17 39.34
CA LEU D 496 27.29 -24.73 40.64
C LEU D 496 27.10 -26.23 40.56
N ASN D 497 26.43 -26.70 39.50
CA ASN D 497 26.20 -28.13 39.33
C ASN D 497 27.50 -28.91 39.21
N LEU D 498 28.38 -28.47 38.30
CA LEU D 498 29.54 -29.28 37.95
C LEU D 498 30.66 -29.18 38.97
N LYS D 499 30.71 -28.11 39.76
CA LYS D 499 31.71 -28.06 40.82
C LYS D 499 31.20 -28.59 42.15
N ALA D 500 29.88 -28.53 42.41
CA ALA D 500 29.37 -28.92 43.72
C ALA D 500 28.40 -30.10 43.69
N PHE D 501 27.27 -29.98 43.01
CA PHE D 501 26.18 -30.95 43.15
C PHE D 501 26.29 -32.16 42.25
N THR D 502 27.41 -32.31 41.55
CA THR D 502 27.76 -33.56 40.89
C THR D 502 29.09 -34.11 41.38
N ASN D 503 30.03 -33.25 41.79
CA ASN D 503 31.33 -33.65 42.28
C ASN D 503 31.34 -33.89 43.78
N TYR D 504 30.21 -34.29 44.37
CA TYR D 504 30.21 -34.69 45.77
C TYR D 504 30.88 -36.05 45.93
N GLU D 505 30.68 -36.95 44.97
CA GLU D 505 31.39 -38.22 44.99
C GLU D 505 32.90 -38.01 44.95
N ASN D 506 33.36 -37.16 44.02
CA ASN D 506 34.79 -36.88 43.91
C ASN D 506 35.31 -36.19 45.17
N ALA D 507 34.55 -35.25 45.72
CA ALA D 507 34.93 -34.59 46.97
C ALA D 507 35.09 -35.61 48.08
N THR D 508 34.13 -36.54 48.18
CA THR D 508 34.21 -37.61 49.17
C THR D 508 35.49 -38.42 48.99
N LYS D 509 35.75 -38.86 47.75
CA LYS D 509 36.93 -39.68 47.51
C LYS D 509 38.21 -38.93 47.86
N LEU D 510 38.28 -37.65 47.50
CA LEU D 510 39.50 -36.88 47.73
C LEU D 510 39.75 -36.67 49.22
N SER D 511 38.75 -36.16 49.94
CA SER D 511 38.93 -35.93 51.37
C SER D 511 39.14 -37.23 52.13
N LEU D 512 38.43 -38.29 51.72
CA LEU D 512 38.57 -39.60 52.35
C LEU D 512 39.99 -40.14 52.20
N ALA D 513 40.52 -40.13 50.96
CA ALA D 513 41.89 -40.60 50.75
C ALA D 513 42.90 -39.73 51.48
N PHE D 514 42.66 -38.40 51.51
CA PHE D 514 43.57 -37.52 52.25
C PHE D 514 43.62 -37.88 53.72
N PHE D 515 42.46 -38.06 54.35
CA PHE D 515 42.44 -38.42 55.76
C PHE D 515 43.06 -39.79 55.99
N SER D 516 42.82 -40.73 55.08
CA SER D 516 43.46 -42.04 55.18
C SER D 516 44.99 -41.91 55.18
N ARG D 517 45.52 -41.15 54.23
CA ARG D 517 46.97 -40.96 54.16
C ARG D 517 47.51 -40.25 55.39
N LYS D 518 46.78 -39.25 55.91
CA LYS D 518 47.19 -38.60 57.15
C LYS D 518 47.20 -39.58 58.32
N ILE D 519 46.18 -40.43 58.41
CA ILE D 519 46.12 -41.44 59.47
C ILE D 519 47.33 -42.35 59.40
N ASN D 520 47.66 -42.83 58.20
CA ASN D 520 48.82 -43.71 58.06
C ASN D 520 50.14 -42.98 58.36
N GLU D 521 50.23 -41.70 57.98
CA GLU D 521 51.38 -40.89 58.36
C GLU D 521 51.52 -40.79 59.87
N SER D 522 50.41 -40.57 60.57
CA SER D 522 50.43 -40.59 62.02
C SER D 522 50.90 -41.95 62.53
N ARG D 523 50.41 -43.02 61.90
CA ARG D 523 50.76 -44.38 62.32
C ARG D 523 52.26 -44.62 62.25
N VAL D 524 52.88 -44.26 61.11
CA VAL D 524 54.29 -44.62 60.92
C VAL D 524 55.22 -43.86 61.87
N LEU D 525 54.70 -42.87 62.60
CA LEU D 525 55.39 -42.36 63.79
C LEU D 525 55.17 -43.34 64.94
N TYR D 526 55.94 -44.41 64.91
CA TYR D 526 56.06 -45.42 65.96
C TYR D 526 56.94 -44.85 67.06
N GLU D 527 57.67 -45.75 67.75
CA GLU D 527 58.72 -45.41 68.71
C GLU D 527 58.18 -45.10 70.10
N LEU D 528 57.04 -45.69 70.45
CA LEU D 528 56.32 -45.39 71.69
C LEU D 528 56.20 -43.88 71.92
N ASP D 529 55.77 -43.19 70.86
CA ASP D 529 55.69 -41.75 70.81
C ASP D 529 54.83 -41.17 71.94
N TYR D 537 42.50 -38.77 66.04
CA TYR D 537 43.36 -38.65 64.88
C TYR D 537 42.61 -37.85 63.80
N PRO D 538 41.42 -38.30 63.32
CA PRO D 538 40.56 -37.37 62.60
C PRO D 538 39.47 -36.78 63.51
N LYS D 539 39.39 -35.45 63.60
CA LYS D 539 38.25 -34.82 64.25
C LYS D 539 37.22 -34.42 63.21
N LYS D 540 35.96 -34.35 63.63
CA LYS D 540 34.88 -34.12 62.67
C LYS D 540 34.95 -32.72 62.08
N SER D 541 35.32 -31.71 62.88
CA SER D 541 35.40 -30.35 62.36
C SER D 541 36.37 -30.27 61.19
N GLU D 542 37.54 -30.90 61.34
CA GLU D 542 38.51 -30.93 60.24
C GLU D 542 37.93 -31.59 58.99
N ILE D 543 37.24 -32.72 59.16
CA ILE D 543 36.63 -33.41 58.03
C ILE D 543 35.61 -32.51 57.34
N TYR D 544 34.77 -31.83 58.13
CA TYR D 544 33.77 -30.93 57.56
C TYR D 544 34.43 -29.83 56.76
N GLU D 545 35.48 -29.21 57.31
CA GLU D 545 36.18 -28.16 56.59
C GLU D 545 36.79 -28.68 55.29
N ARG D 546 37.36 -29.89 55.32
CA ARG D 546 37.98 -30.45 54.11
C ARG D 546 36.94 -30.72 53.04
N VAL D 547 35.81 -31.33 53.41
CA VAL D 547 34.75 -31.59 52.45
C VAL D 547 34.17 -30.29 51.93
N LEU D 548 34.06 -29.27 52.80
CA LEU D 548 33.59 -27.96 52.37
C LEU D 548 34.50 -27.38 51.30
N ASN D 549 35.81 -27.42 51.53
CA ASN D 549 36.75 -26.93 50.54
C ASN D 549 36.68 -27.72 49.25
N GLU D 550 36.54 -29.05 49.33
CA GLU D 550 36.40 -29.86 48.12
C GLU D 550 35.18 -29.46 47.31
N LEU D 551 34.05 -29.21 47.99
CA LEU D 551 32.84 -28.77 47.28
C LEU D 551 32.91 -27.31 46.82
N ASN D 552 34.05 -26.62 46.94
CA ASN D 552 34.23 -25.27 46.42
C ASN D 552 33.32 -24.26 47.12
N VAL D 553 33.11 -24.46 48.42
CA VAL D 553 32.13 -23.64 49.14
C VAL D 553 32.68 -22.28 49.54
N TYR D 554 34.00 -22.07 49.50
CA TYR D 554 34.52 -20.71 49.57
C TYR D 554 34.16 -19.92 48.32
N GLU D 555 34.40 -20.53 47.16
CA GLU D 555 34.08 -19.88 45.89
C GLU D 555 32.59 -19.55 45.81
N PHE D 556 31.74 -20.53 46.14
CA PHE D 556 30.31 -20.31 46.04
C PHE D 556 29.78 -19.45 47.17
N GLU D 557 30.42 -19.43 48.35
CA GLU D 557 30.04 -18.44 49.35
C GLU D 557 30.33 -17.02 48.84
N THR D 558 31.50 -16.84 48.20
CA THR D 558 31.82 -15.54 47.62
C THR D 558 30.80 -15.16 46.56
N LEU D 559 30.42 -16.11 45.71
CA LEU D 559 29.50 -15.81 44.61
C LEU D 559 28.05 -15.68 45.07
N LEU D 560 27.70 -16.22 46.23
CA LEU D 560 26.33 -16.15 46.74
C LEU D 560 26.10 -15.07 47.79
N ILE D 561 27.13 -14.64 48.51
CA ILE D 561 26.92 -13.68 49.60
C ILE D 561 27.75 -12.42 49.39
N ASN D 562 29.07 -12.57 49.30
CA ASN D 562 29.93 -11.41 49.11
C ASN D 562 29.61 -10.70 47.80
N LYS D 563 29.64 -11.44 46.69
CA LYS D 563 29.41 -10.91 45.35
C LYS D 563 28.26 -11.67 44.73
N PRO D 564 27.03 -11.41 45.17
CA PRO D 564 25.89 -12.25 44.75
C PRO D 564 25.66 -12.20 43.25
N ILE D 565 25.72 -13.36 42.61
CA ILE D 565 25.68 -13.43 41.17
C ILE D 565 24.26 -13.23 40.66
N LEU D 566 23.31 -13.96 41.25
CA LEU D 566 21.91 -13.82 40.87
C LEU D 566 21.42 -12.38 41.08
N THR D 567 21.75 -11.80 42.23
CA THR D 567 21.36 -10.42 42.51
C THR D 567 21.95 -9.47 41.48
N LYS D 568 23.22 -9.64 41.14
CA LYS D 568 23.85 -8.80 40.12
C LYS D 568 23.14 -8.96 38.77
N ILE D 569 22.76 -10.19 38.42
CA ILE D 569 22.03 -10.42 37.18
C ILE D 569 20.75 -9.61 37.16
N ALA D 570 19.96 -9.71 38.23
CA ALA D 570 18.70 -8.99 38.32
C ALA D 570 18.92 -7.48 38.25
N LYS D 571 19.92 -6.99 38.98
CA LYS D 571 20.24 -5.57 38.97
C LYS D 571 20.64 -5.09 37.58
N ASN D 572 21.43 -5.89 36.86
CA ASN D 572 21.79 -5.55 35.49
C ASN D 572 20.55 -5.48 34.60
N PHE D 573 19.66 -6.47 34.73
CA PHE D 573 18.44 -6.44 33.93
C PHE D 573 17.65 -5.17 34.19
N LEU D 574 17.46 -4.82 35.47
CA LEU D 574 16.66 -3.65 35.80
C LEU D 574 17.30 -2.38 35.25
N GLU D 575 18.60 -2.21 35.48
CA GLU D 575 19.26 -0.97 35.04
C GLU D 575 19.24 -0.85 33.53
N GLN D 576 19.54 -1.95 32.81
CA GLN D 576 19.57 -1.88 31.37
C GLN D 576 18.18 -1.66 30.78
N SER D 577 17.15 -2.27 31.38
CA SER D 577 15.79 -2.02 30.90
C SER D 577 15.38 -0.58 31.14
N GLN D 578 15.76 0.01 32.28
CA GLN D 578 15.49 1.42 32.50
C GLN D 578 16.19 2.30 31.48
N ASN D 579 17.45 2.00 31.18
CA ASN D 579 18.17 2.74 30.14
C ASN D 579 17.47 2.62 28.79
N LEU D 580 17.02 1.40 28.44
CA LEU D 580 16.28 1.19 27.21
C LEU D 580 15.01 2.04 27.17
N ILE D 581 14.27 2.06 28.28
CA ILE D 581 13.06 2.87 28.37
C ILE D 581 13.38 4.33 28.13
N GLN D 582 14.47 4.83 28.74
CA GLN D 582 14.88 6.21 28.53
C GLN D 582 15.17 6.48 27.06
N GLU D 583 15.91 5.58 26.41
CA GLU D 583 16.21 5.72 24.99
C GLU D 583 14.94 5.79 24.16
N LYS D 584 13.99 4.88 24.43
CA LYS D 584 12.72 4.89 23.72
C LYS D 584 11.97 6.20 23.94
N ASN D 585 12.02 6.73 25.18
CA ASN D 585 11.39 8.00 25.48
C ASN D 585 11.95 9.12 24.61
N LYS D 586 13.28 9.20 24.53
CA LYS D 586 13.91 10.20 23.65
C LYS D 586 13.46 10.01 22.20
N PHE D 587 13.48 8.75 21.73
CA PHE D 587 13.09 8.43 20.37
C PHE D 587 11.69 8.96 20.06
N LEU D 588 10.74 8.72 20.97
CA LEU D 588 9.38 9.21 20.79
C LEU D 588 9.30 10.74 20.93
N ASP D 589 10.13 11.34 21.78
CA ASP D 589 10.17 12.79 21.86
C ASP D 589 10.55 13.40 20.52
N LEU D 590 11.32 12.67 19.71
CA LEU D 590 11.57 13.14 18.35
C LEU D 590 10.25 13.32 17.59
N LYS D 591 9.39 12.30 17.63
CA LYS D 591 8.10 12.37 16.95
C LYS D 591 7.25 13.51 17.52
N LYS D 592 7.27 13.68 18.84
CA LYS D 592 6.46 14.74 19.44
C LYS D 592 6.95 16.12 19.03
N ALA D 593 8.27 16.33 18.93
CA ALA D 593 8.77 17.60 18.40
C ALA D 593 8.35 17.80 16.95
N GLU D 594 8.40 16.73 16.16
CA GLU D 594 7.92 16.79 14.78
C GLU D 594 6.48 17.28 14.72
N LEU D 595 5.60 16.68 15.53
CA LEU D 595 4.21 17.11 15.60
C LEU D 595 4.10 18.57 16.07
N GLN D 596 4.94 18.96 17.03
CA GLN D 596 4.93 20.33 17.54
C GLN D 596 5.19 21.32 16.42
N LYS D 597 6.10 20.99 15.51
CA LYS D 597 6.29 21.80 14.31
C LYS D 597 4.97 22.13 13.61
N ARG D 598 4.23 21.09 13.21
CA ARG D 598 2.94 21.30 12.54
C ARG D 598 2.02 22.16 13.39
N ARG D 599 1.90 21.82 14.68
CA ARG D 599 1.01 22.53 15.59
C ARG D 599 1.35 24.01 15.65
N ALA D 600 2.64 24.32 15.78
CA ALA D 600 3.07 25.72 15.83
C ALA D 600 2.71 26.44 14.54
N GLN D 601 2.90 25.78 13.38
CA GLN D 601 2.50 26.39 12.12
C GLN D 601 1.02 26.73 12.11
N ILE D 602 0.19 25.76 12.52
CA ILE D 602 -1.25 25.94 12.55
C ILE D 602 -1.63 27.11 13.46
N LEU D 603 -1.02 27.16 14.65
CA LEU D 603 -1.31 28.24 15.58
C LEU D 603 -0.87 29.59 15.04
N ASN D 604 0.25 29.62 14.31
CA ASN D 604 0.66 30.86 13.65
C ASN D 604 -0.41 31.34 12.70
N VAL D 605 -0.94 30.43 11.88
CA VAL D 605 -2.02 30.79 10.95
C VAL D 605 -3.23 31.29 11.73
N ARG D 606 -3.56 30.61 12.83
CA ARG D 606 -4.73 30.98 13.63
C ARG D 606 -4.60 32.38 14.18
N GLU D 607 -3.47 32.68 14.81
CA GLU D 607 -3.25 34.01 15.37
C GLU D 607 -3.18 35.08 14.30
N SER D 608 -2.64 34.75 13.11
CA SER D 608 -2.66 35.70 12.01
C SER D 608 -4.09 36.03 11.60
N ILE D 609 -4.95 35.01 11.51
CA ILE D 609 -6.34 35.25 11.12
C ILE D 609 -7.07 36.05 12.19
N LYS D 610 -6.79 35.76 13.47
CA LYS D 610 -7.53 36.35 14.57
C LYS D 610 -7.09 37.76 14.90
N GLU D 611 -5.98 38.23 14.35
CA GLU D 611 -5.49 39.58 14.59
C GLU D 611 -5.34 40.37 13.29
N ASP D 612 -6.18 40.07 12.29
CA ASP D 612 -6.17 40.80 11.03
C ASP D 612 -7.19 41.94 10.99
N HIS D 613 -8.45 41.63 11.27
CA HIS D 613 -9.51 42.63 11.29
C HIS D 613 -9.44 43.47 12.55
N HIS D 614 -9.79 44.75 12.40
CA HIS D 614 -9.79 45.71 13.51
C HIS D 614 -10.83 46.80 13.25
#